data_9BHN
# 
_entry.id   9BHN 
# 
_audit_conform.dict_name       mmcif_pdbx.dic 
_audit_conform.dict_version    5.398 
_audit_conform.dict_location   http://mmcif.pdb.org/dictionaries/ascii/mmcif_pdbx.dic 
# 
loop_
_database_2.database_id 
_database_2.database_code 
_database_2.pdbx_database_accession 
_database_2.pdbx_DOI 
PDB   9BHN         pdb_00009bhn 10.2210/pdb9bhn/pdb 
WWPDB D_1000283398 ?            ?                   
BMRB  31170        ?            10.13018/BMR31170   
# 
loop_
_pdbx_audit_revision_history.ordinal 
_pdbx_audit_revision_history.data_content_type 
_pdbx_audit_revision_history.major_revision 
_pdbx_audit_revision_history.minor_revision 
_pdbx_audit_revision_history.revision_date 
1 'Structure model' 1 0 2024-08-21 
2 'Structure model' 1 1 2024-09-25 
3 'Structure model' 1 2 2024-11-06 
# 
_pdbx_audit_revision_details.ordinal             1 
_pdbx_audit_revision_details.revision_ordinal    1 
_pdbx_audit_revision_details.data_content_type   'Structure model' 
_pdbx_audit_revision_details.provider            repository 
_pdbx_audit_revision_details.type                'Initial release' 
_pdbx_audit_revision_details.description         ? 
_pdbx_audit_revision_details.details             ? 
# 
loop_
_pdbx_audit_revision_group.ordinal 
_pdbx_audit_revision_group.revision_ordinal 
_pdbx_audit_revision_group.data_content_type 
_pdbx_audit_revision_group.group 
1 2 'Structure model' 'Database references' 
2 3 'Structure model' 'Structure summary'   
# 
loop_
_pdbx_audit_revision_category.ordinal 
_pdbx_audit_revision_category.revision_ordinal 
_pdbx_audit_revision_category.data_content_type 
_pdbx_audit_revision_category.category 
1 2 'Structure model' citation                  
2 2 'Structure model' citation_author           
3 3 'Structure model' pdbx_entry_details        
4 3 'Structure model' pdbx_modification_feature 
# 
loop_
_pdbx_audit_revision_item.ordinal 
_pdbx_audit_revision_item.revision_ordinal 
_pdbx_audit_revision_item.data_content_type 
_pdbx_audit_revision_item.item 
1  2 'Structure model' '_citation.country'                 
2  2 'Structure model' '_citation.journal_abbrev'          
3  2 'Structure model' '_citation.journal_id_ASTM'         
4  2 'Structure model' '_citation.journal_id_CSD'          
5  2 'Structure model' '_citation.journal_id_ISSN'         
6  2 'Structure model' '_citation.journal_volume'          
7  2 'Structure model' '_citation.page_first'              
8  2 'Structure model' '_citation.page_last'               
9  2 'Structure model' '_citation.pdbx_database_id_DOI'    
10 2 'Structure model' '_citation.pdbx_database_id_PubMed' 
11 2 'Structure model' '_citation.title'                   
12 2 'Structure model' '_citation.year'                    
# 
_pdbx_database_status.status_code                     REL 
_pdbx_database_status.status_code_sf                  ? 
_pdbx_database_status.status_code_mr                  . 
_pdbx_database_status.entry_id                        9BHN 
_pdbx_database_status.recvd_initial_deposition_date   2024-04-21 
_pdbx_database_status.SG_entry                        N 
_pdbx_database_status.deposit_site                    RCSB 
_pdbx_database_status.process_site                    RCSB 
_pdbx_database_status.status_code_cs                  . 
_pdbx_database_status.status_code_nmr_data            REL 
_pdbx_database_status.methods_development_category    ? 
_pdbx_database_status.pdb_format_compatible           Y 
# 
_pdbx_database_related.db_name        BMRB 
_pdbx_database_related.details        
;Solution NMR structure of halichondamide A, a fused bicyclic cysteine knot undecapeptide from the marine sponge Halichondria bowerbanki
;
_pdbx_database_related.db_id          31170 
_pdbx_database_related.content_type   unspecified 
# 
_pdbx_contact_author.id                 3 
_pdbx_contact_author.email              vagarwal@gatech.edu 
_pdbx_contact_author.name_first         Vinayak 
_pdbx_contact_author.name_last          Agarwal 
_pdbx_contact_author.name_mi            ? 
_pdbx_contact_author.role               'principal investigator/group leader' 
_pdbx_contact_author.identifier_ORCID   0000-0002-2517-589X 
# 
loop_
_audit_author.name 
_audit_author.pdbx_ordinal 
_audit_author.identifier_ORCID 
'Agarwal, V.'  1 ? 
'McShan, A.C.' 2 ? 
'Zhong, W.'    3 ? 
# 
_citation.abstract                  ? 
_citation.abstract_id_CAS           ? 
_citation.book_id_ISBN              ? 
_citation.book_publisher            ? 
_citation.book_publisher_city       ? 
_citation.book_title                ? 
_citation.coordinate_linkage        ? 
_citation.country                   US 
_citation.database_id_Medline       ? 
_citation.details                   ? 
_citation.id                        primary 
_citation.journal_abbrev            J.Org.Chem. 
_citation.journal_id_ASTM           JOCEAH 
_citation.journal_id_CSD            0035 
_citation.journal_id_ISSN           0022-3263 
_citation.journal_full              ? 
_citation.journal_issue             ? 
_citation.journal_volume            89 
_citation.language                  ? 
_citation.page_first                12748 
_citation.page_last                 12752 
_citation.title                     
'Discovery and Folding Dynamics of a Fused Bicyclic Cysteine Knot Undecapeptide from the Marine Sponge Halichondria bowerbanki.' 
_citation.year                      2024 
_citation.database_id_CSD           ? 
_citation.pdbx_database_id_DOI      10.1021/acs.joc.4c01104 
_citation.pdbx_database_id_PubMed   39189383 
_citation.pdbx_database_id_patent   ? 
_citation.unpublished_flag          ? 
# 
loop_
_citation_author.citation_id 
_citation_author.name 
_citation_author.ordinal 
_citation_author.identifier_ORCID 
primary 'Zhong, W.'         1  ?                   
primary 'Olugbami, J.O.'    2  ?                   
primary 'Rathakrishnan, P.' 3  ?                   
primary 'Mohanty, I.'       4  ?                   
primary 'Moore, S.G.'       5  ?                   
primary 'Garg, N.'          6  0000-0002-2760-7123 
primary 'Oyelere, A.K.'     7  ?                   
primary 'Turner, T.L.'      8  ?                   
primary 'McShan, A.C.'      9  ?                   
primary 'Agarwal, V.'       10 0000-0002-2517-589X 
# 
_entity.id                         1 
_entity.type                       polymer 
_entity.src_method                 syn 
_entity.pdbx_description           'Halichondamide A' 
_entity.formula_weight             1326.672 
_entity.pdbx_number_of_molecules   1 
_entity.pdbx_ec                    ? 
_entity.pdbx_mutation              ? 
_entity.pdbx_fragment              ? 
_entity.details                    ? 
# 
_entity_poly.entity_id                      1 
_entity_poly.type                           'polypeptide(L)' 
_entity_poly.nstd_linkage                   no 
_entity_poly.nstd_monomer                   no 
_entity_poly.pdbx_seq_one_letter_code       SCCPWIIWCCL 
_entity_poly.pdbx_seq_one_letter_code_can   SCCPWIIWCCL 
_entity_poly.pdbx_strand_id                 A 
_entity_poly.pdbx_target_identifier         ? 
# 
loop_
_entity_poly_seq.entity_id 
_entity_poly_seq.num 
_entity_poly_seq.mon_id 
_entity_poly_seq.hetero 
1 1  SER n 
1 2  CYS n 
1 3  CYS n 
1 4  PRO n 
1 5  TRP n 
1 6  ILE n 
1 7  ILE n 
1 8  TRP n 
1 9  CYS n 
1 10 CYS n 
1 11 LEU n 
# 
_pdbx_entity_src_syn.entity_id              1 
_pdbx_entity_src_syn.pdbx_src_id            1 
_pdbx_entity_src_syn.pdbx_alt_source_flag   sample 
_pdbx_entity_src_syn.pdbx_beg_seq_num       1 
_pdbx_entity_src_syn.pdbx_end_seq_num       11 
_pdbx_entity_src_syn.organism_scientific    'Halichondria bowerbanki' 
_pdbx_entity_src_syn.organism_common_name   ? 
_pdbx_entity_src_syn.ncbi_taxonomy_id       145470 
_pdbx_entity_src_syn.details                ? 
# 
loop_
_chem_comp.id 
_chem_comp.type 
_chem_comp.mon_nstd_flag 
_chem_comp.name 
_chem_comp.pdbx_synonyms 
_chem_comp.formula 
_chem_comp.formula_weight 
CYS 'L-peptide linking' y CYSTEINE   ? 'C3 H7 N O2 S'  121.158 
ILE 'L-peptide linking' y ISOLEUCINE ? 'C6 H13 N O2'   131.173 
LEU 'L-peptide linking' y LEUCINE    ? 'C6 H13 N O2'   131.173 
PRO 'L-peptide linking' y PROLINE    ? 'C5 H9 N O2'    115.130 
SER 'L-peptide linking' y SERINE     ? 'C3 H7 N O3'    105.093 
TRP 'L-peptide linking' y TRYPTOPHAN ? 'C11 H12 N2 O2' 204.225 
# 
loop_
_pdbx_poly_seq_scheme.asym_id 
_pdbx_poly_seq_scheme.entity_id 
_pdbx_poly_seq_scheme.seq_id 
_pdbx_poly_seq_scheme.mon_id 
_pdbx_poly_seq_scheme.ndb_seq_num 
_pdbx_poly_seq_scheme.pdb_seq_num 
_pdbx_poly_seq_scheme.auth_seq_num 
_pdbx_poly_seq_scheme.pdb_mon_id 
_pdbx_poly_seq_scheme.auth_mon_id 
_pdbx_poly_seq_scheme.pdb_strand_id 
_pdbx_poly_seq_scheme.pdb_ins_code 
_pdbx_poly_seq_scheme.hetero 
A 1 1  SER 1  1  1  SER SER A . n 
A 1 2  CYS 2  2  2  CYS CYS A . n 
A 1 3  CYS 3  3  3  CYS CYS A . n 
A 1 4  PRO 4  4  4  PRO PRO A . n 
A 1 5  TRP 5  5  5  TRP TRP A . n 
A 1 6  ILE 6  6  6  ILE ILE A . n 
A 1 7  ILE 7  7  7  ILE ILE A . n 
A 1 8  TRP 8  8  8  TRP TRP A . n 
A 1 9  CYS 9  9  9  CYS CYS A . n 
A 1 10 CYS 10 10 10 CYS CYS A . n 
A 1 11 LEU 11 11 11 LEU LEU A . n 
# 
_exptl.absorpt_coefficient_mu     ? 
_exptl.absorpt_correction_T_max   ? 
_exptl.absorpt_correction_T_min   ? 
_exptl.absorpt_correction_type    ? 
_exptl.absorpt_process_details    ? 
_exptl.entry_id                   9BHN 
_exptl.crystals_number            ? 
_exptl.details                    ? 
_exptl.method                     'SOLUTION NMR' 
_exptl.method_details             ? 
# 
_struct.entry_id                     9BHN 
_struct.title                        
;Solution NMR structure of halichondamide A, a fused bicyclic cysteine knot undecapeptide from the marine sponge Halichondria bowerbanki
;
_struct.pdbx_model_details           ? 
_struct.pdbx_formula_weight          ? 
_struct.pdbx_formula_weight_method   ? 
_struct.pdbx_model_type_details      ? 
_struct.pdbx_CASP_flag               N 
# 
_struct_keywords.entry_id        9BHN 
_struct_keywords.text            'natural product, marine sponge, cyclic peptide, BIOSYNTHETIC PROTEIN' 
_struct_keywords.pdbx_keywords   'BIOSYNTHETIC PROTEIN' 
# 
_struct_asym.id                            A 
_struct_asym.pdbx_blank_PDB_chainid_flag   N 
_struct_asym.pdbx_modified                 N 
_struct_asym.entity_id                     1 
_struct_asym.details                       ? 
# 
_struct_ref.id                         1 
_struct_ref.db_name                    PDB 
_struct_ref.db_code                    9BHN 
_struct_ref.pdbx_db_accession          9BHN 
_struct_ref.pdbx_db_isoform            ? 
_struct_ref.entity_id                  1 
_struct_ref.pdbx_seq_one_letter_code   ? 
_struct_ref.pdbx_align_begin           1 
# 
_struct_ref_seq.align_id                      1 
_struct_ref_seq.ref_id                        1 
_struct_ref_seq.pdbx_PDB_id_code              9BHN 
_struct_ref_seq.pdbx_strand_id                A 
_struct_ref_seq.seq_align_beg                 1 
_struct_ref_seq.pdbx_seq_align_beg_ins_code   ? 
_struct_ref_seq.seq_align_end                 11 
_struct_ref_seq.pdbx_seq_align_end_ins_code   ? 
_struct_ref_seq.pdbx_db_accession             9BHN 
_struct_ref_seq.db_align_beg                  1 
_struct_ref_seq.pdbx_db_align_beg_ins_code    ? 
_struct_ref_seq.db_align_end                  11 
_struct_ref_seq.pdbx_db_align_end_ins_code    ? 
_struct_ref_seq.pdbx_auth_seq_align_beg       1 
_struct_ref_seq.pdbx_auth_seq_align_end       11 
# 
_pdbx_struct_assembly.id                   1 
_pdbx_struct_assembly.details              author_and_software_defined_assembly 
_pdbx_struct_assembly.method_details       ? 
_pdbx_struct_assembly.oligomeric_details   monomeric 
_pdbx_struct_assembly.oligomeric_count     1 
# 
_pdbx_struct_assembly_gen.assembly_id       1 
_pdbx_struct_assembly_gen.oper_expression   1 
_pdbx_struct_assembly_gen.asym_id_list      A 
# 
_pdbx_struct_assembly_auth_evidence.id                     1 
_pdbx_struct_assembly_auth_evidence.assembly_id            1 
_pdbx_struct_assembly_auth_evidence.experimental_support   'mass spectrometry' 
_pdbx_struct_assembly_auth_evidence.details                'not applicable' 
# 
_pdbx_struct_oper_list.id                   1 
_pdbx_struct_oper_list.type                 'identity operation' 
_pdbx_struct_oper_list.name                 1_555 
_pdbx_struct_oper_list.symmetry_operation   x,y,z 
_pdbx_struct_oper_list.matrix[1][1]         1.0 
_pdbx_struct_oper_list.matrix[1][2]         0.0 
_pdbx_struct_oper_list.matrix[1][3]         0.0 
_pdbx_struct_oper_list.vector[1]            0.0 
_pdbx_struct_oper_list.matrix[2][1]         0.0 
_pdbx_struct_oper_list.matrix[2][2]         1.0 
_pdbx_struct_oper_list.matrix[2][3]         0.0 
_pdbx_struct_oper_list.vector[2]            0.0 
_pdbx_struct_oper_list.matrix[3][1]         0.0 
_pdbx_struct_oper_list.matrix[3][2]         0.0 
_pdbx_struct_oper_list.matrix[3][3]         1.0 
_pdbx_struct_oper_list.vector[3]            0.0 
# 
loop_
_struct_conn.id 
_struct_conn.conn_type_id 
_struct_conn.pdbx_leaving_atom_flag 
_struct_conn.pdbx_PDB_id 
_struct_conn.ptnr1_label_asym_id 
_struct_conn.ptnr1_label_comp_id 
_struct_conn.ptnr1_label_seq_id 
_struct_conn.ptnr1_label_atom_id 
_struct_conn.pdbx_ptnr1_label_alt_id 
_struct_conn.pdbx_ptnr1_PDB_ins_code 
_struct_conn.pdbx_ptnr1_standard_comp_id 
_struct_conn.ptnr1_symmetry 
_struct_conn.ptnr2_label_asym_id 
_struct_conn.ptnr2_label_comp_id 
_struct_conn.ptnr2_label_seq_id 
_struct_conn.ptnr2_label_atom_id 
_struct_conn.pdbx_ptnr2_label_alt_id 
_struct_conn.pdbx_ptnr2_PDB_ins_code 
_struct_conn.ptnr1_auth_asym_id 
_struct_conn.ptnr1_auth_comp_id 
_struct_conn.ptnr1_auth_seq_id 
_struct_conn.ptnr2_auth_asym_id 
_struct_conn.ptnr2_auth_comp_id 
_struct_conn.ptnr2_auth_seq_id 
_struct_conn.ptnr2_symmetry 
_struct_conn.pdbx_ptnr3_label_atom_id 
_struct_conn.pdbx_ptnr3_label_seq_id 
_struct_conn.pdbx_ptnr3_label_comp_id 
_struct_conn.pdbx_ptnr3_label_asym_id 
_struct_conn.pdbx_ptnr3_label_alt_id 
_struct_conn.pdbx_ptnr3_PDB_ins_code 
_struct_conn.details 
_struct_conn.pdbx_dist_value 
_struct_conn.pdbx_value_order 
_struct_conn.pdbx_role 
disulf1 disulf ? ? A CYS 2 SG ? ? ? 1_555 A CYS 9  SG ? ? A CYS 2 A CYS 9  1_555 ? ? ? ? ? ? ? 2.260 ? ? 
disulf2 disulf ? ? A CYS 3 SG ? ? ? 1_555 A CYS 10 SG ? ? A CYS 3 A CYS 10 1_555 ? ? ? ? ? ? ? 2.193 ? ? 
# 
_struct_conn_type.id          disulf 
_struct_conn_type.criteria    ? 
_struct_conn_type.reference   ? 
# 
loop_
_pdbx_modification_feature.ordinal 
_pdbx_modification_feature.label_comp_id 
_pdbx_modification_feature.label_asym_id 
_pdbx_modification_feature.label_seq_id 
_pdbx_modification_feature.label_alt_id 
_pdbx_modification_feature.modified_residue_label_comp_id 
_pdbx_modification_feature.modified_residue_label_asym_id 
_pdbx_modification_feature.modified_residue_label_seq_id 
_pdbx_modification_feature.modified_residue_label_alt_id 
_pdbx_modification_feature.auth_comp_id 
_pdbx_modification_feature.auth_asym_id 
_pdbx_modification_feature.auth_seq_id 
_pdbx_modification_feature.PDB_ins_code 
_pdbx_modification_feature.symmetry 
_pdbx_modification_feature.modified_residue_auth_comp_id 
_pdbx_modification_feature.modified_residue_auth_asym_id 
_pdbx_modification_feature.modified_residue_auth_seq_id 
_pdbx_modification_feature.modified_residue_PDB_ins_code 
_pdbx_modification_feature.modified_residue_symmetry 
_pdbx_modification_feature.comp_id_linking_atom 
_pdbx_modification_feature.modified_residue_id_linking_atom 
_pdbx_modification_feature.modified_residue_id 
_pdbx_modification_feature.ref_pcm_id 
_pdbx_modification_feature.ref_comp_id 
_pdbx_modification_feature.type 
_pdbx_modification_feature.category 
1 CYS A 2 ? CYS A 9  ? CYS A 2 ? 1_555 CYS A 9  ? 1_555 SG SG . . . None 'Disulfide bridge' 
2 CYS A 3 ? CYS A 10 ? CYS A 3 ? 1_555 CYS A 10 ? 1_555 SG SG . . . None 'Disulfide bridge' 
# 
loop_
_struct_mon_prot_cis.pdbx_id 
_struct_mon_prot_cis.label_comp_id 
_struct_mon_prot_cis.label_seq_id 
_struct_mon_prot_cis.label_asym_id 
_struct_mon_prot_cis.label_alt_id 
_struct_mon_prot_cis.pdbx_PDB_ins_code 
_struct_mon_prot_cis.auth_comp_id 
_struct_mon_prot_cis.auth_seq_id 
_struct_mon_prot_cis.auth_asym_id 
_struct_mon_prot_cis.pdbx_label_comp_id_2 
_struct_mon_prot_cis.pdbx_label_seq_id_2 
_struct_mon_prot_cis.pdbx_label_asym_id_2 
_struct_mon_prot_cis.pdbx_PDB_ins_code_2 
_struct_mon_prot_cis.pdbx_auth_comp_id_2 
_struct_mon_prot_cis.pdbx_auth_seq_id_2 
_struct_mon_prot_cis.pdbx_auth_asym_id_2 
_struct_mon_prot_cis.pdbx_PDB_model_num 
_struct_mon_prot_cis.pdbx_omega_angle 
1  CYS 3 A . ? CYS 3 A PRO 4 A ? PRO 4 A 1  -0.01 
2  CYS 3 A . ? CYS 3 A PRO 4 A ? PRO 4 A 2  -0.10 
3  CYS 3 A . ? CYS 3 A PRO 4 A ? PRO 4 A 3  -0.04 
4  CYS 3 A . ? CYS 3 A PRO 4 A ? PRO 4 A 4  -0.01 
5  CYS 3 A . ? CYS 3 A PRO 4 A ? PRO 4 A 5  0.00  
6  CYS 3 A . ? CYS 3 A PRO 4 A ? PRO 4 A 6  -0.09 
7  CYS 3 A . ? CYS 3 A PRO 4 A ? PRO 4 A 7  -0.07 
8  CYS 3 A . ? CYS 3 A PRO 4 A ? PRO 4 A 8  -0.07 
9  CYS 3 A . ? CYS 3 A PRO 4 A ? PRO 4 A 9  -0.08 
10 CYS 3 A . ? CYS 3 A PRO 4 A ? PRO 4 A 10 -0.01 
# 
_pdbx_entry_details.entry_id                   9BHN 
_pdbx_entry_details.compound_details           ? 
_pdbx_entry_details.source_details             ? 
_pdbx_entry_details.nonpolymer_details         ? 
_pdbx_entry_details.sequence_details           ? 
_pdbx_entry_details.has_ligand_of_interest     ? 
_pdbx_entry_details.has_protein_modification   Y 
# 
loop_
_pdbx_validate_torsion.id 
_pdbx_validate_torsion.PDB_model_num 
_pdbx_validate_torsion.auth_comp_id 
_pdbx_validate_torsion.auth_asym_id 
_pdbx_validate_torsion.auth_seq_id 
_pdbx_validate_torsion.PDB_ins_code 
_pdbx_validate_torsion.label_alt_id 
_pdbx_validate_torsion.phi 
_pdbx_validate_torsion.psi 
1  1  CYS A 2  ? ? -66.56  -151.41 
2  1  TRP A 5  ? ? -49.56  87.19   
3  1  ILE A 7  ? ? -39.73  174.84  
4  1  TRP A 8  ? ? -37.74  91.59   
5  1  CYS A 10 ? ? -166.41 55.16   
6  2  CYS A 2  ? ? -66.68  -151.39 
7  2  TRP A 5  ? ? -49.45  87.15   
8  2  ILE A 7  ? ? -39.67  174.80  
9  2  TRP A 8  ? ? -37.76  91.61   
10 2  CYS A 10 ? ? -166.40 55.19   
11 3  CYS A 2  ? ? -66.69  -151.38 
12 3  TRP A 5  ? ? -49.55  87.21   
13 3  ILE A 7  ? ? -39.69  174.79  
14 3  TRP A 8  ? ? -37.72  91.56   
15 3  CYS A 10 ? ? -166.48 55.20   
16 4  CYS A 2  ? ? -66.60  -151.45 
17 4  TRP A 5  ? ? -49.52  87.18   
18 4  ILE A 7  ? ? -39.65  174.73  
19 4  TRP A 8  ? ? -37.70  91.54   
20 4  CYS A 10 ? ? -166.44 55.16   
21 5  CYS A 2  ? ? -66.56  -151.42 
22 5  TRP A 5  ? ? -49.54  87.14   
23 5  ILE A 7  ? ? -39.68  174.85  
24 5  TRP A 8  ? ? -37.76  91.64   
25 5  CYS A 10 ? ? -166.45 55.18   
26 6  CYS A 2  ? ? -66.76  -151.39 
27 6  TRP A 5  ? ? -49.53  87.10   
28 6  ILE A 7  ? ? -39.46  175.30  
29 6  TRP A 8  ? ? -38.60  91.46   
30 6  CYS A 10 ? ? -166.36 55.06   
31 7  CYS A 2  ? ? -66.69  -151.41 
32 7  TRP A 5  ? ? -49.50  87.06   
33 7  ILE A 7  ? ? -39.49  175.28  
34 7  TRP A 8  ? ? -38.56  91.45   
35 7  CYS A 10 ? ? -166.36 55.09   
36 8  CYS A 2  ? ? -66.69  -151.38 
37 8  TRP A 5  ? ? -49.57  87.11   
38 8  ILE A 7  ? ? -39.49  175.26  
39 8  TRP A 8  ? ? -38.55  91.40   
40 8  CYS A 10 ? ? -166.30 55.14   
41 9  CYS A 2  ? ? -66.68  -151.39 
42 9  TRP A 5  ? ? -49.50  87.13   
43 9  ILE A 7  ? ? -39.49  175.26  
44 9  TRP A 8  ? ? -38.51  91.45   
45 9  CYS A 10 ? ? -166.33 55.14   
46 10 CYS A 2  ? ? -66.54  -151.50 
47 10 TRP A 5  ? ? -49.52  87.28   
48 10 ILE A 7  ? ? -39.69  174.77  
49 10 TRP A 8  ? ? -37.73  91.54   
50 10 CYS A 10 ? ? -165.80 54.82   
# 
_pdbx_nmr_ensemble.entry_id                                      9BHN 
_pdbx_nmr_ensemble.conformers_calculated_total_number            200 
_pdbx_nmr_ensemble.conformers_submitted_total_number             10 
_pdbx_nmr_ensemble.conformer_selection_criteria                  'structures with the lowest energy' 
_pdbx_nmr_ensemble.representative_conformer                      ? 
_pdbx_nmr_ensemble.average_constraints_per_residue               ? 
_pdbx_nmr_ensemble.average_constraint_violations_per_residue     ? 
_pdbx_nmr_ensemble.maximum_distance_constraint_violation         ? 
_pdbx_nmr_ensemble.average_distance_constraint_violation         ? 
_pdbx_nmr_ensemble.maximum_upper_distance_constraint_violation   ? 
_pdbx_nmr_ensemble.maximum_lower_distance_constraint_violation   ? 
_pdbx_nmr_ensemble.distance_constraint_violation_method          ? 
_pdbx_nmr_ensemble.maximum_torsion_angle_constraint_violation    ? 
_pdbx_nmr_ensemble.average_torsion_angle_constraint_violation    ? 
_pdbx_nmr_ensemble.torsion_angle_constraint_violation_method     ? 
# 
_pdbx_nmr_representative.entry_id             9BHN 
_pdbx_nmr_representative.conformer_id         1 
_pdbx_nmr_representative.selection_criteria   'lowest energy' 
# 
_pdbx_nmr_sample_details.solution_id      1 
_pdbx_nmr_sample_details.contents         '10 g/L halichondamide A, DMSO' 
_pdbx_nmr_sample_details.solvent_system   DMSO 
_pdbx_nmr_sample_details.label            sample1 
_pdbx_nmr_sample_details.type             solution 
_pdbx_nmr_sample_details.details          ? 
# 
_pdbx_nmr_exptl_sample.solution_id           1 
_pdbx_nmr_exptl_sample.component             'halichondamide A' 
_pdbx_nmr_exptl_sample.concentration         10 
_pdbx_nmr_exptl_sample.concentration_range   ? 
_pdbx_nmr_exptl_sample.concentration_units   g/L 
_pdbx_nmr_exptl_sample.isotopic_labeling     'natural abundance' 
# 
_pdbx_nmr_exptl_sample_conditions.conditions_id          1 
_pdbx_nmr_exptl_sample_conditions.temperature            298.15 
_pdbx_nmr_exptl_sample_conditions.pressure_units         atm 
_pdbx_nmr_exptl_sample_conditions.pressure               1 
_pdbx_nmr_exptl_sample_conditions.pH                     7.4 
_pdbx_nmr_exptl_sample_conditions.ionic_strength         0 
_pdbx_nmr_exptl_sample_conditions.details                'recorded in 100% DMSO-d6' 
_pdbx_nmr_exptl_sample_conditions.ionic_strength_err     ? 
_pdbx_nmr_exptl_sample_conditions.ionic_strength_units   'Not defined' 
_pdbx_nmr_exptl_sample_conditions.label                  conditions_1 
_pdbx_nmr_exptl_sample_conditions.pH_err                 ? 
_pdbx_nmr_exptl_sample_conditions.pH_units               'Not defined' 
_pdbx_nmr_exptl_sample_conditions.pressure_err           ? 
_pdbx_nmr_exptl_sample_conditions.temperature_err        ? 
_pdbx_nmr_exptl_sample_conditions.temperature_units      K 
# 
loop_
_pdbx_nmr_exptl.experiment_id 
_pdbx_nmr_exptl.conditions_id 
_pdbx_nmr_exptl.solution_id 
_pdbx_nmr_exptl.type 
_pdbx_nmr_exptl.spectrometer_id 
_pdbx_nmr_exptl.sample_state 
1 1 1 '2D 1H-1H ROESY' 1 isotropic 
2 1 1 '2D 1H-1H TOCSY' 1 isotropic 
3 1 1 '2D 1H-13C HSQC' 1 isotropic 
4 1 1 '2D 1H-15N HSQC' 1 isotropic 
# 
_pdbx_nmr_refine.entry_id           9BHN 
_pdbx_nmr_refine.method             'matrix relaxation' 
_pdbx_nmr_refine.details            ? 
_pdbx_nmr_refine.software_ordinal   2 
# 
loop_
_pdbx_nmr_software.ordinal 
_pdbx_nmr_software.classification 
_pdbx_nmr_software.name 
_pdbx_nmr_software.version 
_pdbx_nmr_software.authors 
1 'chemical shift assignment' Sparky  ? Goddard                             
2 'structure calculation'     CYANA   ? 'Guntert, Mumenthaler and Wuthrich' 
3 refinement                  Rosetta ? Baker                               
# 
loop_
_chem_comp_atom.comp_id 
_chem_comp_atom.atom_id 
_chem_comp_atom.type_symbol 
_chem_comp_atom.pdbx_aromatic_flag 
_chem_comp_atom.pdbx_stereo_config 
_chem_comp_atom.pdbx_ordinal 
CYS N    N N N 1   
CYS CA   C N R 2   
CYS C    C N N 3   
CYS O    O N N 4   
CYS CB   C N N 5   
CYS SG   S N N 6   
CYS OXT  O N N 7   
CYS H    H N N 8   
CYS H2   H N N 9   
CYS HA   H N N 10  
CYS HB2  H N N 11  
CYS HB3  H N N 12  
CYS HG   H N N 13  
CYS HXT  H N N 14  
ILE N    N N N 15  
ILE CA   C N S 16  
ILE C    C N N 17  
ILE O    O N N 18  
ILE CB   C N S 19  
ILE CG1  C N N 20  
ILE CG2  C N N 21  
ILE CD1  C N N 22  
ILE OXT  O N N 23  
ILE H    H N N 24  
ILE H2   H N N 25  
ILE HA   H N N 26  
ILE HB   H N N 27  
ILE HG12 H N N 28  
ILE HG13 H N N 29  
ILE HG21 H N N 30  
ILE HG22 H N N 31  
ILE HG23 H N N 32  
ILE HD11 H N N 33  
ILE HD12 H N N 34  
ILE HD13 H N N 35  
ILE HXT  H N N 36  
LEU N    N N N 37  
LEU CA   C N S 38  
LEU C    C N N 39  
LEU O    O N N 40  
LEU CB   C N N 41  
LEU CG   C N N 42  
LEU CD1  C N N 43  
LEU CD2  C N N 44  
LEU OXT  O N N 45  
LEU H    H N N 46  
LEU H2   H N N 47  
LEU HA   H N N 48  
LEU HB2  H N N 49  
LEU HB3  H N N 50  
LEU HG   H N N 51  
LEU HD11 H N N 52  
LEU HD12 H N N 53  
LEU HD13 H N N 54  
LEU HD21 H N N 55  
LEU HD22 H N N 56  
LEU HD23 H N N 57  
LEU HXT  H N N 58  
PRO N    N N N 59  
PRO CA   C N S 60  
PRO C    C N N 61  
PRO O    O N N 62  
PRO CB   C N N 63  
PRO CG   C N N 64  
PRO CD   C N N 65  
PRO OXT  O N N 66  
PRO H    H N N 67  
PRO HA   H N N 68  
PRO HB2  H N N 69  
PRO HB3  H N N 70  
PRO HG2  H N N 71  
PRO HG3  H N N 72  
PRO HD2  H N N 73  
PRO HD3  H N N 74  
PRO HXT  H N N 75  
SER N    N N N 76  
SER CA   C N S 77  
SER C    C N N 78  
SER O    O N N 79  
SER CB   C N N 80  
SER OG   O N N 81  
SER OXT  O N N 82  
SER H    H N N 83  
SER H2   H N N 84  
SER HA   H N N 85  
SER HB2  H N N 86  
SER HB3  H N N 87  
SER HG   H N N 88  
SER HXT  H N N 89  
TRP N    N N N 90  
TRP CA   C N S 91  
TRP C    C N N 92  
TRP O    O N N 93  
TRP CB   C N N 94  
TRP CG   C Y N 95  
TRP CD1  C Y N 96  
TRP CD2  C Y N 97  
TRP NE1  N Y N 98  
TRP CE2  C Y N 99  
TRP CE3  C Y N 100 
TRP CZ2  C Y N 101 
TRP CZ3  C Y N 102 
TRP CH2  C Y N 103 
TRP OXT  O N N 104 
TRP H    H N N 105 
TRP H2   H N N 106 
TRP HA   H N N 107 
TRP HB2  H N N 108 
TRP HB3  H N N 109 
TRP HD1  H N N 110 
TRP HE1  H N N 111 
TRP HE3  H N N 112 
TRP HZ2  H N N 113 
TRP HZ3  H N N 114 
TRP HH2  H N N 115 
TRP HXT  H N N 116 
# 
loop_
_chem_comp_bond.comp_id 
_chem_comp_bond.atom_id_1 
_chem_comp_bond.atom_id_2 
_chem_comp_bond.value_order 
_chem_comp_bond.pdbx_aromatic_flag 
_chem_comp_bond.pdbx_stereo_config 
_chem_comp_bond.pdbx_ordinal 
CYS N   CA   sing N N 1   
CYS N   H    sing N N 2   
CYS N   H2   sing N N 3   
CYS CA  C    sing N N 4   
CYS CA  CB   sing N N 5   
CYS CA  HA   sing N N 6   
CYS C   O    doub N N 7   
CYS C   OXT  sing N N 8   
CYS CB  SG   sing N N 9   
CYS CB  HB2  sing N N 10  
CYS CB  HB3  sing N N 11  
CYS SG  HG   sing N N 12  
CYS OXT HXT  sing N N 13  
ILE N   CA   sing N N 14  
ILE N   H    sing N N 15  
ILE N   H2   sing N N 16  
ILE CA  C    sing N N 17  
ILE CA  CB   sing N N 18  
ILE CA  HA   sing N N 19  
ILE C   O    doub N N 20  
ILE C   OXT  sing N N 21  
ILE CB  CG1  sing N N 22  
ILE CB  CG2  sing N N 23  
ILE CB  HB   sing N N 24  
ILE CG1 CD1  sing N N 25  
ILE CG1 HG12 sing N N 26  
ILE CG1 HG13 sing N N 27  
ILE CG2 HG21 sing N N 28  
ILE CG2 HG22 sing N N 29  
ILE CG2 HG23 sing N N 30  
ILE CD1 HD11 sing N N 31  
ILE CD1 HD12 sing N N 32  
ILE CD1 HD13 sing N N 33  
ILE OXT HXT  sing N N 34  
LEU N   CA   sing N N 35  
LEU N   H    sing N N 36  
LEU N   H2   sing N N 37  
LEU CA  C    sing N N 38  
LEU CA  CB   sing N N 39  
LEU CA  HA   sing N N 40  
LEU C   O    doub N N 41  
LEU C   OXT  sing N N 42  
LEU CB  CG   sing N N 43  
LEU CB  HB2  sing N N 44  
LEU CB  HB3  sing N N 45  
LEU CG  CD1  sing N N 46  
LEU CG  CD2  sing N N 47  
LEU CG  HG   sing N N 48  
LEU CD1 HD11 sing N N 49  
LEU CD1 HD12 sing N N 50  
LEU CD1 HD13 sing N N 51  
LEU CD2 HD21 sing N N 52  
LEU CD2 HD22 sing N N 53  
LEU CD2 HD23 sing N N 54  
LEU OXT HXT  sing N N 55  
PRO N   CA   sing N N 56  
PRO N   CD   sing N N 57  
PRO N   H    sing N N 58  
PRO CA  C    sing N N 59  
PRO CA  CB   sing N N 60  
PRO CA  HA   sing N N 61  
PRO C   O    doub N N 62  
PRO C   OXT  sing N N 63  
PRO CB  CG   sing N N 64  
PRO CB  HB2  sing N N 65  
PRO CB  HB3  sing N N 66  
PRO CG  CD   sing N N 67  
PRO CG  HG2  sing N N 68  
PRO CG  HG3  sing N N 69  
PRO CD  HD2  sing N N 70  
PRO CD  HD3  sing N N 71  
PRO OXT HXT  sing N N 72  
SER N   CA   sing N N 73  
SER N   H    sing N N 74  
SER N   H2   sing N N 75  
SER CA  C    sing N N 76  
SER CA  CB   sing N N 77  
SER CA  HA   sing N N 78  
SER C   O    doub N N 79  
SER C   OXT  sing N N 80  
SER CB  OG   sing N N 81  
SER CB  HB2  sing N N 82  
SER CB  HB3  sing N N 83  
SER OG  HG   sing N N 84  
SER OXT HXT  sing N N 85  
TRP N   CA   sing N N 86  
TRP N   H    sing N N 87  
TRP N   H2   sing N N 88  
TRP CA  C    sing N N 89  
TRP CA  CB   sing N N 90  
TRP CA  HA   sing N N 91  
TRP C   O    doub N N 92  
TRP C   OXT  sing N N 93  
TRP CB  CG   sing N N 94  
TRP CB  HB2  sing N N 95  
TRP CB  HB3  sing N N 96  
TRP CG  CD1  doub Y N 97  
TRP CG  CD2  sing Y N 98  
TRP CD1 NE1  sing Y N 99  
TRP CD1 HD1  sing N N 100 
TRP CD2 CE2  doub Y N 101 
TRP CD2 CE3  sing Y N 102 
TRP NE1 CE2  sing Y N 103 
TRP NE1 HE1  sing N N 104 
TRP CE2 CZ2  sing Y N 105 
TRP CE3 CZ3  doub Y N 106 
TRP CE3 HE3  sing N N 107 
TRP CZ2 CH2  doub Y N 108 
TRP CZ2 HZ2  sing N N 109 
TRP CZ3 CH2  sing Y N 110 
TRP CZ3 HZ3  sing N N 111 
TRP CH2 HH2  sing N N 112 
TRP OXT HXT  sing N N 113 
# 
_pdbx_audit_support.funding_organization   'National Science Foundation (NSF, United States)' 
_pdbx_audit_support.country                'United States' 
_pdbx_audit_support.grant_number           CHE-2238650 
_pdbx_audit_support.ordinal                1 
# 
_pdbx_nmr_spectrometer.spectrometer_id   1 
_pdbx_nmr_spectrometer.model             'AVANCE III HD' 
_pdbx_nmr_spectrometer.type              ? 
_pdbx_nmr_spectrometer.manufacturer      Bruker 
_pdbx_nmr_spectrometer.field_strength    700 
_pdbx_nmr_spectrometer.details           ? 
# 
_atom_sites.entry_id                    9BHN 
_atom_sites.Cartn_transf_matrix[1][1]   ? 
_atom_sites.Cartn_transf_matrix[1][2]   ? 
_atom_sites.Cartn_transf_matrix[1][3]   ? 
_atom_sites.Cartn_transf_matrix[2][1]   ? 
_atom_sites.Cartn_transf_matrix[2][2]   ? 
_atom_sites.Cartn_transf_matrix[2][3]   ? 
_atom_sites.Cartn_transf_matrix[3][1]   ? 
_atom_sites.Cartn_transf_matrix[3][2]   ? 
_atom_sites.Cartn_transf_matrix[3][3]   ? 
_atom_sites.Cartn_transf_vector[1]      ? 
_atom_sites.Cartn_transf_vector[2]      ? 
_atom_sites.Cartn_transf_vector[3]      ? 
_atom_sites.Cartn_transform_axes        ? 
_atom_sites.fract_transf_matrix[1][1]   1.000000 
_atom_sites.fract_transf_matrix[1][2]   0.000000 
_atom_sites.fract_transf_matrix[1][3]   0.000000 
_atom_sites.fract_transf_matrix[2][1]   0.000000 
_atom_sites.fract_transf_matrix[2][2]   1.000000 
_atom_sites.fract_transf_matrix[2][3]   0.000000 
_atom_sites.fract_transf_matrix[3][1]   0.000000 
_atom_sites.fract_transf_matrix[3][2]   0.000000 
_atom_sites.fract_transf_matrix[3][3]   1.000000 
_atom_sites.fract_transf_vector[1]      0.00000 
_atom_sites.fract_transf_vector[2]      0.00000 
_atom_sites.fract_transf_vector[3]      0.00000 
_atom_sites.solution_primary            ? 
_atom_sites.solution_secondary          ? 
_atom_sites.solution_hydrogens          ? 
_atom_sites.special_details             ? 
# 
loop_
_atom_type.symbol 
C 
H 
N 
O 
S 
# 
loop_
_atom_site.group_PDB 
_atom_site.id 
_atom_site.type_symbol 
_atom_site.label_atom_id 
_atom_site.label_alt_id 
_atom_site.label_comp_id 
_atom_site.label_asym_id 
_atom_site.label_entity_id 
_atom_site.label_seq_id 
_atom_site.pdbx_PDB_ins_code 
_atom_site.Cartn_x 
_atom_site.Cartn_y 
_atom_site.Cartn_z 
_atom_site.occupancy 
_atom_site.B_iso_or_equiv 
_atom_site.pdbx_formal_charge 
_atom_site.auth_seq_id 
_atom_site.auth_comp_id 
_atom_site.auth_asym_id 
_atom_site.auth_atom_id 
_atom_site.pdbx_PDB_model_num 
ATOM 1    N N    . SER A 1 1  ? -1.552  -1.535 4.555  1.00 2.00  ? 1  SER A N    1  
ATOM 2    C CA   . SER A 1 1  ? -2.445  -0.388 4.426  1.00 34.22 ? 1  SER A CA   1  
ATOM 3    C C    . SER A 1 1  ? -1.767  0.743  3.658  1.00 42.23 ? 1  SER A C    1  
ATOM 4    O O    . SER A 1 1  ? -2.075  1.917  3.861  1.00 51.04 ? 1  SER A O    1  
ATOM 5    C CB   . SER A 1 1  ? -2.877  0.106  5.808  1.00 34.23 ? 1  SER A CB   1  
ATOM 6    O OG   . SER A 1 1  ? -1.777  0.636  6.528  1.00 52.14 ? 1  SER A OG   1  
ATOM 7    H H1   . SER A 1 1  ? -1.918  -2.395 4.852  1.00 11.40 ? 1  SER A H1   1  
ATOM 8    H HA   . SER A 1 1  ? -3.318  -0.708 3.878  1.00 40.34 ? 1  SER A HA   1  
ATOM 9    H HB2  . SER A 1 1  ? -3.622  0.878  5.694  1.00 24.20 ? 1  SER A HB2  1  
ATOM 10   H HB3  . SER A 1 1  ? -3.294  -0.719 6.367  1.00 23.21 ? 1  SER A HB3  1  
ATOM 11   H HG   . SER A 1 1  ? -0.964  0.235  6.211  1.00 70.14 ? 1  SER A HG   1  
ATOM 12   N N    . CYS A 1 2  ? -0.843  0.380  2.775  1.00 42.40 ? 2  CYS A N    1  
ATOM 13   C CA   . CYS A 1 2  ? -0.121  1.361  1.976  1.00 42.44 ? 2  CYS A CA   1  
ATOM 14   C C    . CYS A 1 2  ? -1.061  2.066  1.000  1.00 61.42 ? 2  CYS A C    1  
ATOM 15   O O    . CYS A 1 2  ? -2.255  2.206  1.263  1.00 0.31  ? 2  CYS A O    1  
ATOM 16   C CB   . CYS A 1 2  ? 1.017   0.688  1.207  1.00 5.13  ? 2  CYS A CB   1  
ATOM 17   S SG   . CYS A 1 2  ? 0.469   -0.275 -0.240 1.00 52.31 ? 2  CYS A SG   1  
ATOM 18   H H    . CYS A 1 2  ? -0.642  -0.573 2.658  1.00 45.42 ? 2  CYS A H    1  
ATOM 19   H HA   . CYS A 1 2  ? 0.295   2.096  2.648  1.00 12.21 ? 2  CYS A HA   1  
ATOM 20   H HB2  . CYS A 1 2  ? 1.703   1.445  0.856  1.00 2.31  ? 2  CYS A HB2  1  
ATOM 21   H HB3  . CYS A 1 2  ? 1.540   0.015  1.871  1.00 10.14 ? 2  CYS A HB3  1  
ATOM 22   N N    . CYS A 1 3  ? -0.512  2.507  -0.127 1.00 71.15 ? 3  CYS A N    1  
ATOM 23   C CA   . CYS A 1 3  ? -1.299  3.198  -1.142 1.00 33.53 ? 3  CYS A CA   1  
ATOM 24   C C    . CYS A 1 3  ? -1.216  2.471  -2.481 1.00 14.35 ? 3  CYS A C    1  
ATOM 25   O O    . CYS A 1 3  ? -0.202  2.516  -3.178 1.00 71.03 ? 3  CYS A O    1  
ATOM 26   C CB   . CYS A 1 3  ? -0.813  4.639  -1.301 1.00 72.41 ? 3  CYS A CB   1  
ATOM 27   S SG   . CYS A 1 3  ? 0.982   4.794  -1.571 1.00 73.10 ? 3  CYS A SG   1  
ATOM 28   H H    . CYS A 1 3  ? 0.446   2.367  -0.279 1.00 14.13 ? 3  CYS A H    1  
ATOM 29   H HA   . CYS A 1 3  ? -2.327  3.207  -0.815 1.00 72.24 ? 3  CYS A HA   1  
ATOM 30   H HB2  . CYS A 1 3  ? -1.311  5.089  -2.147 1.00 4.15  ? 3  CYS A HB2  1  
ATOM 31   H HB3  . CYS A 1 3  ? -1.061  5.195  -0.408 1.00 32.14 ? 3  CYS A HB3  1  
ATOM 32   N N    . PRO A 1 4  ? -2.307  1.784  -2.851 1.00 23.20 ? 4  PRO A N    1  
ATOM 33   C CA   . PRO A 1 4  ? -3.520  1.723  -2.029 1.00 32.40 ? 4  PRO A CA   1  
ATOM 34   C C    . PRO A 1 4  ? -3.317  0.907  -0.756 1.00 14.21 ? 4  PRO A C    1  
ATOM 35   O O    . PRO A 1 4  ? -2.253  0.321  -0.546 1.00 43.43 ? 4  PRO A O    1  
ATOM 36   C CB   . PRO A 1 4  ? -4.536  1.039  -2.946 1.00 34.51 ? 4  PRO A CB   1  
ATOM 37   C CG   . PRO A 1 4  ? -3.712  0.237  -3.892 1.00 11.51 ? 4  PRO A CG   1  
ATOM 38   C CD   . PRO A 1 4  ? -2.442  1.015  -4.098 1.00 55.30 ? 4  PRO A CD   1  
ATOM 39   H HA   . PRO A 1 4  ? -3.873  2.710  -1.769 1.00 24.12 ? 4  PRO A HA   1  
ATOM 40   H HB2  . PRO A 1 4  ? -5.189  0.410  -2.358 1.00 32.41 ? 4  PRO A HB2  1  
ATOM 41   H HB3  . PRO A 1 4  ? -5.117  1.787  -3.465 1.00 24.15 ? 4  PRO A HB3  1  
ATOM 42   H HG2  . PRO A 1 4  ? -3.495  -0.729 -3.463 1.00 72.22 ? 4  PRO A HG2  1  
ATOM 43   H HG3  . PRO A 1 4  ? -4.237  0.122  -4.829 1.00 70.05 ? 4  PRO A HG3  1  
ATOM 44   H HD2  . PRO A 1 4  ? -1.606  0.345  -4.231 1.00 22.42 ? 4  PRO A HD2  1  
ATOM 45   H HD3  . PRO A 1 4  ? -2.537  1.674  -4.949 1.00 44.14 ? 4  PRO A HD3  1  
ATOM 46   N N    . TRP A 1 5  ? -4.341  0.871  0.088  1.00 52.04 ? 5  TRP A N    1  
ATOM 47   C CA   . TRP A 1 5  ? -4.273  0.126  1.339  1.00 65.52 ? 5  TRP A CA   1  
ATOM 48   C C    . TRP A 1 5  ? -3.770  -1.294 1.102  1.00 61.22 ? 5  TRP A C    1  
ATOM 49   O O    . TRP A 1 5  ? -4.561  -2.218 0.912  1.00 2.33  ? 5  TRP A O    1  
ATOM 50   C CB   . TRP A 1 5  ? -5.648  0.087  2.008  1.00 24.11 ? 5  TRP A CB   1  
ATOM 51   C CG   . TRP A 1 5  ? -6.760  -0.252 1.062  1.00 12.12 ? 5  TRP A CG   1  
ATOM 52   C CD1  . TRP A 1 5  ? -7.180  -1.501 0.703  1.00 35.40 ? 5  TRP A CD1  1  
ATOM 53   C CD2  . TRP A 1 5  ? -7.593  0.672  0.351  1.00 14.25 ? 5  TRP A CD2  1  
ATOM 54   N NE1  . TRP A 1 5  ? -8.222  -1.410 -0.187 1.00 61.11 ? 5  TRP A NE1  1  
ATOM 55   C CE2  . TRP A 1 5  ? -8.495  -0.087 -0.418 1.00 3.53  ? 5  TRP A CE2  1  
ATOM 56   C CE3  . TRP A 1 5  ? -7.664  2.066  0.293  1.00 53.53 ? 5  TRP A CE3  1  
ATOM 57   C CZ2  . TRP A 1 5  ? -9.455  0.502  -1.237 1.00 51.21 ? 5  TRP A CZ2  1  
ATOM 58   C CZ3  . TRP A 1 5  ? -8.617  2.650  -0.521 1.00 2.31  ? 5  TRP A CZ3  1  
ATOM 59   C CH2  . TRP A 1 5  ? -9.503  1.869  -1.275 1.00 54.50 ? 5  TRP A CH2  1  
ATOM 60   H H    . TRP A 1 5  ? -5.162  1.359  -0.135 1.00 34.01 ? 5  TRP A H    1  
ATOM 61   H HA   . TRP A 1 5  ? -3.581  0.636  1.992  1.00 52.12 ? 5  TRP A HA   1  
ATOM 62   H HB2  . TRP A 1 5  ? -5.640  -0.655 2.792  1.00 2.23  ? 5  TRP A HB2  1  
ATOM 63   H HB3  . TRP A 1 5  ? -5.859  1.056  2.438  1.00 41.13 ? 5  TRP A HB3  1  
ATOM 64   H HD1  . TRP A 1 5  ? -6.744  -2.417 1.072  1.00 21.02 ? 5  TRP A HD1  1  
ATOM 65   H HE1  . TRP A 1 5  ? -8.694  -2.170 -0.589 1.00 71.32 ? 5  TRP A HE1  1  
ATOM 66   H HE3  . TRP A 1 5  ? -6.990  2.685  0.866  1.00 63.33 ? 5  TRP A HE3  1  
ATOM 67   H HZ2  . TRP A 1 5  ? -10.144 -0.086 -1.825 1.00 25.33 ? 5  TRP A HZ2  1  
ATOM 68   H HZ3  . TRP A 1 5  ? -8.688  3.726  -0.579 1.00 54.53 ? 5  TRP A HZ3  1  
ATOM 69   H HH2  . TRP A 1 5  ? -10.231 2.368  -1.897 1.00 34.54 ? 5  TRP A HH2  1  
ATOM 70   N N    . ILE A 1 6  ? -2.452  -1.459 1.113  1.00 12.10 ? 6  ILE A N    1  
ATOM 71   C CA   . ILE A 1 6  ? -1.845  -2.767 0.899  1.00 34.11 ? 6  ILE A CA   1  
ATOM 72   C C    . ILE A 1 6  ? -0.508  -2.877 1.623  1.00 73.54 ? 6  ILE A C    1  
ATOM 73   O O    . ILE A 1 6  ? 0.125   -1.868 1.937  1.00 63.14 ? 6  ILE A O    1  
ATOM 74   C CB   . ILE A 1 6  ? -1.630  -3.049 -0.599 1.00 13.43 ? 6  ILE A CB   1  
ATOM 75   C CG1  . ILE A 1 6  ? -2.938  -3.506 -1.247 1.00 11.13 ? 6  ILE A CG1  1  
ATOM 76   C CG2  . ILE A 1 6  ? -0.543  -4.097 -0.790 1.00 2.22  ? 6  ILE A CG2  1  
ATOM 77   C CD1  . ILE A 1 6  ? -3.422  -2.585 -2.346 1.00 23.44 ? 6  ILE A CD1  1  
ATOM 78   H H    . ILE A 1 6  ? -1.874  -0.683 1.270  1.00 53.10 ? 6  ILE A H    1  
ATOM 79   H HA   . ILE A 1 6  ? -2.518  -3.514 1.293  1.00 31.44 ? 6  ILE A HA   1  
ATOM 80   H HB   . ILE A 1 6  ? -1.301  -2.136 -1.071 1.00 44.04 ? 6  ILE A HB   1  
ATOM 81   H HG12 . ILE A 1 6  ? -2.798  -4.487 -1.675 1.00 53.24 ? 6  ILE A HG12 1  
ATOM 82   H HG13 . ILE A 1 6  ? -3.708  -3.556 -0.491 1.00 64.42 ? 6  ILE A HG13 1  
ATOM 83   H HG21 . ILE A 1 6  ? -0.430  -4.311 -1.843 1.00 61.34 ? 6  ILE A HG21 1  
ATOM 84   H HG22 . ILE A 1 6  ? 0.390   -3.723 -0.397 1.00 22.44 ? 6  ILE A HG22 1  
ATOM 85   H HG23 . ILE A 1 6  ? -0.819  -5.001 -0.267 1.00 1.22  ? 6  ILE A HG23 1  
ATOM 86   H HD11 . ILE A 1 6  ? -2.587  -2.289 -2.962 1.00 13.23 ? 6  ILE A HD11 1  
ATOM 87   H HD12 . ILE A 1 6  ? -4.153  -3.099 -2.951 1.00 3.21  ? 6  ILE A HD12 1  
ATOM 88   H HD13 . ILE A 1 6  ? -3.872  -1.707 -1.906 1.00 42.15 ? 6  ILE A HD13 1  
ATOM 89   N N    . ILE A 1 7  ? -0.081  -4.108 1.884  1.00 4.01  ? 7  ILE A N    1  
ATOM 90   C CA   . ILE A 1 7  ? 1.183   -4.350 2.568  1.00 11.01 ? 7  ILE A CA   1  
ATOM 91   C C    . ILE A 1 7  ? 2.261   -3.384 2.090  1.00 52.42 ? 7  ILE A C    1  
ATOM 92   O O    . ILE A 1 7  ? 2.041   -2.601 1.164  1.00 3.23  ? 7  ILE A O    1  
ATOM 93   C CB   . ILE A 1 7  ? 1.672   -5.794 2.354  1.00 22.22 ? 7  ILE A CB   1  
ATOM 94   C CG1  . ILE A 1 7  ? 1.452   -6.220 0.901  1.00 73.23 ? 7  ILE A CG1  1  
ATOM 95   C CG2  . ILE A 1 7  ? 0.955   -6.742 3.303  1.00 1.02  ? 7  ILE A CG2  1  
ATOM 96   C CD1  . ILE A 1 7  ? 0.269   -7.144 0.714  1.00 43.54 ? 7  ILE A CD1  1  
ATOM 97   H H    . ILE A 1 7  ? -0.630  -4.872 1.609  1.00 45.10 ? 7  ILE A H    1  
ATOM 98   H HA   . ILE A 1 7  ? 1.022   -4.198 3.626  1.00 35.43 ? 7  ILE A HA   1  
ATOM 99   H HB   . ILE A 1 7  ? 2.727   -5.830 2.576  1.00 33.33 ? 7  ILE A HB   1  
ATOM 100  H HG12 . ILE A 1 7  ? 1.286   -5.342 0.296  1.00 65.21 ? 7  ILE A HG12 1  
ATOM 101  H HG13 . ILE A 1 7  ? 2.335   -6.734 0.547  1.00 44.33 ? 7  ILE A HG13 1  
ATOM 102  H HG21 . ILE A 1 7  ? 1.204   -7.762 3.050  1.00 53.41 ? 7  ILE A HG21 1  
ATOM 103  H HG22 . ILE A 1 7  ? 1.265   -6.539 4.317  1.00 73.01 ? 7  ILE A HG22 1  
ATOM 104  H HG23 . ILE A 1 7  ? -0.112  -6.601 3.217  1.00 51.10 ? 7  ILE A HG23 1  
ATOM 105  H HD11 . ILE A 1 7  ? 0.507   -8.119 1.111  1.00 54.32 ? 7  ILE A HD11 1  
ATOM 106  H HD12 . ILE A 1 7  ? -0.588  -6.742 1.233  1.00 30.42 ? 7  ILE A HD12 1  
ATOM 107  H HD13 . ILE A 1 7  ? 0.042   -7.230 -0.340 1.00 73.01 ? 7  ILE A HD13 1  
ATOM 108  N N    . TRP A 1 8  ? 3.426   -3.444 2.723  1.00 40.12 ? 8  TRP A N    1  
ATOM 109  C CA   . TRP A 1 8  ? 4.540   -2.576 2.360  1.00 71.33 ? 8  TRP A CA   1  
ATOM 110  C C    . TRP A 1 8  ? 4.604   -2.375 0.850  1.00 71.44 ? 8  TRP A C    1  
ATOM 111  O O    . TRP A 1 8  ? 5.237   -3.153 0.137  1.00 74.22 ? 8  TRP A O    1  
ATOM 112  C CB   . TRP A 1 8  ? 5.858   -3.164 2.866  1.00 51.54 ? 8  TRP A CB   1  
ATOM 113  C CG   . TRP A 1 8  ? 6.971   -2.162 2.926  1.00 63.32 ? 8  TRP A CG   1  
ATOM 114  C CD1  . TRP A 1 8  ? 7.303   -1.246 1.969  1.00 23.23 ? 8  TRP A CD1  1  
ATOM 115  C CD2  . TRP A 1 8  ? 7.899   -1.977 4.001  1.00 62.42 ? 8  TRP A CD2  1  
ATOM 116  N NE1  . TRP A 1 8  ? 8.382   -0.503 2.384  1.00 51.23 ? 8  TRP A NE1  1  
ATOM 117  C CE2  . TRP A 1 8  ? 8.765   -0.931 3.628  1.00 1.10  ? 8  TRP A CE2  1  
ATOM 118  C CE3  . TRP A 1 8  ? 8.080   -2.591 5.243  1.00 74.10 ? 8  TRP A CE3  1  
ATOM 119  C CZ2  . TRP A 1 8  ? 9.797   -0.489 4.451  1.00 71.54 ? 8  TRP A CZ2  1  
ATOM 120  C CZ3  . TRP A 1 8  ? 9.105   -2.150 6.060  1.00 11.43 ? 8  TRP A CZ3  1  
ATOM 121  C CH2  . TRP A 1 8  ? 9.952   -1.107 5.662  1.00 1.24  ? 8  TRP A CH2  1  
ATOM 122  H H    . TRP A 1 8  ? 3.541   -4.088 3.453  1.00 2.12  ? 8  TRP A H    1  
ATOM 123  H HA   . TRP A 1 8  ? 4.380   -1.618 2.833  1.00 45.44 ? 8  TRP A HA   1  
ATOM 124  H HB2  . TRP A 1 8  ? 5.711   -3.560 3.858  1.00 22.34 ? 8  TRP A HB2  1  
ATOM 125  H HB3  . TRP A 1 8  ? 6.163   -3.962 2.205  1.00 33.23 ? 8  TRP A HB3  1  
ATOM 126  H HD1  . TRP A 1 8  ? 6.787   -1.136 1.029  1.00 42.54 ? 8  TRP A HD1  1  
ATOM 127  H HE1  . TRP A 1 8  ? 8.806   0.218  1.873  1.00 14.21 ? 8  TRP A HE1  1  
ATOM 128  H HE3  . TRP A 1 8  ? 7.439   -3.396 5.567  1.00 23.44 ? 8  TRP A HE3  1  
ATOM 129  H HZ2  . TRP A 1 8  ? 10.458  0.315  4.160  1.00 42.30 ? 8  TRP A HZ2  1  
ATOM 130  H HZ3  . TRP A 1 8  ? 9.261   -2.614 7.023  1.00 33.43 ? 8  TRP A HZ3  1  
ATOM 131  H HH2  . TRP A 1 8  ? 10.739  -0.798 6.332  1.00 62.34 ? 8  TRP A HH2  1  
ATOM 132  N N    . CYS A 1 9  ? 3.944   -1.327 0.369  1.00 41.52 ? 9  CYS A N    1  
ATOM 133  C CA   . CYS A 1 9  ? 3.926   -1.024 -1.057 1.00 40.15 ? 9  CYS A CA   1  
ATOM 134  C C    . CYS A 1 9  ? 3.387   0.382  -1.308 1.00 75.45 ? 9  CYS A C    1  
ATOM 135  O O    . CYS A 1 9  ? 3.197   1.162  -0.374 1.00 24.15 ? 9  CYS A O    1  
ATOM 136  C CB   . CYS A 1 9  ? 3.072   -2.049 -1.807 1.00 0.32  ? 9  CYS A CB   1  
ATOM 137  S SG   . CYS A 1 9  ? 1.291   -1.667 -1.818 1.00 23.03 ? 9  CYS A SG   1  
ATOM 138  H H    . CYS A 1 9  ? 3.456   -0.743 0.987  1.00 10.10 ? 9  CYS A H    1  
ATOM 139  H HA   . CYS A 1 9  ? 4.940   -1.078 -1.422 1.00 71.40 ? 9  CYS A HA   1  
ATOM 140  H HB2  . CYS A 1 9  ? 3.403   -2.099 -2.834 1.00 40.42 ? 9  CYS A HB2  1  
ATOM 141  H HB3  . CYS A 1 9  ? 3.199   -3.018 -1.347 1.00 61.12 ? 9  CYS A HB3  1  
ATOM 142  N N    . CYS A 1 10 ? 3.147   0.701  -2.575 1.00 3.42  ? 10 CYS A N    1  
ATOM 143  C CA   . CYS A 1 10 ? 2.632   2.011  -2.950 1.00 44.04 ? 10 CYS A CA   1  
ATOM 144  C C    . CYS A 1 10 ? 2.133   2.008  -4.393 1.00 11.23 ? 10 CYS A C    1  
ATOM 145  O O    . CYS A 1 10 ? 2.564   2.820  -5.213 1.00 22.41 ? 10 CYS A O    1  
ATOM 146  C CB   . CYS A 1 10 ? 3.715   3.077  -2.776 1.00 55.42 ? 10 CYS A CB   1  
ATOM 147  S SG   . CYS A 1 10 ? 3.100   4.664  -2.125 1.00 13.45 ? 10 CYS A SG   1  
ATOM 148  H H    . CYS A 1 10 ? 3.319   0.036  -3.276 1.00 53.43 ? 10 CYS A H    1  
ATOM 149  H HA   . CYS A 1 10 ? 1.803   2.243  -2.297 1.00 34.14 ? 10 CYS A HA   1  
ATOM 150  H HB2  . CYS A 1 10 ? 4.464   2.709  -2.089 1.00 43.25 ? 10 CYS A HB2  1  
ATOM 151  H HB3  . CYS A 1 10 ? 4.176   3.271  -3.734 1.00 20.34 ? 10 CYS A HB3  1  
ATOM 152  N N    . LEU A 1 11 ? 1.223   1.089  -4.696 1.00 44.42 ? 11 LEU A N    1  
ATOM 153  C CA   . LEU A 1 11 ? 0.665   0.980  -6.039 1.00 4.21  ? 11 LEU A CA   1  
ATOM 154  C C    . LEU A 1 11 ? -0.444  2.005  -6.254 1.00 11.32 ? 11 LEU A C    1  
ATOM 155  O O    . LEU A 1 11 ? -0.532  2.626  -7.313 1.00 24.23 ? 11 LEU A O    1  
ATOM 156  C CB   . LEU A 1 11 ? 0.123   -0.432 -6.274 1.00 30.52 ? 11 LEU A CB   1  
ATOM 157  C CG   . LEU A 1 11 ? -0.638  -0.650 -7.583 1.00 12.03 ? 11 LEU A CG   1  
ATOM 158  C CD1  . LEU A 1 11 ? 0.293   -0.486 -8.774 1.00 53.13 ? 11 LEU A CD1  1  
ATOM 159  C CD2  . LEU A 1 11 ? -1.289  -2.025 -7.598 1.00 33.43 ? 11 LEU A CD2  1  
ATOM 160  H H    . LEU A 1 11 ? 0.919   0.470  -4.002 1.00 65.51 ? 11 LEU A H    1  
ATOM 161  H HA   . LEU A 1 11 ? 1.459   1.173  -6.745 1.00 12.44 ? 11 LEU A HA   1  
ATOM 162  H HB2  . LEU A 1 11 ? 0.959   -1.113 -6.260 1.00 11.02 ? 11 LEU A HB2  1  
ATOM 163  H HB3  . LEU A 1 11 ? -0.546  -0.668 -5.458 1.00 30.03 ? 11 LEU A HB3  1  
ATOM 164  H HG   . LEU A 1 11 ? -1.419  0.093  -7.666 1.00 21.21 ? 11 LEU A HG   1  
ATOM 165  H HD11 . LEU A 1 11 ? 1.249   -0.114 -8.436 1.00 50.24 ? 11 LEU A HD11 1  
ATOM 166  H HD12 . LEU A 1 11 ? -0.139  0.214  -9.474 1.00 35.14 ? 11 LEU A HD12 1  
ATOM 167  H HD13 . LEU A 1 11 ? 0.430   -1.441 -9.259 1.00 42.21 ? 11 LEU A HD13 1  
ATOM 168  H HD21 . LEU A 1 11 ? -2.193  -1.988 -8.188 1.00 73.12 ? 11 LEU A HD21 1  
ATOM 169  H HD22 . LEU A 1 11 ? -1.531  -2.320 -6.588 1.00 22.33 ? 11 LEU A HD22 1  
ATOM 170  H HD23 . LEU A 1 11 ? -0.607  -2.742 -8.030 1.00 31.32 ? 11 LEU A HD23 1  
ATOM 171  N N    . SER A 1 1  ? -1.463  -1.586 4.561  1.00 20.14 ? 1  SER A N    2  
ATOM 172  C CA   . SER A 1 1  ? -2.343  -0.428 4.450  1.00 12.44 ? 1  SER A CA   2  
ATOM 173  C C    . SER A 1 1  ? -1.662  0.700  3.681  1.00 3.32  ? 1  SER A C    2  
ATOM 174  O O    . SER A 1 1  ? -1.953  1.876  3.896  1.00 52.24 ? 1  SER A O    2  
ATOM 175  C CB   . SER A 1 1  ? -2.755  0.061  5.840  1.00 51.04 ? 1  SER A CB   2  
ATOM 176  O OG   . SER A 1 1  ? -3.911  0.877  5.771  1.00 20.31 ? 1  SER A OG   2  
ATOM 177  H H1   . SER A 1 1  ? -1.516  -2.294 3.886  1.00 21.33 ? 1  SER A H1   2  
ATOM 178  H HA   . SER A 1 1  ? -3.226  -0.734 3.909  1.00 24.15 ? 1  SER A HA   2  
ATOM 179  H HB2  . SER A 1 1  ? -2.965  -0.789 6.471  1.00 74.04 ? 1  SER A HB2  2  
ATOM 180  H HB3  . SER A 1 1  ? -1.948  0.638  6.269  1.00 15.33 ? 1  SER A HB3  2  
ATOM 181  H HG   . SER A 1 1  ? -4.517  0.635  6.475  1.00 14.03 ? 1  SER A HG   2  
ATOM 182  N N    . CYS A 1 2  ? -0.754  0.332  2.784  1.00 32.22 ? 2  CYS A N    2  
ATOM 183  C CA   . CYS A 1 2  ? -0.030  1.310  1.983  1.00 55.22 ? 2  CYS A CA   2  
ATOM 184  C C    . CYS A 1 2  ? -0.971  2.031  1.023  1.00 65.14 ? 2  CYS A C    2  
ATOM 185  O O    . CYS A 1 2  ? -2.162  2.184  1.301  1.00 11.41 ? 2  CYS A O    2  
ATOM 186  C CB   . CYS A 1 2  ? 1.092   0.628  1.196  1.00 23.13 ? 2  CYS A CB   2  
ATOM 187  S SG   . CYS A 1 2  ? 0.516   -0.318 -0.250 1.00 20.13 ? 2  CYS A SG   2  
ATOM 188  H H    . CYS A 1 2  ? -0.565  -0.623 2.658  1.00 41.10 ? 2  CYS A H    2  
ATOM 189  H HA   . CYS A 1 2  ? 0.403   2.035  2.654  1.00 32.41 ? 2  CYS A HA   2  
ATOM 190  H HB2  . CYS A 1 2  ? 1.782   1.380  0.842  1.00 22.35 ? 2  CYS A HB2  2  
ATOM 191  H HB3  . CYS A 1 2  ? 1.614   -0.055 1.850  1.00 55.51 ? 2  CYS A HB3  2  
ATOM 192  N N    . CYS A 1 3  ? -0.431  2.474  -0.108 1.00 64.23 ? 3  CYS A N    2  
ATOM 193  C CA   . CYS A 1 3  ? -1.222  3.180  -1.108 1.00 14.10 ? 3  CYS A CA   2  
ATOM 194  C C    . CYS A 1 3  ? -1.162  2.461  -2.454 1.00 64.34 ? 3  CYS A C    2  
ATOM 195  O O    . CYS A 1 3  ? -0.157  2.499  -3.163 1.00 24.33 ? 3  CYS A O    2  
ATOM 196  C CB   . CYS A 1 3  ? -0.721  4.617  -1.264 1.00 50.32 ? 3  CYS A CB   2  
ATOM 197  S SG   . CYS A 1 3  ? 1.072   4.752  -1.554 1.00 54.44 ? 3  CYS A SG   2  
ATOM 198  H H    . CYS A 1 3  ? 0.524   2.323  -0.273 1.00 33.21 ? 3  CYS A H    2  
ATOM 199  H HA   . CYS A 1 3  ? -2.246  3.200  -0.770 1.00 25.40 ? 3  CYS A HA   2  
ATOM 200  H HB2  . CYS A 1 3  ? -1.224  5.077  -2.102 1.00 44.41 ? 3  CYS A HB2  2  
ATOM 201  H HB3  . CYS A 1 3  ? -0.951  5.169  -0.365 1.00 53.03 ? 3  CYS A HB3  2  
ATOM 202  N N    . PRO A 1 4  ? -2.267  1.790  -2.815 1.00 71.50 ? 4  PRO A N    2  
ATOM 203  C CA   . PRO A 1 4  ? -3.470  1.737  -1.978 1.00 52.23 ? 4  PRO A CA   2  
ATOM 204  C C    . PRO A 1 4  ? -3.262  0.910  -0.714 1.00 74.33 ? 4  PRO A C    2  
ATOM 205  O O    . PRO A 1 4  ? -2.203  0.312  -0.520 1.00 2.51  ? 4  PRO A O    2  
ATOM 206  C CB   . PRO A 1 4  ? -4.505  1.071  -2.888 1.00 22.21 ? 4  PRO A CB   2  
ATOM 207  C CG   . PRO A 1 4  ? -3.702  0.265  -3.849 1.00 52.44 ? 4  PRO A CG   2  
ATOM 208  C CD   . PRO A 1 4  ? -2.425  1.030  -4.066 1.00 31.01 ? 4  PRO A CD   2  
ATOM 209  H HA   . PRO A 1 4  ? -3.808  2.726  -1.708 1.00 41.33 ? 4  PRO A HA   2  
ATOM 210  H HB2  . PRO A 1 4  ? -5.158  0.446  -2.296 1.00 4.51  ? 4  PRO A HB2  2  
ATOM 211  H HB3  . PRO A 1 4  ? -5.084  1.828  -3.395 1.00 41.13 ? 4  PRO A HB3  2  
ATOM 212  H HG2  . PRO A 1 4  ? -3.491  -0.706 -3.428 1.00 55.54 ? 4  PRO A HG2  2  
ATOM 213  H HG3  . PRO A 1 4  ? -4.239  0.163  -4.781 1.00 22.11 ? 4  PRO A HG3  2  
ATOM 214  H HD2  . PRO A 1 4  ? -1.599  0.350  -4.212 1.00 75.35 ? 4  PRO A HD2  2  
ATOM 215  H HD3  . PRO A 1 4  ? -2.523  1.696  -4.910 1.00 14.43 ? 4  PRO A HD3  2  
ATOM 216  N N    . TRP A 1 5  ? -4.275  0.882  0.142  1.00 44.10 ? 5  TRP A N    2  
ATOM 217  C CA   . TRP A 1 5  ? -4.203  0.127  1.388  1.00 12.11 ? 5  TRP A CA   2  
ATOM 218  C C    . TRP A 1 5  ? -3.719  -1.296 1.135  1.00 5.24  ? 5  TRP A C    2  
ATOM 219  O O    . TRP A 1 5  ? -4.523  -2.211 0.949  1.00 0.21  ? 5  TRP A O    2  
ATOM 220  C CB   . TRP A 1 5  ? -5.571  0.100  2.073  1.00 51.22 ? 5  TRP A CB   2  
ATOM 221  C CG   . TRP A 1 5  ? -6.697  -0.220 1.137  1.00 13.01 ? 5  TRP A CG   2  
ATOM 222  C CD1  . TRP A 1 5  ? -7.135  -1.462 0.776  1.00 54.10 ? 5  TRP A CD1  2  
ATOM 223  C CD2  . TRP A 1 5  ? -7.526  0.718  0.442  1.00 41.25 ? 5  TRP A CD2  2  
ATOM 224  N NE1  . TRP A 1 5  ? -8.187  -1.352 -0.102 1.00 14.53 ? 5  TRP A NE1  2  
ATOM 225  C CE2  . TRP A 1 5  ? -8.446  -0.026 -0.322 1.00 42.45 ? 5  TRP A CE2  2  
ATOM 226  C CE3  . TRP A 1 5  ? -7.583  2.113  0.393  1.00 52.02 ? 5  TRP A CE3  2  
ATOM 227  C CZ2  . TRP A 1 5  ? -9.409  0.581  -1.125 1.00 2.23  ? 5  TRP A CZ2  2  
ATOM 228  C CZ3  . TRP A 1 5  ? -8.538  2.713  -0.405 1.00 53.05 ? 5  TRP A CZ3  2  
ATOM 229  C CH2  . TRP A 1 5  ? -9.442  1.948  -1.155 1.00 75.43 ? 5  TRP A CH2  2  
ATOM 230  H H    . TRP A 1 5  ? -5.094  1.380  -0.068 1.00 21.33 ? 5  TRP A H    2  
ATOM 231  H HA   . TRP A 1 5  ? -3.497  0.626  2.036  1.00 31.13 ? 5  TRP A HA   2  
ATOM 232  H HB2  . TRP A 1 5  ? -5.563  -0.648 2.851  1.00 74.40 ? 5  TRP A HB2  2  
ATOM 233  H HB3  . TRP A 1 5  ? -5.766  1.068  2.511  1.00 54.22 ? 5  TRP A HB3  2  
ATOM 234  H HD1  . TRP A 1 5  ? -6.707  -2.386 1.133  1.00 51.00 ? 5  TRP A HD1  2  
ATOM 235  H HE1  . TRP A 1 5  ? -8.672  -2.104 -0.503 1.00 41.12 ? 5  TRP A HE1  2  
ATOM 236  H HE3  . TRP A 1 5  ? -6.895  2.720  0.963  1.00 51.42 ? 5  TRP A HE3  2  
ATOM 237  H HZ2  . TRP A 1 5  ? -10.112 0.004  -1.708 1.00 41.25 ? 5  TRP A HZ2  2  
ATOM 238  H HZ3  . TRP A 1 5  ? -8.596  3.791  -0.456 1.00 12.42 ? 5  TRP A HZ3  2  
ATOM 239  H HH2  . TRP A 1 5  ? -10.170 2.459  -1.765 1.00 62.44 ? 5  TRP A HH2  2  
ATOM 240  N N    . ILE A 1 6  ? -2.403  -1.477 1.130  1.00 13.32 ? 6  ILE A N    2  
ATOM 241  C CA   . ILE A 1 6  ? -1.813  -2.790 0.901  1.00 51.30 ? 6  ILE A CA   2  
ATOM 242  C C    . ILE A 1 6  ? -0.469  -2.920 1.609  1.00 41.32 ? 6  ILE A C    2  
ATOM 243  O O    . ILE A 1 6  ? 0.179   -1.920 1.920  1.00 32.33 ? 6  ILE A O    2  
ATOM 244  C CB   . ILE A 1 6  ? -1.619  -3.066 -0.602 1.00 71.11 ? 6  ILE A CB   2  
ATOM 245  C CG1  . ILE A 1 6  ? -2.940  -3.504 -1.237 1.00 52.23 ? 6  ILE A CG1  2  
ATOM 246  C CG2  . ILE A 1 6  ? -0.547  -4.125 -0.812 1.00 23.43 ? 6  ILE A CG2  2  
ATOM 247  C CD1  . ILE A 1 6  ? -3.427  -2.570 -2.323 1.00 54.13 ? 6  ILE A CD1  2  
ATOM 248  H H    . ILE A 1 6  ? -1.814  -0.709 1.284  1.00 2.05  ? 6  ILE A H    2  
ATOM 249  H HA   . ILE A 1 6  ? -2.490  -3.533 1.299  1.00 43.55 ? 6  ILE A HA   2  
ATOM 250  H HB   . ILE A 1 6  ? -1.286  -2.153 -1.072 1.00 63.01 ? 6  ILE A HB   2  
ATOM 251  H HG12 . ILE A 1 6  ? -2.815  -4.482 -1.673 1.00 45.04 ? 6  ILE A HG12 2  
ATOM 252  H HG13 . ILE A 1 6  ? -3.702  -3.549 -0.472 1.00 35.22 ? 6  ILE A HG13 2  
ATOM 253  H HG21 . ILE A 1 6  ? 0.395   -3.765 -0.426 1.00 53.11 ? 6  ILE A HG21 2  
ATOM 254  H HG22 . ILE A 1 6  ? -0.827  -5.028 -0.289 1.00 41.01 ? 6  ILE A HG22 2  
ATOM 255  H HG23 . ILE A 1 6  ? -0.449  -4.334 -1.867 1.00 22.43 ? 6  ILE A HG23 2  
ATOM 256  H HD11 . ILE A 1 6  ? -2.596  -2.280 -2.949 1.00 0.35  ? 6  ILE A HD11 2  
ATOM 257  H HD12 . ILE A 1 6  ? -4.174  -3.070 -2.922 1.00 35.33 ? 6  ILE A HD12 2  
ATOM 258  H HD13 . ILE A 1 6  ? -3.860  -1.689 -1.872 1.00 73.23 ? 6  ILE A HD13 2  
ATOM 259  N N    . ILE A 1 7  ? -0.055  -4.158 1.857  1.00 11.34 ? 7  ILE A N    2  
ATOM 260  C CA   . ILE A 1 7  ? 1.215   -4.418 2.524  1.00 23.34 ? 7  ILE A CA   2  
ATOM 261  C C    . ILE A 1 7  ? 2.298   -3.462 2.039  1.00 22.33 ? 7  ILE A C    2  
ATOM 262  O O    . ILE A 1 7  ? 2.077   -2.671 1.122  1.00 4.31  ? 7  ILE A O    2  
ATOM 263  C CB   . ILE A 1 7  ? 1.684   -5.868 2.296  1.00 54.12 ? 7  ILE A CB   2  
ATOM 264  C CG1  . ILE A 1 7  ? 1.445   -6.280 0.842  1.00 42.21 ? 7  ILE A CG1  2  
ATOM 265  C CG2  . ILE A 1 7  ? 0.966   -6.814 3.246  1.00 35.31 ? 7  ILE A CG2  2  
ATOM 266  C CD1  . ILE A 1 7  ? 0.249   -7.191 0.662  1.00 53.14 ? 7  ILE A CD1  2  
ATOM 267  H H    . ILE A 1 7  ? -0.616  -4.913 1.584  1.00 34.34 ? 7  ILE A H    2  
ATOM 268  H HA   . ILE A 1 7  ? 1.069   -4.272 3.586  1.00 40.33 ? 7  ILE A HA   2  
ATOM 269  H HB   . ILE A 1 7  ? 2.742   -5.917 2.507  1.00 52.23 ? 7  ILE A HB   2  
ATOM 270  H HG12 . ILE A 1 7  ? 1.281   -5.397 0.245  1.00 65.35 ? 7  ILE A HG12 2  
ATOM 271  H HG13 . ILE A 1 7  ? 2.317   -6.801 0.475  1.00 32.34 ? 7  ILE A HG13 2  
ATOM 272  H HG21 . ILE A 1 7  ? 1.287   -6.618 4.259  1.00 71.12 ? 7  ILE A HG21 2  
ATOM 273  H HG22 . ILE A 1 7  ? -0.099  -6.659 3.171  1.00 72.32 ? 7  ILE A HG22 2  
ATOM 274  H HG23 . ILE A 1 7  ? 1.202   -7.834 2.985  1.00 4.50  ? 7  ILE A HG23 2  
ATOM 275  H HD11 . ILE A 1 7  ? 0.010   -7.268 -0.388 1.00 54.05 ? 7  ILE A HD11 2  
ATOM 276  H HD12 . ILE A 1 7  ? 0.480   -8.170 1.053  1.00 50.51 ? 7  ILE A HD12 2  
ATOM 277  H HD13 . ILE A 1 7  ? -0.598  -6.780 1.194  1.00 2.34  ? 7  ILE A HD13 2  
ATOM 278  N N    . TRP A 1 8  ? 3.470   -3.540 2.659  1.00 41.11 ? 8  TRP A N    2  
ATOM 279  C CA   . TRP A 1 8  ? 4.589   -2.682 2.288  1.00 74.41 ? 8  TRP A CA   2  
ATOM 280  C C    . TRP A 1 8  ? 4.638   -2.473 0.779  1.00 40.53 ? 8  TRP A C    2  
ATOM 281  O O    . TRP A 1 8  ? 5.254   -3.254 0.054  1.00 53.42 ? 8  TRP A O    2  
ATOM 282  C CB   . TRP A 1 8  ? 5.907   -3.289 2.774  1.00 50.31 ? 8  TRP A CB   2  
ATOM 283  C CG   . TRP A 1 8  ? 7.039   -2.308 2.800  1.00 41.30 ? 8  TRP A CG   2  
ATOM 284  C CD1  . TRP A 1 8  ? 7.640   -1.721 1.722  1.00 63.43 ? 8  TRP A CD1  2  
ATOM 285  C CD2  . TRP A 1 8  ? 7.709   -1.801 3.959  1.00 22.10 ? 8  TRP A CD2  2  
ATOM 286  N NE1  . TRP A 1 8  ? 8.641   -0.879 2.143  1.00 1.40  ? 8  TRP A NE1  2  
ATOM 287  C CE2  . TRP A 1 8  ? 8.703   -0.910 3.510  1.00 72.30 ? 8  TRP A CE2  2  
ATOM 288  C CE3  . TRP A 1 8  ? 7.563   -2.011 5.333  1.00 10.12 ? 8  TRP A CE3  2  
ATOM 289  C CZ2  . TRP A 1 8  ? 9.547   -0.233 4.388  1.00 1.21  ? 8  TRP A CZ2  2  
ATOM 290  C CZ3  . TRP A 1 8  ? 8.401   -1.339 6.203  1.00 1.33  ? 8  TRP A CZ3  2  
ATOM 291  C CH2  . TRP A 1 8  ? 9.382   -0.458 5.727  1.00 23.04 ? 8  TRP A CH2  2  
ATOM 292  H H    . TRP A 1 8  ? 3.586   -4.191 3.383  1.00 24.20 ? 8  TRP A H    2  
ATOM 293  H HA   . TRP A 1 8  ? 4.445   -1.726 2.768  1.00 53.12 ? 8  TRP A HA   2  
ATOM 294  H HB2  . TRP A 1 8  ? 5.773   -3.669 3.775  1.00 60.51 ? 8  TRP A HB2  2  
ATOM 295  H HB3  . TRP A 1 8  ? 6.183   -4.102 2.118  1.00 54.10 ? 8  TRP A HB3  2  
ATOM 296  H HD1  . TRP A 1 8  ? 7.359   -1.902 0.696  1.00 43.21 ? 8  TRP A HD1  2  
ATOM 297  H HE1  . TRP A 1 8  ? 9.216   -0.344 1.557  1.00 73.45 ? 8  TRP A HE1  2  
ATOM 298  H HE3  . TRP A 1 8  ? 6.812   -2.686 5.719  1.00 53.23 ? 8  TRP A HE3  2  
ATOM 299  H HZ2  . TRP A 1 8  ? 10.307  0.449  4.037  1.00 0.14  ? 8  TRP A HZ2  2  
ATOM 300  H HZ3  . TRP A 1 8  ? 8.303   -1.489 7.267  1.00 22.20 ? 8  TRP A HZ3  2  
ATOM 301  H HH2  . TRP A 1 8  ? 10.015  0.045  6.442  1.00 44.12 ? 8  TRP A HH2  2  
ATOM 302  N N    . CYS A 1 9  ? 3.986   -1.414 0.311  1.00 25.25 ? 9  CYS A N    2  
ATOM 303  C CA   . CYS A 1 9  ? 3.954   -1.101 -1.112 1.00 10.43 ? 9  CYS A CA   2  
ATOM 304  C C    . CYS A 1 9  ? 3.430   0.312  -1.348 1.00 40.21 ? 9  CYS A C    2  
ATOM 305  O O    . CYS A 1 9  ? 3.257   1.087  -0.406 1.00 53.24 ? 9  CYS A O    2  
ATOM 306  C CB   . CYS A 1 9  ? 3.080   -2.112 -1.858 1.00 14.32 ? 9  CYS A CB   2  
ATOM 307  S SG   . CYS A 1 9  ? 1.303   -1.710 -1.846 1.00 11.14 ? 9  CYS A SG   2  
ATOM 308  H H    . CYS A 1 9  ? 3.513   -0.828 0.940  1.00 42.42 ? 9  CYS A H    2  
ATOM 309  H HA   . CYS A 1 9  ? 4.963   -1.165 -1.489 1.00 32.33 ? 9  CYS A HA   2  
ATOM 310  H HB2  . CYS A 1 9  ? 3.398   -2.159 -2.890 1.00 72.11 ? 9  CYS A HB2  2  
ATOM 311  H HB3  . CYS A 1 9  ? 3.201   -3.085 -1.405 1.00 43.24 ? 9  CYS A HB3  2  
ATOM 312  N N    . CYS A 1 10 ? 3.178   0.641  -2.611 1.00 63.40 ? 10 CYS A N    2  
ATOM 313  C CA   . CYS A 1 10 ? 2.674   1.960  -2.972 1.00 21.30 ? 10 CYS A CA   2  
ATOM 314  C C    . CYS A 1 10 ? 2.158   1.972  -4.408 1.00 73.41 ? 10 CYS A C    2  
ATOM 315  O O    . CYS A 1 10 ? 2.589   2.785  -5.227 1.00 15.24 ? 10 CYS A O    2  
ATOM 316  C CB   . CYS A 1 10 ? 3.772   3.012  -2.803 1.00 52.14 ? 10 CYS A CB   2  
ATOM 317  S SG   . CYS A 1 10 ? 3.183   4.603  -2.136 1.00 14.53 ? 10 CYS A SG   2  
ATOM 318  H H    . CYS A 1 10 ? 3.335   -0.020 -3.318 1.00 64.33 ? 10 CYS A H    2  
ATOM 319  H HA   . CYS A 1 10 ? 1.857   2.197  -2.307 1.00 10.53 ? 10 CYS A HA   2  
ATOM 320  H HB2  . CYS A 1 10 ? 4.524   2.632  -2.128 1.00 74.04 ? 10 CYS A HB2  2  
ATOM 321  H HB3  . CYS A 1 10 ? 4.224   3.206  -3.765 1.00 63.03 ? 10 CYS A HB3  2  
ATOM 322  N N    . LEU A 1 11 ? 1.234   1.065  -4.705 1.00 42.20 ? 11 LEU A N    2  
ATOM 323  C CA   . LEU A 1 11 ? 0.659   0.971  -6.043 1.00 23.34 ? 11 LEU A CA   2  
ATOM 324  C C    . LEU A 1 11 ? -0.441  2.010  -6.238 1.00 34.15 ? 11 LEU A C    2  
ATOM 325  O O    . LEU A 1 11 ? -0.175  3.139  -6.650 1.00 63.11 ? 11 LEU A O    2  
ATOM 326  C CB   . LEU A 1 11 ? 0.097   -0.433 -6.280 1.00 35.41 ? 11 LEU A CB   2  
ATOM 327  C CG   . LEU A 1 11 ? -0.683  -0.634 -7.579 1.00 62.42 ? 11 LEU A CG   2  
ATOM 328  C CD1  . LEU A 1 11 ? 0.236   -0.491 -8.781 1.00 33.10 ? 11 LEU A CD1  2  
ATOM 329  C CD2  . LEU A 1 11 ? -1.368  -1.993 -7.585 1.00 55.13 ? 11 LEU A CD2  2  
ATOM 330  H H    . LEU A 1 11 ? 0.931   0.445  -4.011 1.00 61.51 ? 11 LEU A H    2  
ATOM 331  H HA   . LEU A 1 11 ? 1.447   1.159  -6.756 1.00 44.14 ? 11 LEU A HA   2  
ATOM 332  H HB2  . LEU A 1 11 ? 0.927   -1.125 -6.281 1.00 42.55 ? 11 LEU A HB2  2  
ATOM 333  H HB3  . LEU A 1 11 ? -0.562  -0.667 -5.456 1.00 24.33 ? 11 LEU A HB3  2  
ATOM 334  H HG   . LEU A 1 11 ? -1.448  0.128  -7.652 1.00 13.20 ? 11 LEU A HG   2  
ATOM 335  H HD11 . LEU A 1 11 ? 1.076   0.135  -8.520 1.00 55.44 ? 11 LEU A HD11 2  
ATOM 336  H HD12 . LEU A 1 11 ? -0.307  -0.043 -9.599 1.00 5.50  ? 11 LEU A HD12 2  
ATOM 337  H HD13 . LEU A 1 11 ? 0.593   -1.467 -9.079 1.00 34.34 ? 11 LEU A HD13 2  
ATOM 338  H HD21 . LEU A 1 11 ? -0.632  -2.766 -7.422 1.00 50.40 ? 11 LEU A HD21 2  
ATOM 339  H HD22 . LEU A 1 11 ? -1.848  -2.149 -8.540 1.00 42.25 ? 11 LEU A HD22 2  
ATOM 340  H HD23 . LEU A 1 11 ? -2.107  -2.027 -6.800 1.00 72.24 ? 11 LEU A HD23 2  
ATOM 341  N N    . SER A 1 1  ? -1.287  -1.389 4.955  1.00 1.00  ? 1  SER A N    3  
ATOM 342  C CA   . SER A 1 1  ? -2.275  -0.437 4.462  1.00 63.32 ? 1  SER A CA   3  
ATOM 343  C C    . SER A 1 1  ? -1.601  0.694  3.690  1.00 42.10 ? 1  SER A C    3  
ATOM 344  O O    . SER A 1 1  ? -1.890  1.871  3.910  1.00 22.34 ? 1  SER A O    3  
ATOM 345  C CB   . SER A 1 1  ? -3.084  0.138  5.627  1.00 62.14 ? 1  SER A CB   3  
ATOM 346  O OG   . SER A 1 1  ? -4.056  1.061  5.166  1.00 44.51 ? 1  SER A OG   3  
ATOM 347  H H1   . SER A 1 1  ? -0.483  -1.564 4.423  1.00 41.25 ? 1  SER A H1   3  
ATOM 348  H HA   . SER A 1 1  ? -2.942  -0.965 3.797  1.00 72.04 ? 1  SER A HA   3  
ATOM 349  H HB2  . SER A 1 1  ? -3.586  -0.665 6.144  1.00 34.03 ? 1  SER A HB2  3  
ATOM 350  H HB3  . SER A 1 1  ? -2.418  0.646  6.309  1.00 61.41 ? 1  SER A HB3  3  
ATOM 351  H HG   . SER A 1 1  ? -4.814  0.583  4.821  1.00 4.23  ? 1  SER A HG   3  
ATOM 352  N N    . CYS A 1 2  ? -0.702  0.327  2.783  1.00 71.43 ? 2  CYS A N    3  
ATOM 353  C CA   . CYS A 1 2  ? 0.015   1.309  1.977  1.00 2.43  ? 2  CYS A CA   3  
ATOM 354  C C    . CYS A 1 2  ? -0.936  2.032  1.029  1.00 41.33 ? 2  CYS A C    3  
ATOM 355  O O    . CYS A 1 2  ? -2.124  2.183  1.317  1.00 35.51 ? 2  CYS A O    3  
ATOM 356  C CB   . CYS A 1 2  ? 1.129   0.628  1.179  1.00 4.42  ? 2  CYS A CB   3  
ATOM 357  S SG   . CYS A 1 2  ? 0.540   -0.316 -0.264 1.00 72.14 ? 2  CYS A SG   3  
ATOM 358  H H    . CYS A 1 2  ? -0.514  -0.626 2.653  1.00 23.21 ? 2  CYS A H    3  
ATOM 359  H HA   . CYS A 1 2  ? 0.454   2.032  2.647  1.00 10.31 ? 2  CYS A HA   3  
ATOM 360  H HB2  . CYS A 1 2  ? 1.815   1.381  0.821  1.00 53.31 ? 2  CYS A HB2  3  
ATOM 361  H HB3  . CYS A 1 2  ? 1.658   -0.056 1.826  1.00 2.33  ? 2  CYS A HB3  3  
ATOM 362  N N    . CYS A 1 3  ? -0.407  2.477  -0.106 1.00 14.40 ? 3  CYS A N    3  
ATOM 363  C CA   . CYS A 1 3  ? -1.207  3.185  -1.098 1.00 11.34 ? 3  CYS A CA   3  
ATOM 364  C C    . CYS A 1 3  ? -1.160  2.469  -2.445 1.00 3.40  ? 3  CYS A C    3  
ATOM 365  O O    . CYS A 1 3  ? -0.162  2.509  -3.163 1.00 12.20 ? 3  CYS A O    3  
ATOM 366  C CB   . CYS A 1 3  ? -0.708  4.623  -1.255 1.00 13.21 ? 3  CYS A CB   3  
ATOM 367  S SG   . CYS A 1 3  ? 1.082   4.759  -1.562 1.00 54.44 ? 3  CYS A SG   3  
ATOM 368  H H    . CYS A 1 3  ? 0.547   2.327  -0.280 1.00 4.45  ? 3  CYS A H    3  
ATOM 369  H HA   . CYS A 1 3  ? -2.228  3.204  -0.749 1.00 53.20 ? 3  CYS A HA   3  
ATOM 370  H HB2  . CYS A 1 3  ? -1.219  5.084  -2.088 1.00 61.31 ? 3  CYS A HB2  3  
ATOM 371  H HB3  . CYS A 1 3  ? -0.930  5.173  -0.353 1.00 61.42 ? 3  CYS A HB3  3  
ATOM 372  N N    . PRO A 1 4  ? -2.268  1.798  -2.797 1.00 53.34 ? 4  PRO A N    3  
ATOM 373  C CA   . PRO A 1 4  ? -3.462  1.743  -1.950 1.00 44.41 ? 4  PRO A CA   3  
ATOM 374  C C    . PRO A 1 4  ? -3.242  0.914  -0.689 1.00 12.12 ? 4  PRO A C    3  
ATOM 375  O O    . PRO A 1 4  ? -2.182  0.315  -0.507 1.00 1.34  ? 4  PRO A O    3  
ATOM 376  C CB   . PRO A 1 4  ? -4.507  1.080  -2.851 1.00 14.25 ? 4  PRO A CB   3  
ATOM 377  C CG   . PRO A 1 4  ? -3.712  0.275  -3.822 1.00 72.24 ? 4  PRO A CG   3  
ATOM 378  C CD   . PRO A 1 4  ? -2.438  1.041  -4.048 1.00 51.44 ? 4  PRO A CD   3  
ATOM 379  H HA   . PRO A 1 4  ? -3.800  2.732  -1.674 1.00 14.11 ? 4  PRO A HA   3  
ATOM 380  H HB2  . PRO A 1 4  ? -5.154  0.452  -2.255 1.00 62.33 ? 4  PRO A HB2  3  
ATOM 381  H HB3  . PRO A 1 4  ? -5.090  1.838  -3.351 1.00 13.32 ? 4  PRO A HB3  3  
ATOM 382  H HG2  . PRO A 1 4  ? -3.497  -0.696 -3.405 1.00 54.31 ? 4  PRO A HG2  3  
ATOM 383  H HG3  . PRO A 1 4  ? -4.258  0.176  -4.749 1.00 34.32 ? 4  PRO A HG3  3  
ATOM 384  H HD2  . PRO A 1 4  ? -1.612  0.363  -4.204 1.00 13.12 ? 4  PRO A HD2  3  
ATOM 385  H HD3  . PRO A 1 4  ? -2.543  1.709  -4.890 1.00 51.54 ? 4  PRO A HD3  3  
ATOM 386  N N    . TRP A 1 5  ? -4.249  0.883  0.177  1.00 52.44 ? 5  TRP A N    3  
ATOM 387  C CA   . TRP A 1 5  ? -4.164  0.126  1.420  1.00 2.22  ? 5  TRP A CA   3  
ATOM 388  C C    . TRP A 1 5  ? -3.682  -1.297 1.159  1.00 64.12 ? 5  TRP A C    3  
ATOM 389  O O    . TRP A 1 5  ? -4.488  -2.211 0.978  1.00 33.24 ? 5  TRP A O    3  
ATOM 390  C CB   . TRP A 1 5  ? -5.525  0.097  2.117  1.00 13.33 ? 5  TRP A CB   3  
ATOM 391  C CG   . TRP A 1 5  ? -6.660  -0.222 1.191  1.00 61.33 ? 5  TRP A CG   3  
ATOM 392  C CD1  . TRP A 1 5  ? -7.101  -1.463 0.832  1.00 4.41  ? 5  TRP A CD1  3  
ATOM 393  C CD2  . TRP A 1 5  ? -7.496  0.717  0.506  1.00 71.15 ? 5  TRP A CD2  3  
ATOM 394  N NE1  . TRP A 1 5  ? -8.160  -1.353 -0.035 1.00 45.34 ? 5  TRP A NE1  3  
ATOM 395  C CE2  . TRP A 1 5  ? -8.423  -0.025 -0.251 1.00 4.03  ? 5  TRP A CE2  3  
ATOM 396  C CE3  . TRP A 1 5  ? -7.553  2.113  0.459  1.00 0.03  ? 5  TRP A CE3  3  
ATOM 397  C CZ2  . TRP A 1 5  ? -9.393  0.582  -1.043 1.00 11.25 ? 5  TRP A CZ2  3  
ATOM 398  C CZ3  . TRP A 1 5  ? -8.516  2.714  -0.329 1.00 24.53 ? 5  TRP A CZ3  3  
ATOM 399  C CH2  . TRP A 1 5  ? -9.426  1.950  -1.071 1.00 4.24  ? 5  TRP A CH2  3  
ATOM 400  H H    . TRP A 1 5  ? -5.068  1.382  -0.025 1.00 22.14 ? 5  TRP A H    3  
ATOM 401  H HA   . TRP A 1 5  ? -3.451  0.623  2.061  1.00 23.52 ? 5  TRP A HA   3  
ATOM 402  H HB2  . TRP A 1 5  ? -5.509  -0.652 2.894  1.00 32.04 ? 5  TRP A HB2  3  
ATOM 403  H HB3  . TRP A 1 5  ? -5.715  1.065  2.559  1.00 4.35  ? 5  TRP A HB3  3  
ATOM 404  H HD1  . TRP A 1 5  ? -6.669  -2.387 1.184  1.00 40.13 ? 5  TRP A HD1  3  
ATOM 405  H HE1  . TRP A 1 5  ? -8.650  -2.103 -0.433 1.00 42.21 ? 5  TRP A HE1  3  
ATOM 406  H HE3  . TRP A 1 5  ? -6.861  2.719  1.024  1.00 30.24 ? 5  TRP A HE3  3  
ATOM 407  H HZ2  . TRP A 1 5  ? -10.102 0.006  -1.621 1.00 62.44 ? 5  TRP A HZ2  3  
ATOM 408  H HZ3  . TRP A 1 5  ? -8.575  3.792  -0.377 1.00 32.35 ? 5  TRP A HZ3  3  
ATOM 409  H HH2  . TRP A 1 5  ? -10.161 2.461  -1.672 1.00 64.34 ? 5  TRP A HH2  3  
ATOM 410  N N    . ILE A 1 6  ? -2.366  -1.478 1.141  1.00 50.25 ? 6  ILE A N    3  
ATOM 411  C CA   . ILE A 1 6  ? -1.778  -2.790 0.903  1.00 24.45 ? 6  ILE A CA   3  
ATOM 412  C C    . ILE A 1 6  ? -0.427  -2.921 1.598  1.00 5.25  ? 6  ILE A C    3  
ATOM 413  O O    . ILE A 1 6  ? 0.223   -1.923 1.906  1.00 31.51 ? 6  ILE A O    3  
ATOM 414  C CB   . ILE A 1 6  ? -1.598  -3.062 -0.602 1.00 44.32 ? 6  ILE A CB   3  
ATOM 415  C CG1  . ILE A 1 6  ? -2.925  -3.498 -1.226 1.00 4.41  ? 6  ILE A CG1  3  
ATOM 416  C CG2  . ILE A 1 6  ? -0.528  -4.121 -0.824 1.00 42.13 ? 6  ILE A CG2  3  
ATOM 417  C CD1  . ILE A 1 6  ? -3.422  -2.562 -2.305 1.00 2.32  ? 6  ILE A CD1  3  
ATOM 418  H H    . ILE A 1 6  ? -1.776  -0.710 1.291  1.00 24.53 ? 6  ILE A H    3  
ATOM 419  H HA   . ILE A 1 6  ? -2.452  -3.533 1.305  1.00 20.15 ? 6  ILE A HA   3  
ATOM 420  H HB   . ILE A 1 6  ? -1.270  -2.149 -1.073 1.00 32.11 ? 6  ILE A HB   3  
ATOM 421  H HG12 . ILE A 1 6  ? -2.805  -4.476 -1.666 1.00 64.11 ? 6  ILE A HG12 3  
ATOM 422  H HG13 . ILE A 1 6  ? -3.679  -3.546 -0.453 1.00 53.53 ? 6  ILE A HG13 3  
ATOM 423  H HG21 . ILE A 1 6  ? -0.440  -4.327 -1.881 1.00 72.04 ? 6  ILE A HG21 3  
ATOM 424  H HG22 . ILE A 1 6  ? 0.417   -3.761 -0.448 1.00 34.41 ? 6  ILE A HG22 3  
ATOM 425  H HG23 . ILE A 1 6  ? -0.803  -5.026 -0.303 1.00 41.24 ? 6  ILE A HG23 3  
ATOM 426  H HD11 . ILE A 1 6  ? -3.855  -1.683 -1.849 1.00 22.04 ? 6  ILE A HD11 3  
ATOM 427  H HD12 . ILE A 1 6  ? -2.598  -2.272 -2.938 1.00 35.40 ? 6  ILE A HD12 3  
ATOM 428  H HD13 . ILE A 1 6  ? -4.172  -3.065 -2.899 1.00 41.14 ? 6  ILE A HD13 3  
ATOM 429  N N    . ILE A 1 7  ? -0.010  -4.160 1.840  1.00 3.42  ? 7  ILE A N    3  
ATOM 430  C CA   . ILE A 1 7  ? 1.265   -4.421 2.494  1.00 21.03 ? 7  ILE A CA   3  
ATOM 431  C C    . ILE A 1 7  ? 2.344   -3.464 2.001  1.00 71.05 ? 7  ILE A C    3  
ATOM 432  O O    . ILE A 1 7  ? 2.113   -2.671 1.087  1.00 23.22 ? 7  ILE A O    3  
ATOM 433  C CB   . ILE A 1 7  ? 1.733   -5.870 2.257  1.00 5.11  ? 7  ILE A CB   3  
ATOM 434  C CG1  . ILE A 1 7  ? 1.478   -6.280 0.805  1.00 61.31 ? 7  ILE A CG1  3  
ATOM 435  C CG2  . ILE A 1 7  ? 1.025   -6.818 3.214  1.00 15.00 ? 7  ILE A CG2  3  
ATOM 436  C CD1  . ILE A 1 7  ? 0.280   -7.189 0.636  1.00 61.44 ? 7  ILE A CD1  3  
ATOM 437  H H    . ILE A 1 7  ? -0.573  -4.915 1.570  1.00 30.12 ? 7  ILE A H    3  
ATOM 438  H HA   . ILE A 1 7  ? 1.129   -4.278 3.557  1.00 74.22 ? 7  ILE A HA   3  
ATOM 439  H HB   . ILE A 1 7  ? 2.792   -5.920 2.457  1.00 62.43 ? 7  ILE A HB   3  
ATOM 440  H HG12 . ILE A 1 7  ? 1.309   -5.396 0.212  1.00 63.34 ? 7  ILE A HG12 3  
ATOM 441  H HG13 . ILE A 1 7  ? 2.346   -6.801 0.429  1.00 53.33 ? 7  ILE A HG13 3  
ATOM 442  H HG21 . ILE A 1 7  ? 1.257   -7.839 2.945  1.00 73.14 ? 7  ILE A HG21 3  
ATOM 443  H HG22 . ILE A 1 7  ? 1.360   -6.628 4.222  1.00 33.32 ? 7  ILE A HG22 3  
ATOM 444  H HG23 . ILE A 1 7  ? -0.041  -6.662 3.152  1.00 24.04 ? 7  ILE A HG23 3  
ATOM 445  H HD11 . ILE A 1 7  ? 0.029   -7.263 -0.412 1.00 73.42 ? 7  ILE A HD11 3  
ATOM 446  H HD12 . ILE A 1 7  ? 0.514   -8.169 1.021  1.00 31.33 ? 7  ILE A HD12 3  
ATOM 447  H HD13 . ILE A 1 7  ? -0.561  -6.780 1.178  1.00 11.05 ? 7  ILE A HD13 3  
ATOM 448  N N    . TRP A 1 8  ? 3.521   -3.543 2.610  1.00 11.34 ? 8  TRP A N    3  
ATOM 449  C CA   . TRP A 1 8  ? 4.637   -2.684 2.230  1.00 42.21 ? 8  TRP A CA   3  
ATOM 450  C C    . TRP A 1 8  ? 4.672   -2.471 0.721  1.00 61.33 ? 8  TRP A C    3  
ATOM 451  O O    . TRP A 1 8  ? 5.282   -3.249 -0.012 1.00 2.44  ? 8  TRP A O    3  
ATOM 452  C CB   . TRP A 1 8  ? 5.959   -3.291 2.703  1.00 2.10  ? 8  TRP A CB   3  
ATOM 453  C CG   . TRP A 1 8  ? 7.055   -2.281 2.858  1.00 61.10 ? 8  TRP A CG   3  
ATOM 454  C CD1  . TRP A 1 8  ? 7.666   -1.576 1.861  1.00 34.32 ? 8  TRP A CD1  3  
ATOM 455  C CD2  . TRP A 1 8  ? 7.670   -1.866 4.083  1.00 54.32 ? 8  TRP A CD2  3  
ATOM 456  N NE1  . TRP A 1 8  ? 8.625   -0.747 2.393  1.00 52.53 ? 8  TRP A NE1  3  
ATOM 457  C CE2  . TRP A 1 8  ? 8.647   -0.905 3.754  1.00 45.55 ? 8  TRP A CE2  3  
ATOM 458  C CE3  . TRP A 1 8  ? 7.490   -2.210 5.425  1.00 14.31 ? 8  TRP A CE3  3  
ATOM 459  C CZ2  . TRP A 1 8  ? 9.439   -0.289 4.718  1.00 43.24 ? 8  TRP A CZ2  3  
ATOM 460  C CZ3  . TRP A 1 8  ? 8.277   -1.597 6.381  1.00 13.14 ? 8  TRP A CZ3  3  
ATOM 461  C CH2  . TRP A 1 8  ? 9.240   -0.644 6.024  1.00 33.31 ? 8  TRP A CH2  3  
ATOM 462  H H    . TRP A 1 8  ? 3.644   -4.195 3.331  1.00 20.33 ? 8  TRP A H    3  
ATOM 463  H HA   . TRP A 1 8  ? 4.497   -1.728 2.714  1.00 31.11 ? 8  TRP A HA   3  
ATOM 464  H HB2  . TRP A 1 8  ? 5.807   -3.769 3.659  1.00 31.40 ? 8  TRP A HB2  3  
ATOM 465  H HB3  . TRP A 1 8  ? 6.284   -4.029 1.984  1.00 1.11  ? 8  TRP A HB3  3  
ATOM 466  H HD1  . TRP A 1 8  ? 7.424   -1.668 0.814  1.00 51.33 ? 8  TRP A HD1  3  
ATOM 467  H HE1  . TRP A 1 8  ? 9.199   -0.139 1.880  1.00 41.11 ? 8  TRP A HE1  3  
ATOM 468  H HE3  . TRP A 1 8  ? 6.753   -2.941 5.720  1.00 10.45 ? 8  TRP A HE3  3  
ATOM 469  H HZ2  . TRP A 1 8  ? 10.185  0.448  4.459  1.00 3.30  ? 8  TRP A HZ2  3  
ATOM 470  H HZ3  . TRP A 1 8  ? 8.152   -1.851 7.424  1.00 53.03 ? 8  TRP A HZ3  3  
ATOM 471  H HH2  . TRP A 1 8  ? 9.833   -0.191 6.804  1.00 0.14  ? 8  TRP A HH2  3  
ATOM 472  N N    . CYS A 1 9  ? 4.014   -1.412 0.261  1.00 21.32 ? 9  CYS A N    3  
ATOM 473  C CA   . CYS A 1 9  ? 3.969   -1.097 -1.161 1.00 74.04 ? 9  CYS A CA   3  
ATOM 474  C C    . CYS A 1 9  ? 3.442   0.319  -1.388 1.00 13.55 ? 9  CYS A C    3  
ATOM 475  O O    . CYS A 1 9  ? 3.280   1.091  -0.443 1.00 43.21 ? 9  CYS A O    3  
ATOM 476  C CB   . CYS A 1 9  ? 3.089   -2.105 -1.901 1.00 51.23 ? 9  CYS A CB   3  
ATOM 477  S SG   . CYS A 1 9  ? 1.312   -1.704 -1.871 1.00 21.20 ? 9  CYS A SG   3  
ATOM 478  H H    . CYS A 1 9  ? 3.546   -0.827 0.896  1.00 13.31 ? 9  CYS A H    3  
ATOM 479  H HA   . CYS A 1 9  ? 4.975   -1.159 -1.547 1.00 72.20 ? 9  CYS A HA   3  
ATOM 480  H HB2  . CYS A 1 9  ? 3.397   -2.150 -2.935 1.00 70.14 ? 9  CYS A HB2  3  
ATOM 481  H HB3  . CYS A 1 9  ? 3.215   -3.079 -1.451 1.00 60.01 ? 9  CYS A HB3  3  
ATOM 482  N N    . CYS A 1 10 ? 3.178   0.650  -2.647 1.00 14.52 ? 10 CYS A N    3  
ATOM 483  C CA   . CYS A 1 10 ? 2.670   1.970  -3.001 1.00 75.30 ? 10 CYS A CA   3  
ATOM 484  C C    . CYS A 1 10 ? 2.142   1.984  -4.432 1.00 20.34 ? 10 CYS A C    3  
ATOM 485  O O    . CYS A 1 10 ? 2.565   2.798  -5.253 1.00 40.34 ? 10 CYS A O    3  
ATOM 486  C CB   . CYS A 1 10 ? 3.770   3.022  -2.840 1.00 3.40  ? 10 CYS A CB   3  
ATOM 487  S SG   . CYS A 1 10 ? 3.187   4.610  -2.166 1.00 23.01 ? 10 CYS A SG   3  
ATOM 488  H H    . CYS A 1 10 ? 3.328   -0.010 -3.357 1.00 14.20 ? 10 CYS A H    3  
ATOM 489  H HA   . CYS A 1 10 ? 1.860   2.204  -2.328 1.00 41.05 ? 10 CYS A HA   3  
ATOM 490  H HB2  . CYS A 1 10 ? 4.528   2.640  -2.172 1.00 51.31 ? 10 CYS A HB2  3  
ATOM 491  H HB3  . CYS A 1 10 ? 4.214   3.217  -3.806 1.00 61.02 ? 10 CYS A HB3  3  
ATOM 492  N N    . LEU A 1 11 ? 1.215   1.079  -4.723 1.00 3.44  ? 11 LEU A N    3  
ATOM 493  C CA   . LEU A 1 11 ? 0.627   0.986  -6.054 1.00 55.52 ? 11 LEU A CA   3  
ATOM 494  C C    . LEU A 1 11 ? -0.475  2.025  -6.237 1.00 61.01 ? 11 LEU A C    3  
ATOM 495  O O    . LEU A 1 11 ? -0.686  2.534  -7.338 1.00 24.12 ? 11 LEU A O    3  
ATOM 496  C CB   . LEU A 1 11 ? 0.065   -0.418 -6.290 1.00 63.24 ? 11 LEU A CB   3  
ATOM 497  C CG   . LEU A 1 11 ? -0.720  -0.617 -7.587 1.00 2.43  ? 11 LEU A CG   3  
ATOM 498  C CD1  . LEU A 1 11 ? 0.213   -0.569 -8.788 1.00 25.33 ? 11 LEU A CD1  3  
ATOM 499  C CD2  . LEU A 1 11 ? -1.481  -1.935 -7.552 1.00 52.14 ? 11 LEU A CD2  3  
ATOM 500  H H    . LEU A 1 11 ? 0.918   0.456  -4.027 1.00 21.50 ? 11 LEU A H    3  
ATOM 501  H HA   . LEU A 1 11 ? 1.408   1.177  -6.776 1.00 12.13 ? 11 LEU A HA   3  
ATOM 502  H HB2  . LEU A 1 11 ? 0.893   -1.109 -6.295 1.00 73.02 ? 11 LEU A HB2  3  
ATOM 503  H HB3  . LEU A 1 11 ? -0.592  -0.651 -5.464 1.00 3.52  ? 11 LEU A HB3  3  
ATOM 504  H HG   . LEU A 1 11 ? -1.440  0.182  -7.692 1.00 54.32 ? 11 LEU A HG   3  
ATOM 505  H HD11 . LEU A 1 11 ? 0.290   0.446  -9.143 1.00 72.33 ? 11 LEU A HD11 3  
ATOM 506  H HD12 . LEU A 1 11 ? -0.181  -1.197 -9.574 1.00 32.22 ? 11 LEU A HD12 3  
ATOM 507  H HD13 . LEU A 1 11 ? 1.190   -0.927 -8.498 1.00 54.15 ? 11 LEU A HD13 3  
ATOM 508  H HD21 . LEU A 1 11 ? -1.886  -2.090 -6.564 1.00 62.33 ? 11 LEU A HD21 3  
ATOM 509  H HD22 . LEU A 1 11 ? -0.808  -2.745 -7.796 1.00 73.13 ? 11 LEU A HD22 3  
ATOM 510  H HD23 . LEU A 1 11 ? -2.285  -1.905 -8.272 1.00 22.02 ? 11 LEU A HD23 3  
ATOM 511  N N    . SER A 1 1  ? -1.122  -0.883 4.686  1.00 41.12 ? 1  SER A N    4  
ATOM 512  C CA   . SER A 1 1  ? -2.198  0.072  4.444  1.00 30.14 ? 1  SER A CA   4  
ATOM 513  C C    . SER A 1 1  ? -1.713  1.230  3.578  1.00 30.42 ? 1  SER A C    4  
ATOM 514  O O    . SER A 1 1  ? -2.187  2.359  3.710  1.00 12.13 ? 1  SER A O    4  
ATOM 515  C CB   . SER A 1 1  ? -2.744  0.604  5.771  1.00 73.10 ? 1  SER A CB   4  
ATOM 516  O OG   . SER A 1 1  ? -4.121  0.920  5.666  1.00 11.13 ? 1  SER A OG   4  
ATOM 517  H H1   . SER A 1 1  ? -0.948  -1.186 5.603  1.00 41.51 ? 1  SER A H1   4  
ATOM 518  H HA   . SER A 1 1  ? -2.988  -0.447 3.922  1.00 64.21 ? 1  SER A HA   4  
ATOM 519  H HB2  . SER A 1 1  ? -2.616  -0.145 6.537  1.00 54.52 ? 1  SER A HB2  4  
ATOM 520  H HB3  . SER A 1 1  ? -2.201  1.497  6.046  1.00 65.33 ? 1  SER A HB3  4  
ATOM 521  H HG   . SER A 1 1  ? -4.595  0.169  5.300  1.00 73.12 ? 1  SER A HG   4  
ATOM 522  N N    . CYS A 1 2  ? -0.765  0.942  2.694  1.00 13.32 ? 2  CYS A N    4  
ATOM 523  C CA   . CYS A 1 2  ? -0.213  1.959  1.805  1.00 21.45 ? 2  CYS A CA   4  
ATOM 524  C C    . CYS A 1 2  ? -1.267  2.443  0.813  1.00 71.43 ? 2  CYS A C    4  
ATOM 525  O O    . CYS A 1 2  ? -2.463  2.426  1.104  1.00 1.32  ? 2  CYS A O    4  
ATOM 526  C CB   . CYS A 1 2  ? 0.997   1.404  1.051  1.00 4.51  ? 2  CYS A CB   4  
ATOM 527  S SG   . CYS A 1 2  ? 0.568   0.268  -0.308 1.00 21.30 ? 2  CYS A SG   4  
ATOM 528  H H    . CYS A 1 2  ? -0.427  0.023  2.636  1.00 23.23 ? 2  CYS A H    4  
ATOM 529  H HA   . CYS A 1 2  ? 0.104   2.792  2.412  1.00 64.41 ? 2  CYS A HA   4  
ATOM 530  H HB2  . CYS A 1 2  ? 1.555   2.225  0.627  1.00 51.03 ? 2  CYS A HB2  4  
ATOM 531  H HB3  . CYS A 1 2  ? 1.628   0.866  1.742  1.00 25.43 ? 2  CYS A HB3  4  
ATOM 532  N N    . CYS A 1 3  ? -0.813  2.877  -0.358 1.00 52.10 ? 3  CYS A N    4  
ATOM 533  C CA   . CYS A 1 3  ? -1.714  3.368  -1.393 1.00 52.11 ? 3  CYS A CA   4  
ATOM 534  C C    . CYS A 1 3  ? -1.552  2.565  -2.681 1.00 32.02 ? 3  CYS A C    4  
ATOM 535  O O    . CYS A 1 3  ? -0.571  2.706  -3.411 1.00 64.03 ? 3  CYS A O    4  
ATOM 536  C CB   . CYS A 1 3  ? -1.451  4.850  -1.667 1.00 2.11  ? 3  CYS A CB   4  
ATOM 537  S SG   . CYS A 1 3  ? 0.295   5.245  -2.004 1.00 64.55 ? 3  CYS A SG   4  
ATOM 538  H H    . CYS A 1 3  ? 0.152   2.867  -0.530 1.00 15.14 ? 3  CYS A H    4  
ATOM 539  H HA   . CYS A 1 3  ? -2.725  3.251  -1.036 1.00 64.33 ? 3  CYS A HA   4  
ATOM 540  H HB2  . CYS A 1 3  ? -2.029  5.157  -2.527 1.00 75.10 ? 3  CYS A HB2  4  
ATOM 541  H HB3  . CYS A 1 3  ? -1.759  5.427  -0.808 1.00 42.03 ? 3  CYS A HB3  4  
ATOM 542  N N    . PRO A 1 4  ? -2.537  1.701  -2.967 1.00 2.11  ? 4  PRO A N    4  
ATOM 543  C CA   . PRO A 1 4  ? -3.709  1.523  -2.104 1.00 1.43  ? 4  PRO A CA   4  
ATOM 544  C C    . PRO A 1 4  ? -3.361  0.840  -0.786 1.00 51.15 ? 4  PRO A C    4  
ATOM 545  O O    . PRO A 1 4  ? -2.219  0.435  -0.569 1.00 4.31  ? 4  PRO A O    4  
ATOM 546  C CB   . PRO A 1 4  ? -4.633  0.632  -2.940 1.00 31.43 ? 4  PRO A CB   4  
ATOM 547  C CG   . PRO A 1 4  ? -3.718  -0.109 -3.854 1.00 50.23 ? 4  PRO A CG   4  
ATOM 548  C CD   . PRO A 1 4  ? -2.583  0.830  -4.154 1.00 32.24 ? 4  PRO A CD   4  
ATOM 549  H HA   . PRO A 1 4  ? -4.200  2.464  -1.903 1.00 4.23  ? 4  PRO A HA   4  
ATOM 550  H HB2  . PRO A 1 4  ? -5.173  -0.041 -2.289 1.00 1.15  ? 4  PRO A HB2  4  
ATOM 551  H HB3  . PRO A 1 4  ? -5.329  1.245  -3.490 1.00 43.35 ? 4  PRO A HB3  4  
ATOM 552  H HG2  . PRO A 1 4  ? -3.351  -0.998 -3.365 1.00 50.33 ? 4  PRO A HG2  4  
ATOM 553  H HG3  . PRO A 1 4  ? -4.240  -0.367 -4.764 1.00 44.20 ? 4  PRO A HG3  4  
ATOM 554  H HD2  . PRO A 1 4  ? -1.659  0.282  -4.265 1.00 23.30 ? 4  PRO A HD2  4  
ATOM 555  H HD3  . PRO A 1 4  ? -2.792  1.404  -5.044 1.00 73.54 ? 4  PRO A HD3  4  
ATOM 556  N N    . TRP A 1 5  ? -4.351  0.718  0.091  1.00 23.10 ? 5  TRP A N    4  
ATOM 557  C CA   . TRP A 1 5  ? -4.148  0.084  1.389  1.00 44.31 ? 5  TRP A CA   4  
ATOM 558  C C    . TRP A 1 5  ? -3.445  -1.260 1.234  1.00 43.12 ? 5  TRP A C    4  
ATOM 559  O O    . TRP A 1 5  ? -4.094  -2.302 1.134  1.00 14.00 ? 5  TRP A O    4  
ATOM 560  C CB   . TRP A 1 5  ? -5.489  -0.106 2.101  1.00 14.40 ? 5  TRP A CB   4  
ATOM 561  C CG   . TRP A 1 5  ? -6.556  -0.672 1.216  1.00 4.34  ? 5  TRP A CG   4  
ATOM 562  C CD1  . TRP A 1 5  ? -6.793  -1.994 0.959  1.00 41.25 ? 5  TRP A CD1  4  
ATOM 563  C CD2  . TRP A 1 5  ? -7.531  0.064  0.469  1.00 61.02 ? 5  TRP A CD2  4  
ATOM 564  N NE1  . TRP A 1 5  ? -7.857  -2.122 0.097  1.00 75.44 ? 5  TRP A NE1  4  
ATOM 565  C CE2  . TRP A 1 5  ? -8.327  -0.874 -0.218 1.00 23.40 ? 5  TRP A CE2  4  
ATOM 566  C CE3  . TRP A 1 5  ? -7.810  1.425  0.315  1.00 12.44 ? 5  TRP A CE3  4  
ATOM 567  C CZ2  . TRP A 1 5  ? -9.380  -0.493 -1.044 1.00 13.12 ? 5  TRP A CZ2  4  
ATOM 568  C CZ3  . TRP A 1 5  ? -8.856  1.801  -0.506 1.00 1.31  ? 5  TRP A CZ3  4  
ATOM 569  C CH2  . TRP A 1 5  ? -9.631  0.846  -1.177 1.00 13.41 ? 5  TRP A CH2  4  
ATOM 570  H H    . TRP A 1 5  ? -5.239  1.063  -0.139 1.00 4.43  ? 5  TRP A H    4  
ATOM 571  H HA   . TRP A 1 5  ? -3.526  0.738  1.981  1.00 31.42 ? 5  TRP A HA   4  
ATOM 572  H HB2  . TRP A 1 5  ? -5.354  -0.780 2.934  1.00 53.31 ? 5  TRP A HB2  4  
ATOM 573  H HB3  . TRP A 1 5  ? -5.831  0.850  2.468  1.00 44.33 ? 5  TRP A HB3  4  
ATOM 574  H HD1  . TRP A 1 5  ? -6.220  -2.806 1.377  1.00 53.23 ? 5  TRP A HD1  4  
ATOM 575  H HE1  . TRP A 1 5  ? -8.219  -2.970 -0.236 1.00 71.42 ? 5  TRP A HE1  4  
ATOM 576  H HE3  . TRP A 1 5  ? -7.224  2.176  0.823  1.00 72.51 ? 5  TRP A HE3  4  
ATOM 577  H HZ2  . TRP A 1 5  ? -9.987  -1.218 -1.567 1.00 43.12 ? 5  TRP A HZ2  4  
ATOM 578  H HZ3  . TRP A 1 5  ? -9.086  2.848  -0.639 1.00 24.33 ? 5  TRP A HZ3  4  
ATOM 579  H HH2  . TRP A 1 5  ? -10.437 1.185  -1.809 1.00 61.54 ? 5  TRP A HH2  4  
ATOM 580  N N    . ILE A 1 6  ? -2.117  -1.229 1.215  1.00 53.12 ? 6  ILE A N    4  
ATOM 581  C CA   . ILE A 1 6  ? -1.327  -2.445 1.074  1.00 1.13  ? 6  ILE A CA   4  
ATOM 582  C C    . ILE A 1 6  ? 0.026   -2.305 1.762  1.00 34.22 ? 6  ILE A C    4  
ATOM 583  O O    . ILE A 1 6  ? 0.509   -1.194 1.984  1.00 44.50 ? 6  ILE A O    4  
ATOM 584  C CB   . ILE A 1 6  ? -1.104  -2.803 -0.407 1.00 53.44 ? 6  ILE A CB   4  
ATOM 585  C CG1  . ILE A 1 6  ? -2.343  -3.493 -0.980 1.00 1.34  ? 6  ILE A CG1  4  
ATOM 586  C CG2  . ILE A 1 6  ? 0.122   -3.692 -0.558 1.00 75.11 ? 6  ILE A CG2  4  
ATOM 587  C CD1  . ILE A 1 6  ? -2.981  -2.736 -2.123 1.00 3.20  ? 6  ILE A CD1  4  
ATOM 588  H H    . ILE A 1 6  ? -1.658  -0.367 1.299  1.00 31.23 ? 6  ILE A H    4  
ATOM 589  H HA   . ILE A 1 6  ? -1.874  -3.254 1.540  1.00 71.24 ? 6  ILE A HA   4  
ATOM 590  H HB   . ILE A 1 6  ? -0.925  -1.889 -0.951 1.00 52.43 ? 6  ILE A HB   4  
ATOM 591  H HG12 . ILE A 1 6  ? -2.067  -4.471 -1.344 1.00 62.52 ? 6  ILE A HG12 4  
ATOM 592  H HG13 . ILE A 1 6  ? -3.081  -3.600 -0.198 1.00 34.10 ? 6  ILE A HG13 4  
ATOM 593  H HG21 . ILE A 1 6  ? -0.006  -4.585 0.035  1.00 54.22 ? 6  ILE A HG21 4  
ATOM 594  H HG22 . ILE A 1 6  ? 0.243   -3.965 -1.596 1.00 65.44 ? 6  ILE A HG22 4  
ATOM 595  H HG23 . ILE A 1 6  ? 0.998   -3.158 -0.221 1.00 0.41  ? 6  ILE A HG23 4  
ATOM 596  H HD11 . ILE A 1 6  ? -2.212  -2.369 -2.787 1.00 23.50 ? 6  ILE A HD11 4  
ATOM 597  H HD12 . ILE A 1 6  ? -3.643  -3.394 -2.667 1.00 31.12 ? 6  ILE A HD12 4  
ATOM 598  H HD13 . ILE A 1 6  ? -3.546  -1.902 -1.731 1.00 52.53 ? 6  ILE A HD13 4  
ATOM 599  N N    . ILE A 1 7  ? 0.636   -3.438 2.095  1.00 10.30 ? 7  ILE A N    4  
ATOM 600  C CA   . ILE A 1 7  ? 1.935   -3.441 2.754  1.00 60.51 ? 7  ILE A CA   4  
ATOM 601  C C    . ILE A 1 7  ? 2.848   -2.365 2.175  1.00 20.02 ? 7  ILE A C    4  
ATOM 602  O O    . ILE A 1 7  ? 2.495   -1.695 1.205  1.00 13.11 ? 7  ILE A O    4  
ATOM 603  C CB   . ILE A 1 7  ? 2.629   -4.810 2.625  1.00 74.11 ? 7  ILE A CB   4  
ATOM 604  C CG1  . ILE A 1 7  ? 2.445   -5.369 1.213  1.00 63.04 ? 7  ILE A CG1  4  
ATOM 605  C CG2  . ILE A 1 7  ? 2.080   -5.781 3.660  1.00 35.03 ? 7  ILE A CG2  4  
ATOM 606  C CD1  . ILE A 1 7  ? 1.408   -6.467 1.128  1.00 42.11 ? 7  ILE A CD1  4  
ATOM 607  H H    . ILE A 1 7  ? 0.201   -4.292 1.891  1.00 63.22 ? 7  ILE A H    4  
ATOM 608  H HA   . ILE A 1 7  ? 1.777   -3.238 3.803  1.00 50.11 ? 7  ILE A HA   4  
ATOM 609  H HB   . ILE A 1 7  ? 3.682   -4.675 2.817  1.00 53.21 ? 7  ILE A HB   4  
ATOM 610  H HG12 . ILE A 1 7  ? 2.137   -4.572 0.554  1.00 72.34 ? 7  ILE A HG12 4  
ATOM 611  H HG13 . ILE A 1 7  ? 3.386   -5.772 0.868  1.00 11.32 ? 7  ILE A HG13 4  
ATOM 612  H HG21 . ILE A 1 7  ? 2.473   -6.770 3.470  1.00 43.01 ? 7  ILE A HG21 4  
ATOM 613  H HG22 . ILE A 1 7  ? 2.379   -5.461 4.647  1.00 72.41 ? 7  ILE A HG22 4  
ATOM 614  H HG23 . ILE A 1 7  ? 1.004   -5.803 3.599  1.00 43.54 ? 7  ILE A HG23 4  
ATOM 615  H HD11 . ILE A 1 7  ? 1.174   -6.663 0.092  1.00 1.00  ? 7  ILE A HD11 4  
ATOM 616  H HD12 . ILE A 1 7  ? 1.795   -7.365 1.586  1.00 62.40 ? 7  ILE A HD12 4  
ATOM 617  H HD13 . ILE A 1 7  ? 0.511   -6.156 1.646  1.00 14.42 ? 7  ILE A HD13 4  
ATOM 618  N N    . TRP A 1 8  ? 4.022   -2.207 2.776  1.00 13.33 ? 8  TRP A N    4  
ATOM 619  C CA   . TRP A 1 8  ? 4.986   -1.213 2.318  1.00 13.03 ? 8  TRP A CA   4  
ATOM 620  C C    . TRP A 1 8  ? 4.990   -1.117 0.797  1.00 3.43  ? 8  TRP A C    4  
ATOM 621  O O    . TRP A 1 8  ? 5.717   -1.845 0.120  1.00 72.42 ? 8  TRP A O    4  
ATOM 622  C CB   . TRP A 1 8  ? 6.388   -1.563 2.822  1.00 23.02 ? 8  TRP A CB   4  
ATOM 623  C CG   . TRP A 1 8  ? 6.697   -3.028 2.749  1.00 25.35 ? 8  TRP A CG   4  
ATOM 624  C CD1  . TRP A 1 8  ? 7.257   -3.697 1.698  1.00 33.20 ? 8  TRP A CD1  4  
ATOM 625  C CD2  . TRP A 1 8  ? 6.459   -4.006 3.768  1.00 74.50 ? 8  TRP A CD2  4  
ATOM 626  N NE1  . TRP A 1 8  ? 7.383   -5.031 2.004  1.00 50.34 ? 8  TRP A NE1  4  
ATOM 627  C CE2  . TRP A 1 8  ? 6.903   -5.246 3.268  1.00 44.22 ? 8  TRP A CE2  4  
ATOM 628  C CE3  . TRP A 1 8  ? 5.919   -3.954 5.056  1.00 75.32 ? 8  TRP A CE3  4  
ATOM 629  C CZ2  . TRP A 1 8  ? 6.818   -6.420 4.010  1.00 10.23 ? 8  TRP A CZ2  4  
ATOM 630  C CZ3  . TRP A 1 8  ? 5.837   -5.121 5.791  1.00 1.12  ? 8  TRP A CZ3  4  
ATOM 631  C CH2  . TRP A 1 8  ? 6.285   -6.341 5.267  1.00 60.41 ? 8  TRP A CH2  4  
ATOM 632  H H    . TRP A 1 8  ? 4.246   -2.772 3.545  1.00 61.31 ? 8  TRP A H    4  
ATOM 633  H HA   . TRP A 1 8  ? 4.695   -0.258 2.727  1.00 72.41 ? 8  TRP A HA   4  
ATOM 634  H HB2  . TRP A 1 8  ? 7.119   -1.039 2.226  1.00 70.13 ? 8  TRP A HB2  4  
ATOM 635  H HB3  . TRP A 1 8  ? 6.480   -1.254 3.853  1.00 64.23 ? 8  TRP A HB3  4  
ATOM 636  H HD1  . TRP A 1 8  ? 7.551   -3.232 0.770  1.00 13.33 ? 8  TRP A HD1  4  
ATOM 637  H HE1  . TRP A 1 8  ? 7.759   -5.716 1.411  1.00 41.30 ? 8  TRP A HE1  4  
ATOM 638  H HE3  . TRP A 1 8  ? 5.568   -3.023 5.478  1.00 31.02 ? 8  TRP A HE3  4  
ATOM 639  H HZ2  . TRP A 1 8  ? 7.160   -7.369 3.620  1.00 62.31 ? 8  TRP A HZ2  4  
ATOM 640  H HZ3  . TRP A 1 8  ? 5.421   -5.101 6.788  1.00 44.02 ? 8  TRP A HZ3  4  
ATOM 641  H HH2  . TRP A 1 8  ? 6.200   -7.228 5.876  1.00 75.52 ? 8  TRP A HH2  4  
ATOM 642  N N    . CYS A 1 9  ? 4.171   -0.216 0.264  1.00 32.14 ? 9  CYS A N    4  
ATOM 643  C CA   . CYS A 1 9  ? 4.079   -0.025 -1.179 1.00 60.24 ? 9  CYS A CA   4  
ATOM 644  C C    . CYS A 1 9  ? 3.334   1.265  -1.510 1.00 63.21 ? 9  CYS A C    4  
ATOM 645  O O    . CYS A 1 9  ? 3.048   2.074  -0.627 1.00 62.33 ? 9  CYS A O    4  
ATOM 646  C CB   . CYS A 1 9  ? 3.373   -1.216 -1.828 1.00 4.14  ? 9  CYS A CB   4  
ATOM 647  S SG   . CYS A 1 9  ? 1.555   -1.103 -1.809 1.00 41.24 ? 9  CYS A SG   4  
ATOM 648  H H    . CYS A 1 9  ? 3.616   0.334  0.855  1.00 60.22 ? 9  CYS A H    4  
ATOM 649  H HA   . CYS A 1 9  ? 5.084   0.044  -1.569 1.00 4.11  ? 9  CYS A HA   4  
ATOM 650  H HB2  . CYS A 1 9  ? 3.685   -1.292 -2.860 1.00 32.22 ? 9  CYS A HB2  4  
ATOM 651  H HB3  . CYS A 1 9  ? 3.652   -2.119 -1.305 1.00 44.21 ? 9  CYS A HB3  4  
ATOM 652  N N    . CYS A 1 10 ? 3.022   1.450  -2.788 1.00 11.45 ? 10 CYS A N    4  
ATOM 653  C CA   . CYS A 1 10 ? 2.310   2.640  -3.238 1.00 25.54 ? 10 CYS A CA   4  
ATOM 654  C C    . CYS A 1 10 ? 1.788   2.457  -4.660 1.00 32.23 ? 10 CYS A C    4  
ATOM 655  O O    . CYS A 1 10 ? 2.076   3.262  -5.547 1.00 13.45 ? 10 CYS A O    4  
ATOM 656  C CB   . CYS A 1 10 ? 3.227   3.863  -3.172 1.00 53.41 ? 10 CYS A CB   4  
ATOM 657  S SG   . CYS A 1 10 ? 2.397   5.386  -2.616 1.00 45.24 ? 10 CYS A SG   4  
ATOM 658  H H    . CYS A 1 10 ? 3.277   0.769  -3.447 1.00 25.44 ? 10 CYS A H    4  
ATOM 659  H HA   . CYS A 1 10 ? 1.471   2.795  -2.576 1.00 34.03 ? 10 CYS A HA   4  
ATOM 660  H HB2  . CYS A 1 10 ? 4.035   3.661  -2.485 1.00 52.01 ? 10 CYS A HB2  4  
ATOM 661  H HB3  . CYS A 1 10 ? 3.636   4.051  -4.155 1.00 23.03 ? 10 CYS A HB3  4  
ATOM 662  N N    . LEU A 1 11 ? 1.018   1.395  -4.870 1.00 34.45 ? 11 LEU A N    4  
ATOM 663  C CA   . LEU A 1 11 ? 0.455   1.106  -6.184 1.00 22.53 ? 11 LEU A CA   4  
ATOM 664  C C    . LEU A 1 11 ? -0.799  1.937  -6.434 1.00 61.30 ? 11 LEU A C    4  
ATOM 665  O O    . LEU A 1 11 ? -0.789  2.867  -7.240 1.00 52.20 ? 11 LEU A O    4  
ATOM 666  C CB   . LEU A 1 11 ? 0.126   -0.383 -6.303 1.00 22.23 ? 11 LEU A CB   4  
ATOM 667  C CG   . LEU A 1 11 ? -0.607  -0.810 -7.575 1.00 53.04 ? 11 LEU A CG   4  
ATOM 668  C CD1  . LEU A 1 11 ? 0.360   -0.890 -8.746 1.00 71.31 ? 11 LEU A CD1  4  
ATOM 669  C CD2  . LEU A 1 11 ? -1.307  -2.144 -7.366 1.00 40.42 ? 11 LEU A CD2  4  
ATOM 670  H H    . LEU A 1 11 ? 0.824   0.790  -4.123 1.00 50.33 ? 11 LEU A H    4  
ATOM 671  H HA   . LEU A 1 11 ? 1.197   1.362  -6.925 1.00 2.52  ? 11 LEU A HA   4  
ATOM 672  H HB2  . LEU A 1 11 ? 1.054   -0.932 -6.256 1.00 23.00 ? 11 LEU A HB2  4  
ATOM 673  H HB3  . LEU A 1 11 ? -0.492  -0.653 -5.458 1.00 63.52 ? 11 LEU A HB3  4  
ATOM 674  H HG   . LEU A 1 11 ? -1.358  -0.070 -7.815 1.00 64.11 ? 11 LEU A HG   4  
ATOM 675  H HD11 . LEU A 1 11 ? 1.047   -0.058 -8.704 1.00 41.03 ? 11 LEU A HD11 4  
ATOM 676  H HD12 . LEU A 1 11 ? -0.193  -0.854 -9.672 1.00 1.41  ? 11 LEU A HD12 4  
ATOM 677  H HD13 . LEU A 1 11 ? 0.912   -1.817 -8.693 1.00 34.11 ? 11 LEU A HD13 4  
ATOM 678  H HD21 . LEU A 1 11 ? -1.616  -2.230 -6.334 1.00 12.42 ? 11 LEU A HD21 4  
ATOM 679  H HD22 . LEU A 1 11 ? -0.628  -2.949 -7.607 1.00 33.42 ? 11 LEU A HD22 4  
ATOM 680  H HD23 . LEU A 1 11 ? -2.174  -2.200 -8.007 1.00 42.30 ? 11 LEU A HD23 4  
ATOM 681  N N    . SER A 1 1  ? -1.172  -0.906 4.618  1.00 33.41 ? 1  SER A N    5  
ATOM 682  C CA   . SER A 1 1  ? -2.225  0.086  4.440  1.00 40.22 ? 1  SER A CA   5  
ATOM 683  C C    . SER A 1 1  ? -1.740  1.243  3.571  1.00 63.42 ? 1  SER A C    5  
ATOM 684  O O    . SER A 1 1  ? -2.216  2.372  3.698  1.00 64.20 ? 1  SER A O    5  
ATOM 685  C CB   . SER A 1 1  ? -2.693  0.615  5.798  1.00 14.14 ? 1  SER A CB   5  
ATOM 686  O OG   . SER A 1 1  ? -2.118  -0.129 6.860  1.00 45.43 ? 1  SER A OG   5  
ATOM 687  H H1   . SER A 1 1  ? -1.348  -1.698 5.168  1.00 3.03  ? 1  SER A H1   5  
ATOM 688  H HA   . SER A 1 1  ? -3.054  -0.397 3.946  1.00 65.35 ? 1  SER A HA   5  
ATOM 689  H HB2  . SER A 1 1  ? -2.400  1.649  5.899  1.00 14.15 ? 1  SER A HB2  5  
ATOM 690  H HB3  . SER A 1 1  ? -3.768  0.536  5.860  1.00 65.43 ? 1  SER A HB3  5  
ATOM 691  H HG   . SER A 1 1  ? -1.161  -0.087 6.798  1.00 2.22  ? 1  SER A HG   5  
ATOM 692  N N    . CYS A 1 2  ? -0.791  0.954  2.689  1.00 51.13 ? 2  CYS A N    5  
ATOM 693  C CA   . CYS A 1 2  ? -0.239  1.968  1.797  1.00 25.43 ? 2  CYS A CA   5  
ATOM 694  C C    . CYS A 1 2  ? -1.293  2.448  0.804  1.00 53.34 ? 2  CYS A C    5  
ATOM 695  O O    . CYS A 1 2  ? -2.489  2.430  1.092  1.00 51.35 ? 2  CYS A O    5  
ATOM 696  C CB   . CYS A 1 2  ? 0.972   1.413  1.046  1.00 11.35 ? 2  CYS A CB   5  
ATOM 697  S SG   . CYS A 1 2  ? 0.546   0.271  -0.309 1.00 55.02 ? 2  CYS A SG   5  
ATOM 698  H H    . CYS A 1 2  ? -0.452  0.035  2.634  1.00 35.25 ? 2  CYS A H    5  
ATOM 699  H HA   . CYS A 1 2  ? 0.076   2.804  2.402  1.00 71.43 ? 2  CYS A HA   5  
ATOM 700  H HB2  . CYS A 1 2  ? 1.529   2.234  0.620  1.00 52.41 ? 2  CYS A HB2  5  
ATOM 701  H HB3  . CYS A 1 2  ? 1.603   0.878  1.741  1.00 51.31 ? 2  CYS A HB3  5  
ATOM 702  N N    . CYS A 1 3  ? -0.838  2.879  -0.369 1.00 50.32 ? 3  CYS A N    5  
ATOM 703  C CA   . CYS A 1 3  ? -1.739  3.364  -1.407 1.00 64.23 ? 3  CYS A CA   5  
ATOM 704  C C    . CYS A 1 3  ? -1.575  2.557  -2.692 1.00 73.43 ? 3  CYS A C    5  
ATOM 705  O O    . CYS A 1 3  ? -0.593  2.699  -3.422 1.00 10.22 ? 3  CYS A O    5  
ATOM 706  C CB   . CYS A 1 3  ? -1.478  4.846  -1.686 1.00 32.41 ? 3  CYS A CB   5  
ATOM 707  S SG   . CYS A 1 3  ? 0.268   5.244  -2.021 1.00 22.53 ? 3  CYS A SG   5  
ATOM 708  H H    . CYS A 1 3  ? 0.127   2.869  -0.541 1.00 53.13 ? 3  CYS A H    5  
ATOM 709  H HA   . CYS A 1 3  ? -2.751  3.247  -1.050 1.00 41.24 ? 3  CYS A HA   5  
ATOM 710  H HB2  . CYS A 1 3  ? -2.054  5.150  -2.547 1.00 13.23 ? 3  CYS A HB2  5  
ATOM 711  H HB3  . CYS A 1 3  ? -1.790  5.426  -0.829 1.00 33.15 ? 3  CYS A HB3  5  
ATOM 712  N N    . PRO A 1 4  ? -2.558  1.691  -2.976 1.00 41.34 ? 4  PRO A N    5  
ATOM 713  C CA   . PRO A 1 4  ? -3.730  1.514  -2.114 1.00 44.14 ? 4  PRO A CA   5  
ATOM 714  C C    . PRO A 1 4  ? -3.383  0.837  -0.793 1.00 55.22 ? 4  PRO A C    5  
ATOM 715  O O    . PRO A 1 4  ? -2.241  0.434  -0.574 1.00 10.24 ? 4  PRO A O    5  
ATOM 716  C CB   . PRO A 1 4  ? -4.652  0.620  -2.948 1.00 34.04 ? 4  PRO A CB   5  
ATOM 717  C CG   . PRO A 1 4  ? -3.735  -0.122 -3.859 1.00 4.43  ? 4  PRO A CG   5  
ATOM 718  C CD   . PRO A 1 4  ? -2.601  0.816  -4.160 1.00 70.24 ? 4  PRO A CD   5  
ATOM 719  H HA   . PRO A 1 4  ? -4.224  2.455  -1.917 1.00 75.42 ? 4  PRO A HA   5  
ATOM 720  H HB2  . PRO A 1 4  ? -5.192  -0.053 -2.296 1.00 74.52 ? 4  PRO A HB2  5  
ATOM 721  H HB3  . PRO A 1 4  ? -5.349  1.230  -3.501 1.00 41.02 ? 4  PRO A HB3  5  
ATOM 722  H HG2  . PRO A 1 4  ? -3.367  -1.010 -3.367 1.00 21.31 ? 4  PRO A HG2  5  
ATOM 723  H HG3  . PRO A 1 4  ? -4.256  -0.385 -4.768 1.00 31.15 ? 4  PRO A HG3  5  
ATOM 724  H HD2  . PRO A 1 4  ? -1.676  0.269  -4.269 1.00 60.31 ? 4  PRO A HD2  5  
ATOM 725  H HD3  . PRO A 1 4  ? -2.811  1.388  -5.052 1.00 13.34 ? 4  PRO A HD3  5  
ATOM 726  N N    . TRP A 1 5  ? -4.373  0.716  0.082  1.00 25.50 ? 5  TRP A N    5  
ATOM 727  C CA   . TRP A 1 5  ? -4.171  0.086  1.382  1.00 61.30 ? 5  TRP A CA   5  
ATOM 728  C C    . TRP A 1 5  ? -3.466  -1.257 1.233  1.00 51.12 ? 5  TRP A C    5  
ATOM 729  O O    . TRP A 1 5  ? -4.112  -2.300 1.136  1.00 1.41  ? 5  TRP A O    5  
ATOM 730  C CB   . TRP A 1 5  ? -5.512  -0.104 2.095  1.00 55.53 ? 5  TRP A CB   5  
ATOM 731  C CG   . TRP A 1 5  ? -6.578  -0.676 1.210  1.00 51.30 ? 5  TRP A CG   5  
ATOM 732  C CD1  . TRP A 1 5  ? -6.811  -1.998 0.958  1.00 24.11 ? 5  TRP A CD1  5  
ATOM 733  C CD2  . TRP A 1 5  ? -7.552  0.056  0.458  1.00 62.40 ? 5  TRP A CD2  5  
ATOM 734  N NE1  . TRP A 1 5  ? -7.873  -2.131 0.097  1.00 13.35 ? 5  TRP A NE1  5  
ATOM 735  C CE2  . TRP A 1 5  ? -8.346  -0.887 -0.225 1.00 31.23 ? 5  TRP A CE2  5  
ATOM 736  C CE3  . TRP A 1 5  ? -7.834  1.415  0.298  1.00 75.30 ? 5  TRP A CE3  5  
ATOM 737  C CZ2  . TRP A 1 5  ? -9.399  -0.511 -1.055 1.00 33.50 ? 5  TRP A CZ2  5  
ATOM 738  C CZ3  . TRP A 1 5  ? -8.878  1.786  -0.526 1.00 22.32 ? 5  TRP A CZ3  5  
ATOM 739  C CH2  . TRP A 1 5  ? -9.651  0.827  -1.193 1.00 3.32  ? 5  TRP A CH2  5  
ATOM 740  H H    . TRP A 1 5  ? -5.263  1.057  -0.150 1.00 74.41 ? 5  TRP A H    5  
ATOM 741  H HA   . TRP A 1 5  ? -3.550  0.742  1.974  1.00 34.01 ? 5  TRP A HA   5  
ATOM 742  H HB2  . TRP A 1 5  ? -5.377  -0.774 2.930  1.00 74.32 ? 5  TRP A HB2  5  
ATOM 743  H HB3  . TRP A 1 5  ? -5.857  0.854  2.457  1.00 34.44 ? 5  TRP A HB3  5  
ATOM 744  H HD1  . TRP A 1 5  ? -6.237  -2.809 1.381  1.00 41.04 ? 5  TRP A HD1  5  
ATOM 745  H HE1  . TRP A 1 5  ? -8.234  -2.982 -0.233 1.00 42.35 ? 5  TRP A HE1  5  
ATOM 746  H HE3  . TRP A 1 5  ? -7.249  2.169  0.804  1.00 73.34 ? 5  TRP A HE3  5  
ATOM 747  H HZ2  . TRP A 1 5  ? -10.003 -1.239 -1.575 1.00 62.35 ? 5  TRP A HZ2  5  
ATOM 748  H HZ3  . TRP A 1 5  ? -9.110  2.833  -0.662 1.00 51.20 ? 5  TRP A HZ3  5  
ATOM 749  H HH2  . TRP A 1 5  ? -10.457 1.162  -1.827 1.00 22.21 ? 5  TRP A HH2  5  
ATOM 750  N N    . ILE A 1 6  ? -2.137  -1.224 1.216  1.00 3.51  ? 6  ILE A N    5  
ATOM 751  C CA   . ILE A 1 6  ? -1.346  -2.440 1.079  1.00 32.52 ? 6  ILE A CA   5  
ATOM 752  C C    . ILE A 1 6  ? 0.007   -2.296 1.767  1.00 71.50 ? 6  ILE A C    5  
ATOM 753  O O    . ILE A 1 6  ? 0.488   -1.183 1.985  1.00 25.33 ? 6  ILE A O    5  
ATOM 754  C CB   . ILE A 1 6  ? -1.120  -2.802 -0.401 1.00 1.24  ? 6  ILE A CB   5  
ATOM 755  C CG1  . ILE A 1 6  ? -2.358  -3.495 -0.973 1.00 34.12 ? 6  ILE A CG1  5  
ATOM 756  C CG2  . ILE A 1 6  ? 0.106   -3.690 -0.548 1.00 31.53 ? 6  ILE A CG2  5  
ATOM 757  C CD1  . ILE A 1 6  ? -2.995  -2.743 -2.121 1.00 4.01  ? 6  ILE A CD1  5  
ATOM 758  H H    . ILE A 1 6  ? -1.679  -0.362 1.297  1.00 43.40 ? 6  ILE A H    5  
ATOM 759  H HA   . ILE A 1 6  ? -1.891  -3.247 1.547  1.00 21.24 ? 6  ILE A HA   5  
ATOM 760  H HB   . ILE A 1 6  ? -0.942  -1.889 -0.948 1.00 11.24 ? 6  ILE A HB   5  
ATOM 761  H HG12 . ILE A 1 6  ? -2.081  -4.474 -1.332 1.00 21.33 ? 6  ILE A HG12 5  
ATOM 762  H HG13 . ILE A 1 6  ? -3.097  -3.598 -0.192 1.00 21.32 ? 6  ILE A HG13 5  
ATOM 763  H HG21 . ILE A 1 6  ? 0.981   -3.154 -0.211 1.00 53.13 ? 6  ILE A HG21 5  
ATOM 764  H HG22 . ILE A 1 6  ? -0.021  -4.581 0.050  1.00 32.21 ? 6  ILE A HG22 5  
ATOM 765  H HG23 . ILE A 1 6  ? 0.230   -3.966 -1.584 1.00 41.42 ? 6  ILE A HG23 5  
ATOM 766  H HD11 . ILE A 1 6  ? -2.224  -2.374 -2.782 1.00 64.10 ? 6  ILE A HD11 5  
ATOM 767  H HD12 . ILE A 1 6  ? -3.651  -3.405 -2.666 1.00 13.35 ? 6  ILE A HD12 5  
ATOM 768  H HD13 . ILE A 1 6  ? -3.565  -1.911 -1.733 1.00 64.13 ? 6  ILE A HD13 5  
ATOM 769  N N    . ILE A 1 7  ? 0.617   -3.427 2.105  1.00 21.41 ? 7  ILE A N    5  
ATOM 770  C CA   . ILE A 1 7  ? 1.916   -3.425 2.766  1.00 33.21 ? 7  ILE A CA   5  
ATOM 771  C C    . ILE A 1 7  ? 2.828   -2.350 2.184  1.00 1.44  ? 7  ILE A C    5  
ATOM 772  O O    . ILE A 1 7  ? 2.475   -1.683 1.211  1.00 34.14 ? 7  ILE A O    5  
ATOM 773  C CB   . ILE A 1 7  ? 2.613   -4.794 2.643  1.00 5.42  ? 7  ILE A CB   5  
ATOM 774  C CG1  . ILE A 1 7  ? 2.431   -5.357 1.231  1.00 22.43 ? 7  ILE A CG1  5  
ATOM 775  C CG2  . ILE A 1 7  ? 2.064   -5.761 3.681  1.00 11.45 ? 7  ILE A CG2  5  
ATOM 776  C CD1  . ILE A 1 7  ? 1.396   -6.457 1.149  1.00 64.25 ? 7  ILE A CD1  5  
ATOM 777  H H    . ILE A 1 7  ? 0.184   -4.282 1.904  1.00 72.40 ? 7  ILE A H    5  
ATOM 778  H HA   . ILE A 1 7  ? 1.757   -3.218 3.815  1.00 14.54 ? 7  ILE A HA   5  
ATOM 779  H HB   . ILE A 1 7  ? 3.665   -4.656 2.835  1.00 1.24  ? 7  ILE A HB   5  
ATOM 780  H HG12 . ILE A 1 7  ? 2.123   -4.563 0.570  1.00 32.11 ? 7  ILE A HG12 5  
ATOM 781  H HG13 . ILE A 1 7  ? 3.373   -5.761 0.890  1.00 4.10  ? 7  ILE A HG13 5  
ATOM 782  H HG21 . ILE A 1 7  ? 0.986   -5.787 3.615  1.00 44.03 ? 7  ILE A HG21 5  
ATOM 783  H HG22 . ILE A 1 7  ? 2.457   -6.750 3.494  1.00 53.33 ? 7  ILE A HG22 5  
ATOM 784  H HG23 . ILE A 1 7  ? 2.358   -5.437 4.667  1.00 24.02 ? 7  ILE A HG23 5  
ATOM 785  H HD11 . ILE A 1 7  ? 0.498   -6.147 1.664  1.00 60.25 ? 7  ILE A HD11 5  
ATOM 786  H HD12 . ILE A 1 7  ? 1.165   -6.659 0.113  1.00 33.34 ? 7  ILE A HD12 5  
ATOM 787  H HD13 . ILE A 1 7  ? 1.783   -7.352 1.612  1.00 31.13 ? 7  ILE A HD13 5  
ATOM 788  N N    . TRP A 1 8  ? 4.002   -2.189 2.785  1.00 22.41 ? 8  TRP A N    5  
ATOM 789  C CA   . TRP A 1 8  ? 4.965   -1.196 2.325  1.00 53.03 ? 8  TRP A CA   5  
ATOM 790  C C    . TRP A 1 8  ? 4.969   -1.105 0.803  1.00 74.24 ? 8  TRP A C    5  
ATOM 791  O O    . TRP A 1 8  ? 5.699   -1.832 0.130  1.00 5.32  ? 8  TRP A O    5  
ATOM 792  C CB   . TRP A 1 8  ? 6.367   -1.542 2.831  1.00 43.22 ? 8  TRP A CB   5  
ATOM 793  C CG   . TRP A 1 8  ? 6.678   -3.006 2.763  1.00 3.21  ? 8  TRP A CG   5  
ATOM 794  C CD1  . TRP A 1 8  ? 7.240   -3.677 1.714  1.00 41.15 ? 8  TRP A CD1  5  
ATOM 795  C CD2  . TRP A 1 8  ? 6.441   -3.982 3.784  1.00 54.02 ? 8  TRP A CD2  5  
ATOM 796  N NE1  . TRP A 1 8  ? 7.368   -5.010 2.023  1.00 13.32 ? 8  TRP A NE1  5  
ATOM 797  C CE2  . TRP A 1 8  ? 6.886   -5.223 3.287  1.00 61.34 ? 8  TRP A CE2  5  
ATOM 798  C CE3  . TRP A 1 8  ? 5.899   -3.927 5.071  1.00 72.55 ? 8  TRP A CE3  5  
ATOM 799  C CZ2  . TRP A 1 8  ? 6.803   -6.395 4.032  1.00 44.10 ? 8  TRP A CZ2  5  
ATOM 800  C CZ3  . TRP A 1 8  ? 5.817   -5.092 5.810  1.00 41.42 ? 8  TRP A CZ3  5  
ATOM 801  C CH2  . TRP A 1 8  ? 6.267   -6.313 5.289  1.00 74.15 ? 8  TRP A CH2  5  
ATOM 802  H H    . TRP A 1 8  ? 4.225   -2.750 3.557  1.00 13.34 ? 8  TRP A H    5  
ATOM 803  H HA   . TRP A 1 8  ? 4.673   -0.238 2.730  1.00 24.14 ? 8  TRP A HA   5  
ATOM 804  H HB2  . TRP A 1 8  ? 7.098   -1.018 2.234  1.00 42.23 ? 8  TRP A HB2  5  
ATOM 805  H HB3  . TRP A 1 8  ? 6.457   -1.229 3.861  1.00 3.20  ? 8  TRP A HB3  5  
ATOM 806  H HD1  . TRP A 1 8  ? 7.535   -3.215 0.785  1.00 74.03 ? 8  TRP A HD1  5  
ATOM 807  H HE1  . TRP A 1 8  ? 7.744   -5.696 1.433  1.00 13.14 ? 8  TRP A HE1  5  
ATOM 808  H HE3  . TRP A 1 8  ? 5.546   -2.995 5.489  1.00 22.23 ? 8  TRP A HE3  5  
ATOM 809  H HZ2  . TRP A 1 8  ? 7.145   -7.344 3.645  1.00 34.40 ? 8  TRP A HZ2  5  
ATOM 810  H HZ3  . TRP A 1 8  ? 5.400   -5.069 6.806  1.00 2.51  ? 8  TRP A HZ3  5  
ATOM 811  H HH2  . TRP A 1 8  ? 6.184   -7.198 5.901  1.00 50.14 ? 8  TRP A HH2  5  
ATOM 812  N N    . CYS A 1 9  ? 4.151   -0.205 0.267  1.00 2.54  ? 9  CYS A N    5  
ATOM 813  C CA   . CYS A 1 9  ? 4.059   -0.019 -1.176 1.00 11.13 ? 9  CYS A CA   5  
ATOM 814  C C    . CYS A 1 9  ? 3.312   1.269  -1.512 1.00 11.54 ? 9  CYS A C    5  
ATOM 815  O O    . CYS A 1 9  ? 3.023   2.080  -0.632 1.00 34.12 ? 9  CYS A O    5  
ATOM 816  C CB   . CYS A 1 9  ? 3.354   -1.214 -1.823 1.00 22.51 ? 9  CYS A CB   5  
ATOM 817  S SG   . CYS A 1 9  ? 1.537   -1.102 -1.807 1.00 25.25 ? 9  CYS A SG   5  
ATOM 818  H H    . CYS A 1 9  ? 3.593   0.346  0.856  1.00 51.30 ? 9  CYS A H    5  
ATOM 819  H HA   . CYS A 1 9  ? 5.063   0.049  -1.567 1.00 62.12 ? 9  CYS A HA   5  
ATOM 820  H HB2  . CYS A 1 9  ? 3.669   -1.293 -2.853 1.00 45.14 ? 9  CYS A HB2  5  
ATOM 821  H HB3  . CYS A 1 9  ? 3.633   -2.114 -1.297 1.00 35.54 ? 9  CYS A HB3  5  
ATOM 822  N N    . CYS A 1 10 ? 3.001   1.449  -2.792 1.00 61.21 ? 10 CYS A N    5  
ATOM 823  C CA   . CYS A 1 10 ? 2.289   2.637  -3.246 1.00 21.00 ? 10 CYS A CA   5  
ATOM 824  C C    . CYS A 1 10 ? 1.768   2.449  -4.668 1.00 0.21  ? 10 CYS A C    5  
ATOM 825  O O    . CYS A 1 10 ? 2.056   3.251  -5.558 1.00 35.43 ? 10 CYS A O    5  
ATOM 826  C CB   . CYS A 1 10 ? 3.204   3.862  -3.184 1.00 24.52 ? 10 CYS A CB   5  
ATOM 827  S SG   . CYS A 1 10 ? 2.371   5.385  -2.631 1.00 74.21 ? 10 CYS A SG   5  
ATOM 828  H H    . CYS A 1 10 ? 3.258   0.766  -3.448 1.00 22.30 ? 10 CYS A H    5  
ATOM 829  H HA   . CYS A 1 10 ? 1.448   2.792  -2.586 1.00 72.43 ? 10 CYS A HA   5  
ATOM 830  H HB2  . CYS A 1 10 ? 4.012   3.662  -2.495 1.00 51.14 ? 10 CYS A HB2  5  
ATOM 831  H HB3  . CYS A 1 10 ? 3.612   4.047  -4.166 1.00 44.01 ? 10 CYS A HB3  5  
ATOM 832  N N    . LEU A 1 11 ? 1.000   1.385  -4.875 1.00 62.45 ? 11 LEU A N    5  
ATOM 833  C CA   . LEU A 1 11 ? 0.439   1.091  -6.189 1.00 5.13  ? 11 LEU A CA   5  
ATOM 834  C C    . LEU A 1 11 ? -0.817  1.920  -6.443 1.00 34.25 ? 11 LEU A C    5  
ATOM 835  O O    . LEU A 1 11 ? -1.174  2.188  -7.589 1.00 44.22 ? 11 LEU A O    5  
ATOM 836  C CB   . LEU A 1 11 ? 0.111   -0.399 -6.303 1.00 3.04  ? 11 LEU A CB   5  
ATOM 837  C CG   . LEU A 1 11 ? -0.628  -0.828 -7.571 1.00 30.25 ? 11 LEU A CG   5  
ATOM 838  C CD1  . LEU A 1 11 ? 0.253   -0.629 -8.795 1.00 3.15  ? 11 LEU A CD1  5  
ATOM 839  C CD2  . LEU A 1 11 ? -1.074  -2.279 -7.463 1.00 32.52 ? 11 LEU A CD2  5  
ATOM 840  H H    . LEU A 1 11 ? 0.805   0.783  -4.127 1.00 11.10 ? 11 LEU A H    5  
ATOM 841  H HA   . LEU A 1 11 ? 1.181   1.346  -6.930 1.00 42.35 ? 11 LEU A HA   5  
ATOM 842  H HB2  . LEU A 1 11 ? 1.041   -0.946 -6.260 1.00 41.55 ? 11 LEU A HB2  5  
ATOM 843  H HB3  . LEU A 1 11 ? -0.502  -0.668 -5.454 1.00 2.12  ? 11 LEU A HB3  5  
ATOM 844  H HG   . LEU A 1 11 ? -1.510  -0.214 -7.692 1.00 53.42 ? 11 LEU A HG   5  
ATOM 845  H HD11 . LEU A 1 11 ? 1.291   -0.669 -8.501 1.00 72.34 ? 11 LEU A HD11 5  
ATOM 846  H HD12 . LEU A 1 11 ? 0.040   0.331  -9.239 1.00 41.13 ? 11 LEU A HD12 5  
ATOM 847  H HD13 . LEU A 1 11 ? 0.052   -1.411 -9.514 1.00 32.43 ? 11 LEU A HD13 5  
ATOM 848  H HD21 . LEU A 1 11 ? -0.665  -2.844 -8.288 1.00 63.52 ? 11 LEU A HD21 5  
ATOM 849  H HD22 . LEU A 1 11 ? -2.153  -2.326 -7.494 1.00 21.33 ? 11 LEU A HD22 5  
ATOM 850  H HD23 . LEU A 1 11 ? -0.721  -2.696 -6.531 1.00 20.22 ? 11 LEU A HD23 5  
ATOM 851  N N    . SER A 1 1  ? -1.533  -1.620 4.638  1.00 41.12 ? 1  SER A N    6  
ATOM 852  C CA   . SER A 1 1  ? -2.405  -0.463 4.480  1.00 5.22  ? 1  SER A CA   6  
ATOM 853  C C    . SER A 1 1  ? -1.697  0.652  3.718  1.00 42.10 ? 1  SER A C    6  
ATOM 854  O O    . SER A 1 1  ? -1.963  1.835  3.935  1.00 50.14 ? 1  SER A O    6  
ATOM 855  C CB   . SER A 1 1  ? -2.861  0.048  5.848  1.00 50.45 ? 1  SER A CB   6  
ATOM 856  O OG   . SER A 1 1  ? -4.241  0.373  5.838  1.00 42.00 ? 1  SER A OG   6  
ATOM 857  H H1   . SER A 1 1  ? -1.897  -2.446 5.022  1.00 50.21 ? 1  SER A H1   6  
ATOM 858  H HA   . SER A 1 1  ? -3.271  -0.776 3.915  1.00 63.02 ? 1  SER A HA   6  
ATOM 859  H HB2  . SER A 1 1  ? -2.690  -0.715 6.591  1.00 13.31 ? 1  SER A HB2  6  
ATOM 860  H HB3  . SER A 1 1  ? -2.298  0.934  6.104  1.00 73.31 ? 1  SER A HB3  6  
ATOM 861  H HG   . SER A 1 1  ? -4.369  1.240  6.227  1.00 61.15 ? 1  SER A HG   6  
ATOM 862  N N    . CYS A 1 2  ? -0.793  0.267  2.823  1.00 74.33 ? 2  CYS A N    6  
ATOM 863  C CA   . CYS A 1 2  ? -0.044  1.232  2.028  1.00 55.24 ? 2  CYS A CA   6  
ATOM 864  C C    . CYS A 1 2  ? -0.965  1.975  1.065  1.00 42.44 ? 2  CYS A C    6  
ATOM 865  O O    . CYS A 1 2  ? -2.154  2.151  1.336  1.00 71.43 ? 2  CYS A O    6  
ATOM 866  C CB   . CYS A 1 2  ? 1.068   0.528  1.247  1.00 45.52 ? 2  CYS A CB   6  
ATOM 867  S SG   . CYS A 1 2  ? 0.481   -0.404 -0.204 1.00 5.24  ? 2  CYS A SG   6  
ATOM 868  H H    . CYS A 1 2  ? -0.624  -0.691 2.695  1.00 62.50 ? 2  CYS A H    6  
ATOM 869  H HA   . CYS A 1 2  ? 0.400   1.947  2.705  1.00 15.42 ? 2  CYS A HA   6  
ATOM 870  H HB2  . CYS A 1 2  ? 1.774   1.267  0.898  1.00 12.13 ? 2  CYS A HB2  6  
ATOM 871  H HB3  . CYS A 1 2  ? 1.573   -0.166 1.902  1.00 53.33 ? 2  CYS A HB3  6  
ATOM 872  N N    . CYS A 1 3  ? -0.409  2.409  -0.062 1.00 25.21 ? 3  CYS A N    6  
ATOM 873  C CA   . CYS A 1 3  ? -1.180  3.132  -1.066 1.00 71.44 ? 3  CYS A CA   6  
ATOM 874  C C    . CYS A 1 3  ? -1.129  2.415  -2.412 1.00 54.24 ? 3  CYS A C    6  
ATOM 875  O O    . CYS A 1 3  ? -0.118  2.434  -3.115 1.00 73.12 ? 3  CYS A O    6  
ATOM 876  C CB   . CYS A 1 3  ? -0.648  4.560  -1.215 1.00 5.33  ? 3  CYS A CB   6  
ATOM 877  S SG   . CYS A 1 3  ? 1.149   4.658  -1.495 1.00 71.35 ? 3  CYS A SG   6  
ATOM 878  H H    . CYS A 1 3  ? 0.543   2.238  -0.221 1.00 55.20 ? 3  CYS A H    6  
ATOM 879  H HA   . CYS A 1 3  ? -2.205  3.173  -0.733 1.00 25.43 ? 3  CYS A HA   6  
ATOM 880  H HB2  . CYS A 1 3  ? -1.137  5.031  -2.056 1.00 20.04 ? 3  CYS A HB2  6  
ATOM 881  H HB3  . CYS A 1 3  ? -0.873  5.115  -0.318 1.00 63.33 ? 3  CYS A HB3  6  
ATOM 882  N N    . PRO A 1 4  ? -2.243  1.768  -2.780 1.00 1.43  ? 4  PRO A N    6  
ATOM 883  C CA   . PRO A 1 4  ? -3.452  1.737  -1.951 1.00 63.45 ? 4  PRO A CA   6  
ATOM 884  C C    . PRO A 1 4  ? -3.268  0.904  -0.687 1.00 72.21 ? 4  PRO A C    6  
ATOM 885  O O    . PRO A 1 4  ? -2.223  0.283  -0.490 1.00 24.25 ? 4  PRO A O    6  
ATOM 886  C CB   . PRO A 1 4  ? -4.496  1.095  -2.868 1.00 71.30 ? 4  PRO A CB   6  
ATOM 887  C CG   . PRO A 1 4  ? -3.704  0.275  -3.826 1.00 42.42 ? 4  PRO A CG   6  
ATOM 888  C CD   . PRO A 1 4  ? -2.411  1.014  -4.034 1.00 13.32 ? 4  PRO A CD   6  
ATOM 889  H HA   . PRO A 1 4  ? -3.772  2.733  -1.681 1.00 72.43 ? 4  PRO A HA   6  
ATOM 890  H HB2  . PRO A 1 4  ? -5.166  0.482  -2.281 1.00 33.21 ? 4  PRO A HB2  6  
ATOM 891  H HB3  . PRO A 1 4  ? -5.057  1.865  -3.376 1.00 35.11 ? 4  PRO A HB3  6  
ATOM 892  H HG2  . PRO A 1 4  ? -3.515  -0.702 -3.406 1.00 72.43 ? 4  PRO A HG2  6  
ATOM 893  H HG3  . PRO A 1 4  ? -4.238  0.185  -4.761 1.00 40.05 ? 4  PRO A HG3  6  
ATOM 894  H HD2  . PRO A 1 4  ? -1.597  0.317  -4.177 1.00 61.42 ? 4  PRO A HD2  6  
ATOM 895  H HD3  . PRO A 1 4  ? -2.489  1.683  -4.878 1.00 24.44 ? 4  PRO A HD3  6  
ATOM 896  N N    . TRP A 1 5  ? -4.287  0.896  0.164  1.00 32.01 ? 5  TRP A N    6  
ATOM 897  C CA   . TRP A 1 5  ? -4.237  0.137  1.409  1.00 40.01 ? 5  TRP A CA   6  
ATOM 898  C C    . TRP A 1 5  ? -3.782  -1.296 1.156  1.00 52.31 ? 5  TRP A C    6  
ATOM 899  O O    . TRP A 1 5  ? -4.604  -2.192 0.964  1.00 22.34 ? 5  TRP A O    6  
ATOM 900  C CB   . TRP A 1 5  ? -5.607  0.138  2.087  1.00 43.35 ? 5  TRP A CB   6  
ATOM 901  C CG   . TRP A 1 5  ? -6.736  -0.155 1.144  1.00 31.14 ? 5  TRP A CG   6  
ATOM 902  C CD1  . TRP A 1 5  ? -7.199  -1.387 0.778  1.00 34.44 ? 5  TRP A CD1  6  
ATOM 903  C CD2  . TRP A 1 5  ? -7.542  0.801  0.448  1.00 22.31 ? 5  TRP A CD2  6  
ATOM 904  N NE1  . TRP A 1 5  ? -8.243  -1.254 -0.104 1.00 3.24  ? 5  TRP A NE1  6  
ATOM 905  C CE2  . TRP A 1 5  ? -8.474  0.078  -0.322 1.00 71.40 ? 5  TRP A CE2  6  
ATOM 906  C CE3  . TRP A 1 5  ? -7.569  2.197  0.402  1.00 72.05 ? 5  TRP A CE3  6  
ATOM 907  C CZ2  . TRP A 1 5  ? -9.419  0.706  -1.129 1.00 24.20 ? 5  TRP A CZ2  6  
ATOM 908  C CZ3  . TRP A 1 5  ? -8.507  2.819  -0.399 1.00 44.43 ? 5  TRP A CZ3  6  
ATOM 909  C CH2  . TRP A 1 5  ? -9.423  2.074  -1.155 1.00 24.21 ? 5  TRP A CH2  6  
ATOM 910  H H    . TRP A 1 5  ? -5.093  1.411  -0.049 1.00 1.01  ? 5  TRP A H    6  
ATOM 911  H HA   . TRP A 1 5  ? -3.523  0.619  2.061  1.00 50.42 ? 5  TRP A HA   6  
ATOM 912  H HB2  . TRP A 1 5  ? -5.619  -0.611 2.864  1.00 21.13 ? 5  TRP A HB2  6  
ATOM 913  H HB3  . TRP A 1 5  ? -5.784  1.110  2.526  1.00 52.32 ? 5  TRP A HB3  6  
ATOM 914  H HD1  . TRP A 1 5  ? -6.791  -2.321 1.136  1.00 20.11 ? 5  TRP A HD1  6  
ATOM 915  H HE1  . TRP A 1 5  ? -8.743  -1.995 -0.509 1.00 55.45 ? 5  TRP A HE1  6  
ATOM 916  H HE3  . TRP A 1 5  ? -6.872  2.789  0.977  1.00 25.00 ? 5  TRP A HE3  6  
ATOM 917  H HZ2  . TRP A 1 5  ? -10.132 0.145  -1.716 1.00 61.15 ? 5  TRP A HZ2  6  
ATOM 918  H HZ3  . TRP A 1 5  ? -8.543  3.897  -0.448 1.00 52.25 ? 5  TRP A HZ3  6  
ATOM 919  H HH2  . TRP A 1 5  ? -10.138 2.602  -1.766 1.00 1.42  ? 5  TRP A HH2  6  
ATOM 920  N N    . ILE A 1 6  ? -2.470  -1.504 1.156  1.00 11.43 ? 6  ILE A N    6  
ATOM 921  C CA   . ILE A 1 6  ? -1.907  -2.829 0.927  1.00 4.24  ? 6  ILE A CA   6  
ATOM 922  C C    . ILE A 1 6  ? -0.570  -2.989 1.641  1.00 0.53  ? 6  ILE A C    6  
ATOM 923  O O    . ILE A 1 6  ? 0.095   -2.004 1.963  1.00 32.13 ? 6  ILE A O    6  
ATOM 924  C CB   . ILE A 1 6  ? -1.710  -3.105 -0.576 1.00 3.25  ? 6  ILE A CB   6  
ATOM 925  C CG1  . ILE A 1 6  ? -3.036  -3.520 -1.218 1.00 63.15 ? 6  ILE A CG1  6  
ATOM 926  C CG2  . ILE A 1 6  ? -0.655  -4.183 -0.782 1.00 43.42 ? 6  ILE A CG2  6  
ATOM 927  C CD1  . ILE A 1 6  ? -3.505  -2.573 -2.302 1.00 32.32 ? 6  ILE A CD1  6  
ATOM 928  H H    . ILE A 1 6  ? -1.866  -0.749 1.314  1.00 51.24 ? 6  ILE A H    6  
ATOM 929  H HA   . ILE A 1 6  ? -2.602  -3.558 1.319  1.00 3.42  ? 6  ILE A HA   6  
ATOM 930  H HB   . ILE A 1 6  ? -1.360  -2.198 -1.043 1.00 15.32 ? 6  ILE A HB   6  
ATOM 931  H HG12 . ILE A 1 6  ? -2.925  -4.498 -1.658 1.00 43.24 ? 6  ILE A HG12 6  
ATOM 932  H HG13 . ILE A 1 6  ? -3.800  -3.557 -0.456 1.00 2.01  ? 6  ILE A HG13 6  
ATOM 933  H HG21 . ILE A 1 6  ? -0.529  -4.363 -1.840 1.00 31.45 ? 6  ILE A HG21 6  
ATOM 934  H HG22 . ILE A 1 6  ? 0.281   -3.854 -0.359 1.00 72.11 ? 6  ILE A HG22 6  
ATOM 935  H HG23 . ILE A 1 6  ? -0.971  -5.094 -0.296 1.00 72.32 ? 6  ILE A HG23 6  
ATOM 936  H HD11 . ILE A 1 6  ? -2.669  -2.303 -2.929 1.00 54.33 ? 6  ILE A HD11 6  
ATOM 937  H HD12 . ILE A 1 6  ? -4.263  -3.056 -2.899 1.00 24.31 ? 6  ILE A HD12 6  
ATOM 938  H HD13 . ILE A 1 6  ? -3.916  -1.683 -1.848 1.00 72.44 ? 6  ILE A HD13 6  
ATOM 939  N N    . ILE A 1 7  ? -0.180  -4.237 1.885  1.00 44.33 ? 7  ILE A N    6  
ATOM 940  C CA   . ILE A 1 7  ? 1.079   -4.526 2.558  1.00 41.14 ? 7  ILE A CA   6  
ATOM 941  C C    . ILE A 1 7  ? 2.182   -3.584 2.089  1.00 41.24 ? 7  ILE A C    6  
ATOM 942  O O    . ILE A 1 7  ? 1.977   -2.774 1.184  1.00 14.44 ? 7  ILE A O    6  
ATOM 943  C CB   . ILE A 1 7  ? 1.524   -5.980 2.318  1.00 33.22 ? 7  ILE A CB   6  
ATOM 944  C CG1  . ILE A 1 7  ? 1.245   -6.390 0.870  1.00 72.44 ? 7  ILE A CG1  6  
ATOM 945  C CG2  . ILE A 1 7  ? 0.818   -6.917 3.286  1.00 11.40 ? 7  ILE A CG2  6  
ATOM 946  C CD1  . ILE A 1 7  ? 2.140   -5.701 -0.136 1.00 1.30  ? 7  ILE A CD1  6  
ATOM 947  H H    . ILE A 1 7  ? -0.754  -4.979 1.604  1.00 2.41  ? 7  ILE A H    6  
ATOM 948  H HA   . ILE A 1 7  ? 0.929   -4.387 3.619  1.00 50.11 ? 7  ILE A HA   6  
ATOM 949  H HB   . ILE A 1 7  ? 2.586   -6.043 2.504  1.00 53.33 ? 7  ILE A HB   6  
ATOM 950  H HG12 . ILE A 1 7  ? 1.391   -7.454 0.770  1.00 53.41 ? 7  ILE A HG12 6  
ATOM 951  H HG13 . ILE A 1 7  ? 0.221   -6.146 0.627  1.00 60.25 ? 7  ILE A HG13 6  
ATOM 952  H HG21 . ILE A 1 7  ? 1.523   -7.273 4.023  1.00 53.31 ? 7  ILE A HG21 6  
ATOM 953  H HG22 . ILE A 1 7  ? 0.018   -6.387 3.780  1.00 23.12 ? 7  ILE A HG22 6  
ATOM 954  H HG23 . ILE A 1 7  ? 0.412   -7.757 2.742  1.00 52.32 ? 7  ILE A HG23 6  
ATOM 955  H HD11 . ILE A 1 7  ? 1.985   -4.633 -0.086 1.00 5.02  ? 7  ILE A HD11 6  
ATOM 956  H HD12 . ILE A 1 7  ? 3.172   -5.926 0.085  1.00 61.42 ? 7  ILE A HD12 6  
ATOM 957  H HD13 . ILE A 1 7  ? 1.901   -6.053 -1.130 1.00 74.22 ? 7  ILE A HD13 6  
ATOM 958  N N    . TRP A 1 8  ? 3.351   -3.695 2.709  1.00 2.20  ? 8  TRP A N    6  
ATOM 959  C CA   . TRP A 1 8  ? 4.488   -2.854 2.354  1.00 52.31 ? 8  TRP A CA   6  
ATOM 960  C C    . TRP A 1 8  ? 4.556   -2.639 0.845  1.00 34.13 ? 8  TRP A C    6  
ATOM 961  O O    . TRP A 1 8  ? 5.170   -3.426 0.123  1.00 24.53 ? 8  TRP A O    6  
ATOM 962  C CB   . TRP A 1 8  ? 5.790   -3.484 2.851  1.00 11.23 ? 8  TRP A CB   6  
ATOM 963  C CG   . TRP A 1 8  ? 6.970   -2.565 2.754  1.00 54.34 ? 8  TRP A CG   6  
ATOM 964  C CD1  . TRP A 1 8  ? 7.730   -2.321 1.645  1.00 44.34 ? 8  TRP A CD1  6  
ATOM 965  C CD2  . TRP A 1 8  ? 7.526   -1.770 3.806  1.00 32.32 ? 8  TRP A CD2  6  
ATOM 966  N NE1  . TRP A 1 8  ? 8.724   -1.421 1.945  1.00 3.03  ? 8  TRP A NE1  6  
ATOM 967  C CE2  . TRP A 1 8  ? 8.620   -1.067 3.265  1.00 11.32 ? 8  TRP A CE2  6  
ATOM 968  C CE3  . TRP A 1 8  ? 7.205   -1.581 5.152  1.00 33.54 ? 8  TRP A CE3  6  
ATOM 969  C CZ2  . TRP A 1 8  ? 9.393   -0.193 4.024  1.00 12.23 ? 8  TRP A CZ2  6  
ATOM 970  C CZ3  . TRP A 1 8  ? 7.974   -0.714 5.906  1.00 41.54 ? 8  TRP A CZ3  6  
ATOM 971  C CH2  . TRP A 1 8  ? 9.057   -0.028 5.340  1.00 42.11 ? 8  TRP A CH2  6  
ATOM 972  H H    . TRP A 1 8  ? 3.453   -4.359 3.424  1.00 3.51  ? 8  TRP A H    6  
ATOM 973  H HA   . TRP A 1 8  ? 4.355   -1.896 2.836  1.00 0.43  ? 8  TRP A HA   6  
ATOM 974  H HB2  . TRP A 1 8  ? 5.673   -3.768 3.886  1.00 53.31 ? 8  TRP A HB2  6  
ATOM 975  H HB3  . TRP A 1 8  ? 6.004   -4.364 2.261  1.00 5.45  ? 8  TRP A HB3  6  
ATOM 976  H HD1  . TRP A 1 8  ? 7.562   -2.776 0.681  1.00 3.32  ? 8  TRP A HD1  6  
ATOM 977  H HE1  . TRP A 1 8  ? 9.397   -1.087 1.316  1.00 41.24 ? 8  TRP A HE1  6  
ATOM 978  H HE3  . TRP A 1 8  ? 6.374   -2.100 5.607  1.00 10.53 ? 8  TRP A HE3  6  
ATOM 979  H HZ2  . TRP A 1 8  ? 10.231  0.343  3.602  1.00 33.13 ? 8  TRP A HZ2  6  
ATOM 980  H HZ3  . TRP A 1 8  ? 7.741   -0.555 6.949  1.00 5.35  ? 8  TRP A HZ3  6  
ATOM 981  H HH2  . TRP A 1 8  ? 9.629   0.640  5.966  1.00 53.51 ? 8  TRP A HH2  6  
ATOM 982  N N    . CYS A 1 9  ? 3.922   -1.569 0.376  1.00 14.44 ? 9  CYS A N    6  
ATOM 983  C CA   . CYS A 1 9  ? 3.911   -1.251 -1.047 1.00 32.10 ? 9  CYS A CA   6  
ATOM 984  C C    . CYS A 1 9  ? 3.415   0.173  -1.283 1.00 20.53 ? 9  CYS A C    6  
ATOM 985  O O    . CYS A 1 9  ? 3.251   0.948  -0.340 1.00 72.23 ? 9  CYS A O    6  
ATOM 986  C CB   . CYS A 1 9  ? 3.027   -2.243 -1.806 1.00 61.14 ? 9  CYS A CB   6  
ATOM 987  S SG   . CYS A 1 9  ? 1.255   -1.819 -1.793 1.00 12.11 ? 9  CYS A SG   6  
ATOM 988  H H    . CYS A 1 9  ? 3.451   -0.979 1.001  1.00 0.33  ? 9  CYS A H    6  
ATOM 989  H HA   . CYS A 1 9  ? 4.923   -1.332 -1.414 1.00 75.12 ? 9  CYS A HA   6  
ATOM 990  H HB2  . CYS A 1 9  ? 3.347   -2.283 -2.837 1.00 0.21  ? 9  CYS A HB2  6  
ATOM 991  H HB3  . CYS A 1 9  ? 3.134   -3.222 -1.362 1.00 0.21  ? 9  CYS A HB3  6  
ATOM 992  N N    . CYS A 1 10 ? 3.177   0.509  -2.545 1.00 35.21 ? 10 CYS A N    6  
ATOM 993  C CA   . CYS A 1 10 ? 2.701   1.839  -2.906 1.00 64.13 ? 10 CYS A CA   6  
ATOM 994  C C    . CYS A 1 10 ? 2.192   1.863  -4.345 1.00 24.44 ? 10 CYS A C    6  
ATOM 995  O O    . CYS A 1 10 ? 2.641   2.669  -5.159 1.00 53.25 ? 10 CYS A O    6  
ATOM 996  C CB   . CYS A 1 10 ? 3.817   2.869  -2.730 1.00 34.10 ? 10 CYS A CB   6  
ATOM 997  S SG   . CYS A 1 10 ? 3.255   4.470  -2.068 1.00 60.31 ? 10 CYS A SG   6  
ATOM 998  H H    . CYS A 1 10 ? 3.327   -0.153 -3.253 1.00 50.34 ? 10 CYS A H    6  
ATOM 999  H HA   . CYS A 1 10 ? 1.885   2.089  -2.245 1.00 42.24 ? 10 CYS A HA   6  
ATOM 1000 H HB2  . CYS A 1 10 ? 4.557   2.474  -2.050 1.00 64.33 ? 10 CYS A HB2  6  
ATOM 1001 H HB3  . CYS A 1 10 ? 4.280   3.054  -3.688 1.00 42.22 ? 10 CYS A HB3  6  
ATOM 1002 N N    . LEU A 1 11 ? 1.254   0.974  -4.649 1.00 43.24 ? 11 LEU A N    6  
ATOM 1003 C CA   . LEU A 1 11 ? 0.683   0.892  -5.989 1.00 40.23 ? 11 LEU A CA   6  
ATOM 1004 C C    . LEU A 1 11 ? -0.394  1.954  -6.188 1.00 52.44 ? 11 LEU A C    6  
ATOM 1005 O O    . LEU A 1 11 ? -0.131  3.150  -6.060 1.00 25.03 ? 11 LEU A O    6  
ATOM 1006 C CB   . LEU A 1 11 ? 0.095   -0.498 -6.231 1.00 24.34 ? 11 LEU A CB   6  
ATOM 1007 C CG   . LEU A 1 11 ? -0.684  -0.681 -7.535 1.00 31.40 ? 11 LEU A CG   6  
ATOM 1008 C CD1  . LEU A 1 11 ? 0.218   -0.435 -8.734 1.00 5.02  ? 11 LEU A CD1  6  
ATOM 1009 C CD2  . LEU A 1 11 ? -1.295  -2.074 -7.600 1.00 41.02 ? 11 LEU A CD2  6  
ATOM 1010 H H    . LEU A 1 11 ? 0.936   0.357  -3.958 1.00 43.24 ? 11 LEU A H    6  
ATOM 1011 H HA   . LEU A 1 11 ? 1.478   1.066  -6.699 1.00 50.02 ? 11 LEU A HA   6  
ATOM 1012 H HB2  . LEU A 1 11 ? 0.908   -1.207 -6.231 1.00 31.21 ? 11 LEU A HB2  6  
ATOM 1013 H HB3  . LEU A 1 11 ? -0.574  -0.721 -5.412 1.00 61.53 ? 11 LEU A HB3  6  
ATOM 1014 H HG   . LEU A 1 11 ? -1.489  0.040  -7.569 1.00 45.41 ? 11 LEU A HG   6  
ATOM 1015 H HD11 . LEU A 1 11 ? 1.192   -0.120 -8.393 1.00 73.25 ? 11 LEU A HD11 6  
ATOM 1016 H HD12 . LEU A 1 11 ? -0.213  0.335  -9.356 1.00 72.13 ? 11 LEU A HD12 6  
ATOM 1017 H HD13 . LEU A 1 11 ? 0.313   -1.347 -9.305 1.00 3.01  ? 11 LEU A HD13 6  
ATOM 1018 H HD21 . LEU A 1 11 ? -0.508  -2.813 -7.563 1.00 44.52 ? 11 LEU A HD21 6  
ATOM 1019 H HD22 . LEU A 1 11 ? -1.847  -2.181 -8.523 1.00 41.33 ? 11 LEU A HD22 6  
ATOM 1020 H HD23 . LEU A 1 11 ? -1.961  -2.214 -6.763 1.00 2.31  ? 11 LEU A HD23 6  
ATOM 1021 N N    . SER A 1 1  ? -1.491  -1.532 4.518  1.00 71.24 ? 1  SER A N    7  
ATOM 1022 C CA   . SER A 1 1  ? -2.348  -0.354 4.436  1.00 12.31 ? 1  SER A CA   7  
ATOM 1023 C C    . SER A 1 1  ? -1.668  0.758  3.643  1.00 33.34 ? 1  SER A C    7  
ATOM 1024 O O    . SER A 1 1  ? -1.949  1.940  3.844  1.00 13.20 ? 1  SER A O    7  
ATOM 1025 C CB   . SER A 1 1  ? -2.700  0.145  5.839  1.00 14.44 ? 1  SER A CB   7  
ATOM 1026 O OG   . SER A 1 1  ? -3.629  1.213  5.781  1.00 10.23 ? 1  SER A OG   7  
ATOM 1027 H H1   . SER A 1 1  ? -0.557  -1.425 4.796  1.00 71.22 ? 1  SER A H1   7  
ATOM 1028 H HA   . SER A 1 1  ? -3.256  -0.641 3.926  1.00 55.11 ? 1  SER A HA   7  
ATOM 1029 H HB2  . SER A 1 1  ? -3.133  -0.664 6.407  1.00 61.35 ? 1  SER A HB2  7  
ATOM 1030 H HB3  . SER A 1 1  ? -1.802  0.490  6.331  1.00 41.42 ? 1  SER A HB3  7  
ATOM 1031 H HG   . SER A 1 1  ? -4.327  1.066  6.425  1.00 13.41 ? 1  SER A HG   7  
ATOM 1032 N N    . CYS A 1 2  ? -0.771  0.371  2.742  1.00 3.03  ? 2  CYS A N    7  
ATOM 1033 C CA   . CYS A 1 2  ? -0.050  1.334  1.918  1.00 21.23 ? 2  CYS A CA   7  
ATOM 1034 C C    . CYS A 1 2  ? -0.997  2.045  0.957  1.00 44.13 ? 2  CYS A C    7  
ATOM 1035 O O    . CYS A 1 2  ? -2.184  2.208  1.243  1.00 15.14 ? 2  CYS A O    7  
ATOM 1036 C CB   . CYS A 1 2  ? 1.061   0.633  1.133  1.00 31.30 ? 2  CYS A CB   7  
ATOM 1037 S SG   . CYS A 1 2  ? 0.466   -0.334 -0.292 1.00 34.01 ? 2  CYS A SG   7  
ATOM 1038 H H    . CYS A 1 2  ? -0.590  -0.586 2.628  1.00 64.02 ? 2  CYS A H    7  
ATOM 1039 H HA   . CYS A 1 2  ? 0.393   2.066  2.575  1.00 32.14 ? 2  CYS A HA   7  
ATOM 1040 H HB2  . CYS A 1 2  ? 1.751   1.375  0.760  1.00 75.04 ? 2  CYS A HB2  7  
ATOM 1041 H HB3  . CYS A 1 2  ? 1.588   -0.041 1.792  1.00 24.13 ? 2  CYS A HB3  7  
ATOM 1042 N N    . CYS A 1 3  ? -0.464  2.467  -0.185 1.00 64.01 ? 3  CYS A N    7  
ATOM 1043 C CA   . CYS A 1 3  ? -1.261  3.161  -1.191 1.00 63.51 ? 3  CYS A CA   7  
ATOM 1044 C C    . CYS A 1 3  ? -1.219  2.420  -2.524 1.00 40.04 ? 3  CYS A C    7  
ATOM 1045 O O    . CYS A 1 3  ? -0.220  2.442  -3.243 1.00 35.11 ? 3  CYS A O    7  
ATOM 1046 C CB   . CYS A 1 3  ? -0.754  4.593  -1.373 1.00 24.22 ? 3  CYS A CB   7  
ATOM 1047 S SG   . CYS A 1 3  ? 1.038   4.714  -1.680 1.00 43.13 ? 3  CYS A SG   7  
ATOM 1048 H H    . CYS A 1 3  ? 0.488   2.308  -0.356 1.00 42.51 ? 3  CYS A H    7  
ATOM 1049 H HA   . CYS A 1 3  ? -2.282  3.191  -0.842 1.00 61.20 ? 3  CYS A HA   7  
ATOM 1050 H HB2  . CYS A 1 3  ? -1.262  5.041  -2.214 1.00 61.33 ? 3  CYS A HB2  7  
ATOM 1051 H HB3  . CYS A 1 3  ? -0.975  5.161  -0.481 1.00 31.35 ? 3  CYS A HB3  7  
ATOM 1052 N N    . PRO A 1 4  ? -2.329  1.750  -2.863 1.00 45.11 ? 4  PRO A N    7  
ATOM 1053 C CA   . PRO A 1 4  ? -3.524  1.716  -2.015 1.00 70.14 ? 4  PRO A CA   7  
ATOM 1054 C C    . PRO A 1 4  ? -3.308  0.908  -0.740 1.00 41.01 ? 4  PRO A C    7  
ATOM 1055 O O    . PRO A 1 4  ? -2.252  0.306  -0.548 1.00 62.12 ? 4  PRO A O    7  
ATOM 1056 C CB   . PRO A 1 4  ? -4.572  1.041  -2.905 1.00 60.53 ? 4  PRO A CB   7  
ATOM 1057 C CG   . PRO A 1 4  ? -3.782  0.217  -3.861 1.00 1.54  ? 4  PRO A CG   7  
ATOM 1058 C CD   . PRO A 1 4  ? -2.504  0.972  -4.101 1.00 1.23  ? 4  PRO A CD   7  
ATOM 1059 H HA   . PRO A 1 4  ? -3.856  2.712  -1.758 1.00 71.11 ? 4  PRO A HA   7  
ATOM 1060 H HB2  . PRO A 1 4  ? -5.223  0.430  -2.297 1.00 2.44  ? 4  PRO A HB2  7  
ATOM 1061 H HB3  . PRO A 1 4  ? -5.152  1.794  -3.418 1.00 51.24 ? 4  PRO A HB3  7  
ATOM 1062 H HG2  . PRO A 1 4  ? -3.572  -0.749 -3.427 1.00 60.22 ? 4  PRO A HG2  7  
ATOM 1063 H HG3  . PRO A 1 4  ? -4.329  0.103  -4.785 1.00 51.13 ? 4  PRO A HG3  7  
ATOM 1064 H HD2  . PRO A 1 4  ? -1.682  0.286  -4.245 1.00 35.31 ? 4  PRO A HD2  7  
ATOM 1065 H HD3  . PRO A 1 4  ? -2.606  1.625  -4.956 1.00 23.41 ? 4  PRO A HD3  7  
ATOM 1066 N N    . TRP A 1 5  ? -4.314  0.899  0.126  1.00 45.14 ? 5  TRP A N    7  
ATOM 1067 C CA   . TRP A 1 5  ? -4.234  0.164  1.384  1.00 51.34 ? 5  TRP A CA   7  
ATOM 1068 C C    . TRP A 1 5  ? -3.760  -1.266 1.148  1.00 5.22  ? 5  TRP A C    7  
ATOM 1069 O O    . TRP A 1 5  ? -4.571  -2.179 0.985  1.00 70.43 ? 5  TRP A O    7  
ATOM 1070 C CB   . TRP A 1 5  ? -5.594  0.156  2.082  1.00 51.01 ? 5  TRP A CB   7  
ATOM 1071 C CG   . TRP A 1 5  ? -6.732  -0.172 1.163  1.00 53.25 ? 5  TRP A CG   7  
ATOM 1072 C CD1  . TRP A 1 5  ? -7.180  -1.416 0.825  1.00 11.54 ? 5  TRP A CD1  7  
ATOM 1073 C CD2  . TRP A 1 5  ? -7.563  0.760  0.461  1.00 23.13 ? 5  TRP A CD2  7  
ATOM 1074 N NE1  . TRP A 1 5  ? -8.240  -1.315 -0.044 1.00 25.53 ? 5  TRP A NE1  7  
ATOM 1075 C CE2  . TRP A 1 5  ? -8.496  0.009  -0.281 1.00 32.10 ? 5  TRP A CE2  7  
ATOM 1076 C CE3  . TRP A 1 5  ? -7.613  2.155  0.392  1.00 11.41 ? 5  TRP A CE3  7  
ATOM 1077 C CZ2  . TRP A 1 5  ? -9.462  0.609  -1.084 1.00 22.23 ? 5  TRP A CZ2  7  
ATOM 1078 C CZ3  . TRP A 1 5  ? -8.572  2.748  -0.406 1.00 2.42  ? 5  TRP A CZ3  7  
ATOM 1079 C CH2  . TRP A 1 5  ? -9.487  1.976  -1.135 1.00 24.31 ? 5  TRP A CH2  7  
ATOM 1080 H H    . TRP A 1 5  ? -5.131  1.399  -0.084 1.00 63.13 ? 5  TRP A H    7  
ATOM 1081 H HA   . TRP A 1 5  ? -3.517  0.668  2.016  1.00 41.22 ? 5  TRP A HA   7  
ATOM 1082 H HB2  . TRP A 1 5  ? -5.582  -0.579 2.872  1.00 12.41 ? 5  TRP A HB2  7  
ATOM 1083 H HB3  . TRP A 1 5  ? -5.778  1.133  2.506  1.00 3.02  ? 5  TRP A HB3  7  
ATOM 1084 H HD1  . TRP A 1 5  ? -6.753  -2.337 1.193  1.00 2.54  ? 5  TRP A HD1  7  
ATOM 1085 H HE1  . TRP A 1 5  ? -8.735  -2.070 -0.429 1.00 74.30 ? 5  TRP A HE1  7  
ATOM 1086 H HE3  . TRP A 1 5  ? -6.916  2.767  0.946  1.00 44.43 ? 5  TRP A HE3  7  
ATOM 1087 H HZ2  . TRP A 1 5  ? -10.175 0.027  -1.650 1.00 53.40 ? 5  TRP A HZ2  7  
ATOM 1088 H HZ3  . TRP A 1 5  ? -8.626  3.825  -0.473 1.00 11.15 ? 5  TRP A HZ3  7  
ATOM 1089 H HH2  . TRP A 1 5  ? -10.220 2.481  -1.744 1.00 52.02 ? 5  TRP A HH2  7  
ATOM 1090 N N    . ILE A 1 6  ? -2.446  -1.455 1.131  1.00 70.42 ? 6  ILE A N    7  
ATOM 1091 C CA   . ILE A 1 6  ? -1.866  -2.775 0.917  1.00 53.25 ? 6  ILE A CA   7  
ATOM 1092 C C    . ILE A 1 6  ? -0.516  -2.902 1.613  1.00 33.21 ? 6  ILE A C    7  
ATOM 1093 O O    . ILE A 1 6  ? 0.139   -1.902 1.908  1.00 52.55 ? 6  ILE A O    7  
ATOM 1094 C CB   . ILE A 1 6  ? -1.687  -3.075 -0.583 1.00 45.34 ? 6  ILE A CB   7  
ATOM 1095 C CG1  . ILE A 1 6  ? -3.016  -3.520 -1.198 1.00 42.21 ? 6  ILE A CG1  7  
ATOM 1096 C CG2  . ILE A 1 6  ? -0.620  -4.139 -0.787 1.00 42.41 ? 6  ILE A CG2  7  
ATOM 1097 C CD1  . ILE A 1 6  ? -3.516  -2.600 -2.290 1.00 32.43 ? 6  ILE A CD1  7  
ATOM 1098 H H    . ILE A 1 6  ? -1.851  -0.687 1.267  1.00 14.55 ? 6  ILE A H    7  
ATOM 1099 H HA   . ILE A 1 6  ? -2.544  -3.507 1.332  1.00 13.00 ? 6  ILE A HA   7  
ATOM 1100 H HB   . ILE A 1 6  ? -1.358  -2.170 -1.071 1.00 1.11  ? 6  ILE A HB   7  
ATOM 1101 H HG12 . ILE A 1 6  ? -2.896  -4.504 -1.624 1.00 25.10 ? 6  ILE A HG12 7  
ATOM 1102 H HG13 . ILE A 1 6  ? -3.769  -3.556 -0.423 1.00 14.02 ? 6  ILE A HG13 7  
ATOM 1103 H HG21 . ILE A 1 6  ? -0.506  -4.336 -1.843 1.00 30.34 ? 6  ILE A HG21 7  
ATOM 1104 H HG22 . ILE A 1 6  ? 0.319   -3.789 -0.384 1.00 40.43 ? 6  ILE A HG22 7  
ATOM 1105 H HG23 . ILE A 1 6  ? -0.914  -5.046 -0.280 1.00 11.33 ? 6  ILE A HG23 7  
ATOM 1106 H HD11 . ILE A 1 6  ? -3.935  -1.709 -1.847 1.00 25.02 ? 6  ILE A HD11 7  
ATOM 1107 H HD12 . ILE A 1 6  ? -2.694  -2.328 -2.936 1.00 3.14  ? 6  ILE A HD12 7  
ATOM 1108 H HD13 . ILE A 1 6  ? -4.275  -3.107 -2.867 1.00 44.53 ? 6  ILE A HD13 7  
ATOM 1109 N N    . ILE A 1 7  ? -0.104  -4.139 1.873  1.00 65.44 ? 7  ILE A N    7  
ATOM 1110 C CA   . ILE A 1 7  ? 1.170   -4.397 2.532  1.00 62.42 ? 7  ILE A CA   7  
ATOM 1111 C C    . ILE A 1 7  ? 2.251   -3.447 2.029  1.00 71.51 ? 7  ILE A C    7  
ATOM 1112 O O    . ILE A 1 7  ? 2.021   -2.657 1.113  1.00 34.20 ? 7  ILE A O    7  
ATOM 1113 C CB   . ILE A 1 7  ? 1.635   -5.848 2.311  1.00 3.32  ? 7  ILE A CB   7  
ATOM 1114 C CG1  . ILE A 1 7  ? 1.341   -6.287 0.875  1.00 43.20 ? 7  ILE A CG1  7  
ATOM 1115 C CG2  . ILE A 1 7  ? 0.956   -6.779 3.304  1.00 45.41 ? 7  ILE A CG2  7  
ATOM 1116 C CD1  . ILE A 1 7  ? 2.212   -5.604 -0.156 1.00 64.43 ? 7  ILE A CD1  7  
ATOM 1117 H H    . ILE A 1 7  ? -0.671  -4.895 1.614  1.00 73.11 ? 7  ILE A H    7  
ATOM 1118 H HA   . ILE A 1 7  ? 1.034   -4.242 3.593  1.00 43.34 ? 7  ILE A HA   7  
ATOM 1119 H HB   . ILE A 1 7  ? 2.699   -5.892 2.482  1.00 31.35 ? 7  ILE A HB   7  
ATOM 1120 H HG12 . ILE A 1 7  ? 1.500   -7.351 0.790  1.00 33.41 ? 7  ILE A HG12 7  
ATOM 1121 H HG13 . ILE A 1 7  ? 0.310   -6.063 0.641  1.00 75.21 ? 7  ILE A HG13 7  
ATOM 1122 H HG21 . ILE A 1 7  ? 0.964   -6.327 4.285  1.00 62.23 ? 7  ILE A HG21 7  
ATOM 1123 H HG22 . ILE A 1 7  ? -0.066  -6.950 2.997  1.00 14.31 ? 7  ILE A HG22 7  
ATOM 1124 H HG23 . ILE A 1 7  ? 1.484   -7.720 3.337  1.00 53.11 ? 7  ILE A HG23 7  
ATOM 1125 H HD11 . ILE A 1 7  ? 3.251   -5.802 0.062  1.00 52.25 ? 7  ILE A HD11 7  
ATOM 1126 H HD12 . ILE A 1 7  ? 1.971   -5.979 -1.139 1.00 2.24  ? 7  ILE A HD12 7  
ATOM 1127 H HD13 . ILE A 1 7  ? 2.036   -4.538 -0.125 1.00 62.13 ? 7  ILE A HD13 7  
ATOM 1128 N N    . TRP A 1 8  ? 3.431   -3.529 2.634  1.00 43.41 ? 8  TRP A N    7  
ATOM 1129 C CA   . TRP A 1 8  ? 4.549   -2.678 2.246  1.00 35.30 ? 8  TRP A CA   7  
ATOM 1130 C C    . TRP A 1 8  ? 4.591   -2.488 0.734  1.00 35.13 ? 8  TRP A C    7  
ATOM 1131 O O    . TRP A 1 8  ? 5.206   -3.279 0.016  1.00 65.23 ? 8  TRP A O    7  
ATOM 1132 C CB   . TRP A 1 8  ? 5.869   -3.279 2.734  1.00 62.03 ? 8  TRP A CB   7  
ATOM 1133 C CG   . TRP A 1 8  ? 6.913   -2.249 3.042  1.00 53.01 ? 8  TRP A CG   7  
ATOM 1134 C CD1  . TRP A 1 8  ? 7.316   -1.225 2.235  1.00 74.15 ? 8  TRP A CD1  7  
ATOM 1135 C CD2  . TRP A 1 8  ? 7.689   -2.147 4.240  1.00 32.32 ? 8  TRP A CD2  7  
ATOM 1136 N NE1  . TRP A 1 8  ? 8.295   -0.491 2.860  1.00 55.35 ? 8  TRP A NE1  7  
ATOM 1137 C CE2  . TRP A 1 8  ? 8.541   -1.036 4.092  1.00 74.14 ? 8  TRP A CE2  7  
ATOM 1138 C CE3  . TRP A 1 8  ? 7.745   -2.885 5.426  1.00 51.01 ? 8  TRP A CE3  7  
ATOM 1139 C CZ2  . TRP A 1 8  ? 9.438   -0.647 5.084  1.00 13.53 ? 8  TRP A CZ2  7  
ATOM 1140 C CZ3  . TRP A 1 8  ? 8.636   -2.499 6.410  1.00 41.33 ? 8  TRP A CZ3  7  
ATOM 1141 C CH2  . TRP A 1 8  ? 9.472   -1.388 6.234  1.00 43.01 ? 8  TRP A CH2  7  
ATOM 1142 H H    . TRP A 1 8  ? 3.553   -4.179 3.358  1.00 61.43 ? 8  TRP A H    7  
ATOM 1143 H HA   . TRP A 1 8  ? 4.409   -1.714 2.714  1.00 23.20 ? 8  TRP A HA   7  
ATOM 1144 H HB2  . TRP A 1 8  ? 5.686   -3.848 3.634  1.00 52.53 ? 8  TRP A HB2  7  
ATOM 1145 H HB3  . TRP A 1 8  ? 6.261   -3.935 1.970  1.00 61.31 ? 8  TRP A HB3  7  
ATOM 1146 H HD1  . TRP A 1 8  ? 6.916   -1.031 1.251  1.00 10.04 ? 8  TRP A HD1  7  
ATOM 1147 H HE1  . TRP A 1 8  ? 8.744   0.297  2.484  1.00 11.23 ? 8  TRP A HE1  7  
ATOM 1148 H HE3  . TRP A 1 8  ? 7.108   -3.743 5.580  1.00 21.32 ? 8  TRP A HE3  7  
ATOM 1149 H HZ2  . TRP A 1 8  ? 10.089  0.206  4.964  1.00 1.04  ? 8  TRP A HZ2  7  
ATOM 1150 H HZ3  . TRP A 1 8  ? 8.693   -3.057 7.333  1.00 42.12 ? 8  TRP A HZ3  7  
ATOM 1151 H HH2  . TRP A 1 8  ? 10.152  -1.123 7.029  1.00 15.33 ? 8  TRP A HH2  7  
ATOM 1152 N N    . CYS A 1 9  ? 3.934   -1.437 0.254  1.00 33.31 ? 9  CYS A N    7  
ATOM 1153 C CA   . CYS A 1 9  ? 3.897   -1.144 -1.173 1.00 3.22  ? 9  CYS A CA   7  
ATOM 1154 C C    . CYS A 1 9  ? 3.376   0.267  -1.425 1.00 23.01 ? 9  CYS A C    7  
ATOM 1155 O O    . CYS A 1 9  ? 3.214   1.056  -0.494 1.00 43.15 ? 9  CYS A O    7  
ATOM 1156 C CB   . CYS A 1 9  ? 3.016   -2.163 -1.901 1.00 20.41 ? 9  CYS A CB   7  
ATOM 1157 S SG   . CYS A 1 9  ? 1.239   -1.766 -1.869 1.00 64.10 ? 9  CYS A SG   7  
ATOM 1158 H H    . CYS A 1 9  ? 3.463   -0.844 0.877  1.00 73.33 ? 9  CYS A H    7  
ATOM 1159 H HA   . CYS A 1 9  ? 4.904   -1.216 -1.553 1.00 51.33 ? 9  CYS A HA   7  
ATOM 1160 H HB2  . CYS A 1 9  ? 3.321   -2.217 -2.935 1.00 34.30 ? 9  CYS A HB2  7  
ATOM 1161 H HB3  . CYS A 1 9  ? 3.146   -3.132 -1.442 1.00 24.32 ? 9  CYS A HB3  7  
ATOM 1162 N N    . CYS A 1 10 ? 3.113   0.578  -2.690 1.00 41.21 ? 10 CYS A N    7  
ATOM 1163 C CA   . CYS A 1 10 ? 2.610   1.894  -3.067 1.00 32.33 ? 10 CYS A CA   7  
ATOM 1164 C C    . CYS A 1 10 ? 2.080   1.885  -4.497 1.00 11.43 ? 10 CYS A C    7  
ATOM 1165 O O    . CYS A 1 10 ? 2.504   2.684  -5.333 1.00 15.24 ? 10 CYS A O    7  
ATOM 1166 C CB   . CYS A 1 10 ? 3.714   2.944  -2.927 1.00 64.41 ? 10 CYS A CB   7  
ATOM 1167 S SG   . CYS A 1 10 ? 3.137   4.548  -2.282 1.00 11.24 ? 10 CYS A SG   7  
ATOM 1168 H H    . CYS A 1 10 ? 3.262   -0.094 -3.388 1.00 10.34 ? 10 CYS A H    7  
ATOM 1169 H HA   . CYS A 1 10 ? 1.801   2.144  -2.397 1.00 1.55  ? 10 CYS A HA   7  
ATOM 1170 H HB2  . CYS A 1 10 ? 4.470   2.572  -2.250 1.00 54.30 ? 10 CYS A HB2  7  
ATOM 1171 H HB3  . CYS A 1 10 ? 4.159   3.118  -3.894 1.00 52.25 ? 10 CYS A HB3  7  
ATOM 1172 N N    . LEU A 1 11 ? 1.151   0.976  -4.773 1.00 23.42 ? 11 LEU A N    7  
ATOM 1173 C CA   . LEU A 1 11 ? 0.562   0.862  -6.102 1.00 53.22 ? 11 LEU A CA   7  
ATOM 1174 C C    . LEU A 1 11 ? -0.534  1.903  -6.303 1.00 64.03 ? 11 LEU A C    7  
ATOM 1175 O O    . LEU A 1 11 ? -0.297  2.966  -6.877 1.00 61.14 ? 11 LEU A O    7  
ATOM 1176 C CB   . LEU A 1 11 ? -0.008  -0.542 -6.310 1.00 51.02 ? 11 LEU A CB   7  
ATOM 1177 C CG   . LEU A 1 11 ? -0.798  -0.762 -7.602 1.00 71.45 ? 11 LEU A CG   7  
ATOM 1178 C CD1  . LEU A 1 11 ? 0.136   -0.778 -8.801 1.00 1.45  ? 11 LEU A CD1  7  
ATOM 1179 C CD2  . LEU A 1 11 ? -1.596  -2.055 -7.525 1.00 53.43 ? 11 LEU A CD2  7  
ATOM 1180 H H    . LEU A 1 11 ? 0.853   0.367  -4.065 1.00 55.32 ? 11 LEU A H    7  
ATOM 1181 H HA   . LEU A 1 11 ? 1.344   1.035  -6.827 1.00 73.20 ? 11 LEU A HA   7  
ATOM 1182 H HB2  . LEU A 1 11 ? 0.817   -1.238 -6.305 1.00 3.40  ? 11 LEU A HB2  7  
ATOM 1183 H HB3  . LEU A 1 11 ? -0.665  -0.758 -5.479 1.00 12.42 ? 11 LEU A HB3  7  
ATOM 1184 H HG   . LEU A 1 11 ? -1.494  0.055  -7.733 1.00 50.23 ? 11 LEU A HG   7  
ATOM 1185 H HD11 . LEU A 1 11 ? 1.150   -0.613 -8.471 1.00 53.04 ? 11 LEU A HD11 7  
ATOM 1186 H HD12 . LEU A 1 11 ? -0.149  0.002  -9.491 1.00 5.20  ? 11 LEU A HD12 7  
ATOM 1187 H HD13 . LEU A 1 11 ? 0.070   -1.736 -9.295 1.00 1.54  ? 11 LEU A HD13 7  
ATOM 1188 H HD21 . LEU A 1 11 ? -1.127  -2.725 -6.820 1.00 5.31  ? 11 LEU A HD21 7  
ATOM 1189 H HD22 . LEU A 1 11 ? -1.621  -2.519 -8.501 1.00 33.12 ? 11 LEU A HD22 7  
ATOM 1190 H HD23 . LEU A 1 11 ? -2.603  -1.838 -7.203 1.00 70.14 ? 11 LEU A HD23 7  
ATOM 1191 N N    . SER A 1 1  ? -1.117  -0.712 4.951  1.00 1.50  ? 1  SER A N    8  
ATOM 1192 C CA   . SER A 1 1  ? -2.231  0.096  4.468  1.00 70.33 ? 1  SER A CA   8  
ATOM 1193 C C    . SER A 1 1  ? -1.732  1.240  3.591  1.00 71.31 ? 1  SER A C    8  
ATOM 1194 O O    . SER A 1 1  ? -2.188  2.378  3.714  1.00 1.43  ? 1  SER A O    8  
ATOM 1195 C CB   . SER A 1 1  ? -3.031  0.654  5.647  1.00 71.50 ? 1  SER A CB   8  
ATOM 1196 O OG   . SER A 1 1  ? -3.198  -0.324 6.659  1.00 50.24 ? 1  SER A OG   8  
ATOM 1197 H H1   . SER A 1 1  ? -0.462  -0.311 5.559  1.00 61.44 ? 1  SER A H1   8  
ATOM 1198 H HA   . SER A 1 1  ? -2.872  -0.541 3.879  1.00 50.24 ? 1  SER A HA   8  
ATOM 1199 H HB2  . SER A 1 1  ? -2.509  1.502  6.064  1.00 33.13 ? 1  SER A HB2  8  
ATOM 1200 H HB3  . SER A 1 1  ? -4.006  0.967  5.301  1.00 73.13 ? 1  SER A HB3  8  
ATOM 1201 H HG   . SER A 1 1  ? -2.483  -0.962 6.608  1.00 51.33 ? 1  SER A HG   8  
ATOM 1202 N N    . CYS A 1 2  ? -0.790  0.931  2.706  1.00 53.12 ? 2  CYS A N    8  
ATOM 1203 C CA   . CYS A 1 2  ? -0.226  1.931  1.807  1.00 44.35 ? 2  CYS A CA   8  
ATOM 1204 C C    . CYS A 1 2  ? -1.275  2.421  0.813  1.00 14.25 ? 2  CYS A C    8  
ATOM 1205 O O    . CYS A 1 2  ? -2.472  2.421  1.105  1.00 55.35 ? 2  CYS A O    8  
ATOM 1206 C CB   . CYS A 1 2  ? 0.974   1.353  1.056  1.00 14.24 ? 2  CYS A CB   8  
ATOM 1207 S SG   . CYS A 1 2  ? 0.529   0.209  -0.290 1.00 22.23 ? 2  CYS A SG   8  
ATOM 1208 H H    . CYS A 1 2  ? -0.466  0.007  2.655  1.00 23.51 ? 2  CYS A H    8  
ATOM 1209 H HA   . CYS A 1 2  ? 0.103   2.767  2.405  1.00 61.11 ? 2  CYS A HA   8  
ATOM 1210 H HB2  . CYS A 1 2  ? 1.543   2.164  0.622  1.00 25.11 ? 2  CYS A HB2  8  
ATOM 1211 H HB3  . CYS A 1 2  ? 1.600   0.814  1.753  1.00 50.53 ? 2  CYS A HB3  8  
ATOM 1212 N N    . CYS A 1 3  ? -0.818  2.837  -0.364 1.00 70.02 ? 3  CYS A N    8  
ATOM 1213 C CA   . CYS A 1 3  ? -1.714  3.329  -1.403 1.00 64.22 ? 3  CYS A CA   8  
ATOM 1214 C C    . CYS A 1 3  ? -1.565  2.512  -2.682 1.00 5.44  ? 3  CYS A C    8  
ATOM 1215 O O    . CYS A 1 3  ? -0.583  2.633  -3.416 1.00 44.25 ? 3  CYS A O    8  
ATOM 1216 C CB   . CYS A 1 3  ? -1.431  4.805  -1.692 1.00 65.20 ? 3  CYS A CB   8  
ATOM 1217 S SG   . CYS A 1 3  ? 0.319   5.175  -2.033 1.00 13.32 ? 3  CYS A SG   8  
ATOM 1218 H H    . CYS A 1 3  ? 0.147   2.812  -0.538 1.00 71.12 ? 3  CYS A H    8  
ATOM 1219 H HA   . CYS A 1 3  ? -2.726  3.229  -1.043 1.00 63.33 ? 3  CYS A HA   8  
ATOM 1220 H HB2  . CYS A 1 3  ? -2.006  5.111  -2.554 1.00 73.14 ? 3  CYS A HB2  8  
ATOM 1221 H HB3  . CYS A 1 3  ? -1.733  5.395  -0.838 1.00 34.41 ? 3  CYS A HB3  8  
ATOM 1222 N N    . PRO A 1 4  ? -2.562  1.658  -2.959 1.00 32.54 ? 4  PRO A N    8  
ATOM 1223 C CA   . PRO A 1 4  ? -3.734  1.504  -2.093 1.00 25.44 ? 4  PRO A CA   8  
ATOM 1224 C C    . PRO A 1 4  ? -3.393  0.830  -0.768 1.00 22.42 ? 4  PRO A C    8  
ATOM 1225 O O    . PRO A 1 4  ? -2.256  0.411  -0.550 1.00 21.55 ? 4  PRO A O    8  
ATOM 1226 C CB   . PRO A 1 4  ? -4.671  0.617  -2.917 1.00 12.34 ? 4  PRO A CB   8  
ATOM 1227 C CG   . PRO A 1 4  ? -3.768  -0.144 -3.826 1.00 73.22 ? 4  PRO A CG   8  
ATOM 1228 C CD   . PRO A 1 4  ? -2.620  0.776  -4.136 1.00 41.24 ? 4  PRO A CD   8  
ATOM 1229 H HA   . PRO A 1 4  ? -4.213  2.453  -1.900 1.00 20.10 ? 4  PRO A HA   8  
ATOM 1230 H HB2  . PRO A 1 4  ? -5.218  -0.042 -2.260 1.00 20.24 ? 4  PRO A HB2  8  
ATOM 1231 H HB3  . PRO A 1 4  ? -5.360  1.234  -3.473 1.00 41.42 ? 4  PRO A HB3  8  
ATOM 1232 H HG2  . PRO A 1 4  ? -3.412  -1.033 -3.329 1.00 11.34 ? 4  PRO A HG2  8  
ATOM 1233 H HG3  . PRO A 1 4  ? -4.295  -0.404 -4.732 1.00 12.03 ? 4  PRO A HG3  8  
ATOM 1234 H HD2  . PRO A 1 4  ? -1.705  0.215  -4.244 1.00 54.21 ? 4  PRO A HD2  8  
ATOM 1235 H HD3  . PRO A 1 4  ? -2.825  1.345  -5.032 1.00 14.41 ? 4  PRO A HD3  8  
ATOM 1236 N N    . TRP A 1 5  ? -4.383  0.730  0.112  1.00 75.10 ? 5  TRP A N    8  
ATOM 1237 C CA   . TRP A 1 5  ? -4.186  0.106  1.416  1.00 51.34 ? 5  TRP A CA   8  
ATOM 1238 C C    . TRP A 1 5  ? -3.502  -1.249 1.273  1.00 54.02 ? 5  TRP A C    8  
ATOM 1239 O O    . TRP A 1 5  ? -4.164  -2.283 1.186  1.00 42.34 ? 5  TRP A O    8  
ATOM 1240 C CB   . TRP A 1 5  ? -5.527  -0.059 2.132  1.00 63.30 ? 5  TRP A CB   8  
ATOM 1241 C CG   . TRP A 1 5  ? -6.605  -0.619 1.255  1.00 13.34 ? 5  TRP A CG   8  
ATOM 1242 C CD1  . TRP A 1 5  ? -6.860  -1.939 1.011  1.00 60.34 ? 5  TRP A CD1  8  
ATOM 1243 C CD2  . TRP A 1 5  ? -7.571  0.123  0.503  1.00 30.30 ? 5  TRP A CD2  8  
ATOM 1244 N NE1  . TRP A 1 5  ? -7.926  -2.061 0.154  1.00 24.33 ? 5  TRP A NE1  8  
ATOM 1245 C CE2  . TRP A 1 5  ? -8.381  -0.811 -0.171 1.00 10.50 ? 5  TRP A CE2  8  
ATOM 1246 C CE3  . TRP A 1 5  ? -7.831  1.486  0.337  1.00 43.22 ? 5  TRP A CE3  8  
ATOM 1247 C CZ2  . TRP A 1 5  ? -9.431  -0.423 -1.000 1.00 14.14 ? 5  TRP A CZ2  8  
ATOM 1248 C CZ3  . TRP A 1 5  ? -8.874  1.868  -0.486 1.00 51.23 ? 5  TRP A CZ3  8  
ATOM 1249 C CH2  . TRP A 1 5  ? -9.664  0.917  -1.145 1.00 54.43 ? 5  TRP A CH2  8  
ATOM 1250 H H    . TRP A 1 5  ? -5.267  1.083  -0.121 1.00 64.42 ? 5  TRP A H    8  
ATOM 1251 H HA   . TRP A 1 5  ? -3.553  0.756  2.001  1.00 31.22 ? 5  TRP A HA   8  
ATOM 1252 H HB2  . TRP A 1 5  ? -5.399  -0.726 2.972  1.00 5.21  ? 5  TRP A HB2  8  
ATOM 1253 H HB3  . TRP A 1 5  ? -5.856  0.906  2.491  1.00 11.52 ? 5  TRP A HB3  8  
ATOM 1254 H HD1  . TRP A 1 5  ? -6.296  -2.756 1.437  1.00 40.25 ? 5  TRP A HD1  8  
ATOM 1255 H HE1  . TRP A 1 5  ? -8.301  -2.907 -0.171 1.00 24.15 ? 5  TRP A HE1  8  
ATOM 1256 H HE3  . TRP A 1 5  ? -7.235  2.234  0.837  1.00 52.24 ? 5  TRP A HE3  8  
ATOM 1257 H HZ2  . TRP A 1 5  ? -10.048 -1.145 -1.514 1.00 44.34 ? 5  TRP A HZ2  8  
ATOM 1258 H HZ3  . TRP A 1 5  ? -9.091  2.917  -0.627 1.00 75.23 ? 5  TRP A HZ3  8  
ATOM 1259 H HH2  . TRP A 1 5  ? -10.467 1.261  -1.778 1.00 43.13 ? 5  TRP A HH2  8  
ATOM 1260 N N    . ILE A 1 6  ? -2.173  -1.237 1.250  1.00 61.24 ? 6  ILE A N    8  
ATOM 1261 C CA   . ILE A 1 6  ? -1.400  -2.465 1.119  1.00 3.32  ? 6  ILE A CA   8  
ATOM 1262 C C    . ILE A 1 6  ? -0.044  -2.338 1.803  1.00 71.15 ? 6  ILE A C    8  
ATOM 1263 O O    . ILE A 1 6  ? 0.453   -1.231 2.018  1.00 51.54 ? 6  ILE A O    8  
ATOM 1264 C CB   . ILE A 1 6  ? -1.184  -2.840 -0.359 1.00 42.30 ? 6  ILE A CB   8  
ATOM 1265 C CG1  . ILE A 1 6  ? -2.431  -3.524 -0.922 1.00 2.35  ? 6  ILE A CG1  8  
ATOM 1266 C CG2  . ILE A 1 6  ? 0.032   -3.742 -0.504 1.00 13.41 ? 6  ILE A CG2  8  
ATOM 1267 C CD1  . ILE A 1 6  ? -3.070  -2.771 -2.068 1.00 72.31 ? 6  ILE A CD1  8  
ATOM 1268 H H    . ILE A 1 6  ? -1.702  -0.381 1.323  1.00 33.45 ? 6  ILE A H    8  
ATOM 1269 H HA   . ILE A 1 6  ? -1.957  -3.261 1.593  1.00 61.34 ? 6  ILE A HA   8  
ATOM 1270 H HB   . ILE A 1 6  ? -0.999  -1.934 -0.914 1.00 51.23 ? 6  ILE A HB   8  
ATOM 1271 H HG12 . ILE A 1 6  ? -2.165  -4.507 -1.280 1.00 64.40 ? 6  ILE A HG12 8  
ATOM 1272 H HG13 . ILE A 1 6  ? -3.167  -3.619 -0.136 1.00 63.33 ? 6  ILE A HG13 8  
ATOM 1273 H HG21 . ILE A 1 6  ? -0.119  -4.645 0.068  1.00 75.30 ? 6  ILE A HG21 8  
ATOM 1274 H HG22 . ILE A 1 6  ? 0.169   -3.996 -1.545 1.00 72.11 ? 6  ILE A HG22 8  
ATOM 1275 H HG23 . ILE A 1 6  ? 0.908   -3.226 -0.141 1.00 30.33 ? 6  ILE A HG23 8  
ATOM 1276 H HD11 . ILE A 1 6  ? -2.300  -2.422 -2.742 1.00 3.52  ? 6  ILE A HD11 8  
ATOM 1277 H HD12 . ILE A 1 6  ? -3.746  -3.425 -2.598 1.00 54.25 ? 6  ILE A HD12 8  
ATOM 1278 H HD13 . ILE A 1 6  ? -3.617  -1.924 -1.681 1.00 44.12 ? 6  ILE A HD13 8  
ATOM 1279 N N    . ILE A 1 7  ? 0.552   -3.476 2.141  1.00 35.12 ? 7  ILE A N    8  
ATOM 1280 C CA   . ILE A 1 7  ? 1.853   -3.490 2.798  1.00 54.41 ? 7  ILE A CA   8  
ATOM 1281 C C    . ILE A 1 7  ? 2.776   -2.426 2.215  1.00 71.22 ? 7  ILE A C    8  
ATOM 1282 O O    . ILE A 1 7  ? 2.425   -1.748 1.248  1.00 74.40 ? 7  ILE A O    8  
ATOM 1283 C CB   . ILE A 1 7  ? 2.533   -4.867 2.671  1.00 61.42 ? 7  ILE A CB   8  
ATOM 1284 C CG1  . ILE A 1 7  ? 2.304   -5.447 1.273  1.00 63.15 ? 7  ILE A CG1  8  
ATOM 1285 C CG2  . ILE A 1 7  ? 2.007   -5.817 3.737  1.00 75.11 ? 7  ILE A CG2  8  
ATOM 1286 C CD1  . ILE A 1 7  ? 3.055   -4.713 0.185  1.00 12.44 ? 7  ILE A CD1  8  
ATOM 1287 H H    . ILE A 1 7  ? 0.107   -4.325 1.943  1.00 23.41 ? 7  ILE A H    8  
ATOM 1288 H HA   . ILE A 1 7  ? 1.700   -3.283 3.847  1.00 41.25 ? 7  ILE A HA   8  
ATOM 1289 H HB   . ILE A 1 7  ? 3.592   -4.736 2.830  1.00 13.12 ? 7  ILE A HB   8  
ATOM 1290 H HG12 . ILE A 1 7  ? 2.622   -6.476 1.261  1.00 53.11 ? 7  ILE A HG12 8  
ATOM 1291 H HG13 . ILE A 1 7  ? 1.250   -5.397 1.041  1.00 44.31 ? 7  ILE A HG13 8  
ATOM 1292 H HG21 . ILE A 1 7  ? 2.357   -6.818 3.530  1.00 4.30  ? 7  ILE A HG21 8  
ATOM 1293 H HG22 . ILE A 1 7  ? 2.367   -5.504 4.706  1.00 43.31 ? 7  ILE A HG22 8  
ATOM 1294 H HG23 . ILE A 1 7  ? 0.928   -5.804 3.731  1.00 4.11  ? 7  ILE A HG23 8  
ATOM 1295 H HD11 . ILE A 1 7  ? 2.722   -3.687 0.145  1.00 61.24 ? 7  ILE A HD11 8  
ATOM 1296 H HD12 . ILE A 1 7  ? 4.113   -4.742 0.396  1.00 54.03 ? 7  ILE A HD12 8  
ATOM 1297 H HD13 . ILE A 1 7  ? 2.865   -5.189 -0.767 1.00 32.22 ? 7  ILE A HD13 8  
ATOM 1298 N N    . TRP A 1 8  ? 3.957   -2.284 2.806  1.00 24.43 ? 8  TRP A N    8  
ATOM 1299 C CA   . TRP A 1 8  ? 4.931   -1.303 2.344  1.00 51.24 ? 8  TRP A CA   8  
ATOM 1300 C C    . TRP A 1 8  ? 4.938   -1.217 0.822  1.00 4.12  ? 8  TRP A C    8  
ATOM 1301 O O    . TRP A 1 8  ? 5.662   -1.954 0.152  1.00 1.00  ? 8  TRP A O    8  
ATOM 1302 C CB   . TRP A 1 8  ? 6.328   -1.662 2.853  1.00 41.22 ? 8  TRP A CB   8  
ATOM 1303 C CG   . TRP A 1 8  ? 6.625   -3.130 2.790  1.00 64.13 ? 8  TRP A CG   8  
ATOM 1304 C CD1  . TRP A 1 8  ? 7.179   -3.809 1.743  1.00 72.24 ? 8  TRP A CD1  8  
ATOM 1305 C CD2  . TRP A 1 8  ? 6.379   -4.098 3.815  1.00 3.24  ? 8  TRP A CD2  8  
ATOM 1306 N NE1  . TRP A 1 8  ? 7.294   -5.142 2.057  1.00 73.01 ? 8  TRP A NE1  8  
ATOM 1307 C CE2  . TRP A 1 8  ? 6.811   -5.344 3.322  1.00 23.15 ? 8  TRP A CE2  8  
ATOM 1308 C CE3  . TRP A 1 8  ? 5.839   -4.033 5.103  1.00 52.42 ? 8  TRP A CE3  8  
ATOM 1309 C CZ2  . TRP A 1 8  ? 6.717   -6.514 4.072  1.00 13.22 ? 8  TRP A CZ2  8  
ATOM 1310 C CZ3  . TRP A 1 8  ? 5.747   -5.195 5.845  1.00 1.24  ? 8  TRP A CZ3  8  
ATOM 1311 C CH2  . TRP A 1 8  ? 6.185   -6.422 5.329  1.00 61.24 ? 8  TRP A CH2  8  
ATOM 1312 H H    . TRP A 1 8  ? 4.178   -2.855 3.572  1.00 61.42 ? 8  TRP A H    8  
ATOM 1313 H HA   . TRP A 1 8  ? 4.647   -0.341 2.746  1.00 34.13 ? 8  TRP A HA   8  
ATOM 1314 H HB2  . TRP A 1 8  ? 7.065   -1.147 2.256  1.00 34.11 ? 8  TRP A HB2  8  
ATOM 1315 H HB3  . TRP A 1 8  ? 6.420   -1.346 3.883  1.00 42.22 ? 8  TRP A HB3  8  
ATOM 1316 H HD1  . TRP A 1 8  ? 7.477   -3.353 0.811  1.00 70.42 ? 8  TRP A HD1  8  
ATOM 1317 H HE1  . TRP A 1 8  ? 7.663   -5.834 1.468  1.00 32.53 ? 8  TRP A HE1  8  
ATOM 1318 H HE3  . TRP A 1 8  ? 5.496   -3.097 5.517  1.00 31.43 ? 8  TRP A HE3  8  
ATOM 1319 H HZ2  . TRP A 1 8  ? 7.052   -7.467 3.688  1.00 23.34 ? 8  TRP A HZ2  8  
ATOM 1320 H HZ3  . TRP A 1 8  ? 5.332   -5.164 6.841  1.00 24.35 ? 8  TRP A HZ3  8  
ATOM 1321 H HH2  . TRP A 1 8  ? 6.092   -7.303 5.944  1.00 34.45 ? 8  TRP A HH2  8  
ATOM 1322 N N    . CYS A 1 9  ? 4.126   -0.314 0.280  1.00 62.52 ? 9  CYS A N    8  
ATOM 1323 C CA   . CYS A 1 9  ? 4.038   -0.132 -1.163 1.00 13.44 ? 9  CYS A CA   8  
ATOM 1324 C C    . CYS A 1 9  ? 3.307   1.163  -1.504 1.00 54.53 ? 9  CYS A C    8  
ATOM 1325 O O    . CYS A 1 9  ? 3.031   1.983  -0.628 1.00 41.31 ? 9  CYS A O    8  
ATOM 1326 C CB   . CYS A 1 9  ? 3.320   -1.321 -1.805 1.00 54.12 ? 9  CYS A CB   8  
ATOM 1327 S SG   . CYS A 1 9  ? 1.503   -1.196 -1.774 1.00 1.20  ? 9  CYS A SG   8  
ATOM 1328 H H    . CYS A 1 9  ? 3.572   0.244  0.867  1.00 74.21 ? 9  CYS A H    8  
ATOM 1329 H HA   . CYS A 1 9  ? 5.043   -0.077 -1.553 1.00 30.32 ? 9  CYS A HA   8  
ATOM 1330 H HB2  . CYS A 1 9  ? 3.626   -1.401 -2.838 1.00 31.15 ? 9  CYS A HB2  8  
ATOM 1331 H HB3  . CYS A 1 9  ? 3.597   -2.225 -1.282 1.00 52.34 ? 9  CYS A HB3  8  
ATOM 1332 N N    . CYS A 1 10 ? 2.996   1.340  -2.784 1.00 24.03 ? 10 CYS A N    8  
ATOM 1333 C CA   . CYS A 1 10 ? 2.297   2.534  -3.243 1.00 60.13 ? 10 CYS A CA   8  
ATOM 1334 C C    . CYS A 1 10 ? 1.770   2.344  -4.662 1.00 42.22 ? 10 CYS A C    8  
ATOM 1335 O O    . CYS A 1 10 ? 2.064   3.137  -5.558 1.00 43.23 ? 10 CYS A O    8  
ATOM 1336 C CB   . CYS A 1 10 ? 3.229   3.747  -3.192 1.00 52.13 ? 10 CYS A CB   8  
ATOM 1337 S SG   . CYS A 1 10 ? 2.417   5.286  -2.652 1.00 30.52 ? 10 CYS A SG   8  
ATOM 1338 H H    . CYS A 1 10 ? 3.243   0.650  -3.436 1.00 45.44 ? 10 CYS A H    8  
ATOM 1339 H HA   . CYS A 1 10 ? 1.461   2.706  -2.582 1.00 13.14 ? 10 CYS A HA   8  
ATOM 1340 H HB2  . CYS A 1 10 ? 4.035   3.542  -2.504 1.00 74.30 ? 10 CYS A HB2  8  
ATOM 1341 H HB3  . CYS A 1 10 ? 3.638   3.919  -4.177 1.00 23.42 ? 10 CYS A HB3  8  
ATOM 1342 N N    . LEU A 1 11 ? 0.989   1.288  -4.860 1.00 4.43  ? 11 LEU A N    8  
ATOM 1343 C CA   . LEU A 1 11 ? 0.418   0.993  -6.170 1.00 12.02 ? 11 LEU A CA   8  
ATOM 1344 C C    . LEU A 1 11 ? -0.825  1.838  -6.427 1.00 74.43 ? 11 LEU A C    8  
ATOM 1345 O O    . LEU A 1 11 ? -1.095  2.235  -7.560 1.00 24.13 ? 11 LEU A O    8  
ATOM 1346 C CB   . LEU A 1 11 ? 0.068   -0.493 -6.273 1.00 21.31 ? 11 LEU A CB   8  
ATOM 1347 C CG   . LEU A 1 11 ? -0.681  -0.920 -7.536 1.00 31.25 ? 11 LEU A CG   8  
ATOM 1348 C CD1  . LEU A 1 11 ? 0.210   -0.774 -8.760 1.00 21.42 ? 11 LEU A CD1  8  
ATOM 1349 C CD2  . LEU A 1 11 ? -1.177  -2.353 -7.402 1.00 54.43 ? 11 LEU A CD2  8  
ATOM 1350 H H    . LEU A 1 11 ? 0.789   0.692  -4.108 1.00 74.11 ? 11 LEU A H    8  
ATOM 1351 H HA   . LEU A 1 11 ? 1.162   1.231  -6.916 1.00 44.02 ? 11 LEU A HA   8  
ATOM 1352 H HB2  . LEU A 1 11 ? 0.989   -1.054 -6.229 1.00 63.21 ? 11 LEU A HB2  8  
ATOM 1353 H HB3  . LEU A 1 11 ? -0.547  -0.747 -5.421 1.00 62.44 ? 11 LEU A HB3  8  
ATOM 1354 H HG   . LEU A 1 11 ? -1.541  -0.279 -7.670 1.00 54.22 ? 11 LEU A HG   8  
ATOM 1355 H HD11 . LEU A 1 11 ? -0.049  -1.530 -9.485 1.00 14.25 ? 11 LEU A HD11 8  
ATOM 1356 H HD12 . LEU A 1 11 ? 1.243   -0.893 -8.469 1.00 30.30 ? 11 LEU A HD12 8  
ATOM 1357 H HD13 . LEU A 1 11 ? 0.068   0.205  -9.192 1.00 75.14 ? 11 LEU A HD13 8  
ATOM 1358 H HD21 . LEU A 1 11 ? -0.534  -3.010 -7.968 1.00 13.10 ? 11 LEU A HD21 8  
ATOM 1359 H HD22 . LEU A 1 11 ? -2.186  -2.421 -7.783 1.00 30.25 ? 11 LEU A HD22 8  
ATOM 1360 H HD23 . LEU A 1 11 ? -1.162  -2.643 -6.362 1.00 44.30 ? 11 LEU A HD23 8  
ATOM 1361 N N    . SER A 1 1  ? -1.168  -0.880 4.697  1.00 23.32 ? 1  SER A N    9  
ATOM 1362 C CA   . SER A 1 1  ? -2.224  0.100  4.468  1.00 75.31 ? 1  SER A CA   9  
ATOM 1363 C C    . SER A 1 1  ? -1.722  1.244  3.591  1.00 75.11 ? 1  SER A C    9  
ATOM 1364 O O    . SER A 1 1  ? -2.177  2.381  3.714  1.00 42.21 ? 1  SER A O    9  
ATOM 1365 C CB   . SER A 1 1  ? -2.735  0.651  5.801  1.00 45.23 ? 1  SER A CB   9  
ATOM 1366 O OG   . SER A 1 1  ? -4.142  0.821  5.776  1.00 30.04 ? 1  SER A OG   9  
ATOM 1367 H H1   . SER A 1 1  ? -1.043  -1.248 5.597  1.00 5.10  ? 1  SER A H1   9  
ATOM 1368 H HA   . SER A 1 1  ? -3.035  -0.399 3.959  1.00 33.11 ? 1  SER A HA   9  
ATOM 1369 H HB2  . SER A 1 1  ? -2.482  -0.037 6.593  1.00 54.13 ? 1  SER A HB2  9  
ATOM 1370 H HB3  . SER A 1 1  ? -2.273  1.608  5.993  1.00 55.32 ? 1  SER A HB3  9  
ATOM 1371 H HG   . SER A 1 1  ? -4.529  0.191  5.163  1.00 61.22 ? 1  SER A HG   9  
ATOM 1372 N N    . CYS A 1 2  ? -0.781  0.933  2.707  1.00 55.20 ? 2  CYS A N    9  
ATOM 1373 C CA   . CYS A 1 2  ? -0.216  1.932  1.808  1.00 75.34 ? 2  CYS A CA   9  
ATOM 1374 C C    . CYS A 1 2  ? -1.262  2.424  0.813  1.00 43.31 ? 2  CYS A C    9  
ATOM 1375 O O    . CYS A 1 2  ? -2.459  2.427  1.104  1.00 21.51 ? 2  CYS A O    9  
ATOM 1376 C CB   . CYS A 1 2  ? 0.985   1.353  1.057  1.00 23.40 ? 2  CYS A CB   9  
ATOM 1377 S SG   . CYS A 1 2  ? 0.538   0.209  -0.289 1.00 72.51 ? 2  CYS A SG   9  
ATOM 1378 H H    . CYS A 1 2  ? -0.457  0.008  2.656  1.00 63.05 ? 2  CYS A H    9  
ATOM 1379 H HA   . CYS A 1 2  ? 0.115   2.768  2.407  1.00 64.22 ? 2  CYS A HA   9  
ATOM 1380 H HB2  . CYS A 1 2  ? 1.554   2.162  0.624  1.00 61.13 ? 2  CYS A HB2  9  
ATOM 1381 H HB3  . CYS A 1 2  ? 1.610   0.814  1.754  1.00 11.22 ? 2  CYS A HB3  9  
ATOM 1382 N N    . CYS A 1 3  ? -0.804  2.839  -0.363 1.00 74.52 ? 3  CYS A N    9  
ATOM 1383 C CA   . CYS A 1 3  ? -1.699  3.334  -1.402 1.00 33.03 ? 3  CYS A CA   9  
ATOM 1384 C C    . CYS A 1 3  ? -1.550  2.516  -2.682 1.00 62.14 ? 3  CYS A C    9  
ATOM 1385 O O    . CYS A 1 3  ? -0.569  2.638  -3.414 1.00 12.31 ? 3  CYS A O    9  
ATOM 1386 C CB   . CYS A 1 3  ? -1.415  4.810  -1.690 1.00 14.21 ? 3  CYS A CB   9  
ATOM 1387 S SG   . CYS A 1 3  ? 0.337   5.176  -2.030 1.00 34.21 ? 3  CYS A SG   9  
ATOM 1388 H H    . CYS A 1 3  ? 0.161   2.814  -0.536 1.00 13.42 ? 3  CYS A H    9  
ATOM 1389 H HA   . CYS A 1 3  ? -2.712  3.235  -1.042 1.00 54.23 ? 3  CYS A HA   9  
ATOM 1390 H HB2  . CYS A 1 3  ? -1.988  5.117  -2.553 1.00 53.12 ? 3  CYS A HB2  9  
ATOM 1391 H HB3  . CYS A 1 3  ? -1.714  5.400  -0.837 1.00 25.11 ? 3  CYS A HB3  9  
ATOM 1392 N N    . PRO A 1 4  ? -2.548  1.664  -2.959 1.00 64.53 ? 4  PRO A N    9  
ATOM 1393 C CA   . PRO A 1 4  ? -3.722  1.512  -2.093 1.00 25.11 ? 4  PRO A CA   9  
ATOM 1394 C C    . PRO A 1 4  ? -3.382  0.837  -0.769 1.00 70.55 ? 4  PRO A C    9  
ATOM 1395 O O    . PRO A 1 4  ? -2.247  0.415  -0.550 1.00 72.45 ? 4  PRO A O    9  
ATOM 1396 C CB   . PRO A 1 4  ? -4.659  0.627  -2.919 1.00 4.22  ? 4  PRO A CB   9  
ATOM 1397 C CG   . PRO A 1 4  ? -3.757  -0.136 -3.827 1.00 61.23 ? 4  PRO A CG   9  
ATOM 1398 C CD   . PRO A 1 4  ? -2.608  0.784  -4.138 1.00 23.54 ? 4  PRO A CD   9  
ATOM 1399 H HA   . PRO A 1 4  ? -4.199  2.462  -1.900 1.00 33.22 ? 4  PRO A HA   9  
ATOM 1400 H HB2  . PRO A 1 4  ? -5.208  -0.032 -2.261 1.00 12.23 ? 4  PRO A HB2  9  
ATOM 1401 H HB3  . PRO A 1 4  ? -5.347  1.245  -3.475 1.00 64.24 ? 4  PRO A HB3  9  
ATOM 1402 H HG2  . PRO A 1 4  ? -3.402  -1.026 -3.330 1.00 72.24 ? 4  PRO A HG2  9  
ATOM 1403 H HG3  . PRO A 1 4  ? -4.284  -0.395 -4.734 1.00 10.00 ? 4  PRO A HG3  9  
ATOM 1404 H HD2  . PRO A 1 4  ? -1.693  0.220  -4.244 1.00 73.31 ? 4  PRO A HD2  9  
ATOM 1405 H HD3  . PRO A 1 4  ? -2.810  1.353  -5.033 1.00 4.25  ? 4  PRO A HD3  9  
ATOM 1406 N N    . TRP A 1 5  ? -4.373  0.738  0.111  1.00 54.11 ? 5  TRP A N    9  
ATOM 1407 C CA   . TRP A 1 5  ? -4.177  0.114  1.414  1.00 14.11 ? 5  TRP A CA   9  
ATOM 1408 C C    . TRP A 1 5  ? -3.495  -1.243 1.271  1.00 64.50 ? 5  TRP A C    9  
ATOM 1409 O O    . TRP A 1 5  ? -4.159  -2.275 1.183  1.00 22.33 ? 5  TRP A O    9  
ATOM 1410 C CB   . TRP A 1 5  ? -5.518  -0.049 2.130  1.00 23.24 ? 5  TRP A CB   9  
ATOM 1411 C CG   . TRP A 1 5  ? -6.597  -0.609 1.252  1.00 72.45 ? 5  TRP A CG   9  
ATOM 1412 C CD1  . TRP A 1 5  ? -6.854  -1.927 1.008  1.00 61.22 ? 5  TRP A CD1  9  
ATOM 1413 C CD2  . TRP A 1 5  ? -7.561  0.137  0.500  1.00 24.55 ? 5  TRP A CD2  9  
ATOM 1414 N NE1  . TRP A 1 5  ? -7.920  -2.047 0.150  1.00 30.15 ? 5  TRP A NE1  9  
ATOM 1415 C CE2  . TRP A 1 5  ? -8.372  -0.796 -0.176 1.00 63.24 ? 5  TRP A CE2  9  
ATOM 1416 C CE3  . TRP A 1 5  ? -7.821  1.500  0.334  1.00 15.21 ? 5  TRP A CE3  9  
ATOM 1417 C CZ2  . TRP A 1 5  ? -9.422  -0.407 -1.004 1.00 13.10 ? 5  TRP A CZ2  9  
ATOM 1418 C CZ3  . TRP A 1 5  ? -8.862  1.884  -0.489 1.00 32.21 ? 5  TRP A CZ3  9  
ATOM 1419 C CH2  . TRP A 1 5  ? -9.652  0.935  -1.150 1.00 24.53 ? 5  TRP A CH2  9  
ATOM 1420 H H    . TRP A 1 5  ? -5.256  1.094  -0.122 1.00 33.35 ? 5  TRP A H    9  
ATOM 1421 H HA   . TRP A 1 5  ? -3.543  0.763  2.000  1.00 40.21 ? 5  TRP A HA   9  
ATOM 1422 H HB2  . TRP A 1 5  ? -5.393  -0.717 2.970  1.00 71.12 ? 5  TRP A HB2  9  
ATOM 1423 H HB3  . TRP A 1 5  ? -5.847  0.916  2.489  1.00 34.04 ? 5  TRP A HB3  9  
ATOM 1424 H HD1  . TRP A 1 5  ? -6.292  -2.745 1.433  1.00 73.14 ? 5  TRP A HD1  9  
ATOM 1425 H HE1  . TRP A 1 5  ? -8.296  -2.893 -0.175 1.00 61.44 ? 5  TRP A HE1  9  
ATOM 1426 H HE3  . TRP A 1 5  ? -7.222  2.247  0.834  1.00 22.33 ? 5  TRP A HE3  9  
ATOM 1427 H HZ2  . TRP A 1 5  ? -10.040 -1.127 -1.520 1.00 62.32 ? 5  TRP A HZ2  9  
ATOM 1428 H HZ3  . TRP A 1 5  ? -9.077  2.933  -0.630 1.00 73.30 ? 5  TRP A HZ3  9  
ATOM 1429 H HH2  . TRP A 1 5  ? -10.455 1.280  -1.782 1.00 61.02 ? 5  TRP A HH2  9  
ATOM 1430 N N    . ILE A 1 6  ? -2.166  -1.232 1.249  1.00 61.10 ? 6  ILE A N    9  
ATOM 1431 C CA   . ILE A 1 6  ? -1.395  -2.463 1.119  1.00 63.05 ? 6  ILE A CA   9  
ATOM 1432 C C    . ILE A 1 6  ? -0.038  -2.336 1.803  1.00 3.52  ? 6  ILE A C    9  
ATOM 1433 O O    . ILE A 1 6  ? 0.459   -1.230 2.017  1.00 33.44 ? 6  ILE A O    9  
ATOM 1434 C CB   . ILE A 1 6  ? -1.179  -2.837 -0.360 1.00 30.13 ? 6  ILE A CB   9  
ATOM 1435 C CG1  . ILE A 1 6  ? -2.428  -3.519 -0.923 1.00 15.31 ? 6  ILE A CG1  9  
ATOM 1436 C CG2  . ILE A 1 6  ? 0.036   -3.740 -0.504 1.00 2.44  ? 6  ILE A CG2  9  
ATOM 1437 C CD1  . ILE A 1 6  ? -3.064  -2.763 -2.068 1.00 52.41 ? 6  ILE A CD1  9  
ATOM 1438 H H    . ILE A 1 6  ? -1.694  -0.377 1.323  1.00 73.00 ? 6  ILE A H    9  
ATOM 1439 H HA   . ILE A 1 6  ? -1.953  -3.257 1.592  1.00 64.11 ? 6  ILE A HA   9  
ATOM 1440 H HB   . ILE A 1 6  ? -0.992  -1.930 -0.914 1.00 11.14 ? 6  ILE A HB   9  
ATOM 1441 H HG12 . ILE A 1 6  ? -2.163  -4.501 -1.282 1.00 31.33 ? 6  ILE A HG12 9  
ATOM 1442 H HG13 . ILE A 1 6  ? -3.163  -3.613 -0.138 1.00 72.11 ? 6  ILE A HG13 9  
ATOM 1443 H HG21 . ILE A 1 6  ? 0.913   -3.226 -0.140 1.00 62.41 ? 6  ILE A HG21 9  
ATOM 1444 H HG22 . ILE A 1 6  ? -0.116  -4.642 0.069  1.00 25.10 ? 6  ILE A HG22 9  
ATOM 1445 H HG23 . ILE A 1 6  ? 0.174   -3.994 -1.545 1.00 0.31  ? 6  ILE A HG23 9  
ATOM 1446 H HD11 . ILE A 1 6  ? -3.612  -1.916 -1.682 1.00 13.21 ? 6  ILE A HD11 9  
ATOM 1447 H HD12 . ILE A 1 6  ? -2.295  -2.418 -2.744 1.00 5.01  ? 6  ILE A HD12 9  
ATOM 1448 H HD13 . ILE A 1 6  ? -3.742  -3.417 -2.599 1.00 20.54 ? 6  ILE A HD13 9  
ATOM 1449 N N    . ILE A 1 7  ? 0.555   -3.476 2.142  1.00 62.23 ? 7  ILE A N    9  
ATOM 1450 C CA   . ILE A 1 7  ? 1.856   -3.493 2.800  1.00 51.23 ? 7  ILE A CA   9  
ATOM 1451 C C    . ILE A 1 7  ? 2.780   -2.429 2.217  1.00 25.12 ? 7  ILE A C    9  
ATOM 1452 O O    . ILE A 1 7  ? 2.430   -1.751 1.251  1.00 54.31 ? 7  ILE A O    9  
ATOM 1453 C CB   . ILE A 1 7  ? 2.533   -4.870 2.672  1.00 4.03  ? 7  ILE A CB   9  
ATOM 1454 C CG1  . ILE A 1 7  ? 2.302   -5.449 1.275  1.00 50.52 ? 7  ILE A CG1  9  
ATOM 1455 C CG2  . ILE A 1 7  ? 2.006   -5.819 3.738  1.00 0.15  ? 7  ILE A CG2  9  
ATOM 1456 C CD1  . ILE A 1 7  ? 3.055   -4.717 0.186  1.00 14.41 ? 7  ILE A CD1  9  
ATOM 1457 H H    . ILE A 1 7  ? 0.108   -4.325 1.944  1.00 61.23 ? 7  ILE A H    9  
ATOM 1458 H HA   . ILE A 1 7  ? 1.701   -3.285 3.849  1.00 14.23 ? 7  ILE A HA   9  
ATOM 1459 H HB   . ILE A 1 7  ? 3.592   -4.741 2.831  1.00 11.32 ? 7  ILE A HB   9  
ATOM 1460 H HG12 . ILE A 1 7  ? 2.620   -6.479 1.262  1.00 0.05  ? 7  ILE A HG12 9  
ATOM 1461 H HG13 . ILE A 1 7  ? 1.248   -5.399 1.042  1.00 51.24 ? 7  ILE A HG13 9  
ATOM 1462 H HG21 . ILE A 1 7  ? 2.195   -6.839 3.437  1.00 3.50  ? 7  ILE A HG21 9  
ATOM 1463 H HG22 . ILE A 1 7  ? 2.508   -5.623 4.674  1.00 35.20 ? 7  ILE A HG22 9  
ATOM 1464 H HG23 . ILE A 1 7  ? 0.945   -5.670 3.861  1.00 5.21  ? 7  ILE A HG23 9  
ATOM 1465 H HD11 . ILE A 1 7  ? 2.726   -3.690 0.148  1.00 64.21 ? 7  ILE A HD11 9  
ATOM 1466 H HD12 . ILE A 1 7  ? 4.113   -4.750 0.395  1.00 30.21 ? 7  ILE A HD12 9  
ATOM 1467 H HD13 . ILE A 1 7  ? 2.861   -5.191 -0.766 1.00 13.24 ? 7  ILE A HD13 9  
ATOM 1468 N N    . TRP A 1 8  ? 3.961   -2.290 2.810  1.00 45.52 ? 8  TRP A N    9  
ATOM 1469 C CA   . TRP A 1 8  ? 4.937   -1.310 2.348  1.00 44.32 ? 8  TRP A CA   9  
ATOM 1470 C C    . TRP A 1 8  ? 4.944   -1.224 0.826  1.00 30.12 ? 8  TRP A C    9  
ATOM 1471 O O    . TRP A 1 8  ? 5.667   -1.961 0.156  1.00 52.10 ? 8  TRP A O    9  
ATOM 1472 C CB   . TRP A 1 8  ? 6.333   -1.670 2.858  1.00 12.43 ? 8  TRP A CB   9  
ATOM 1473 C CG   . TRP A 1 8  ? 6.627   -3.139 2.794  1.00 22.02 ? 8  TRP A CG   9  
ATOM 1474 C CD1  . TRP A 1 8  ? 7.182   -3.819 1.748  1.00 71.15 ? 8  TRP A CD1  9  
ATOM 1475 C CD2  . TRP A 1 8  ? 6.380   -4.108 3.819  1.00 41.25 ? 8  TRP A CD2  9  
ATOM 1476 N NE1  . TRP A 1 8  ? 7.294   -5.153 2.060  1.00 71.03 ? 8  TRP A NE1  9  
ATOM 1477 C CE2  . TRP A 1 8  ? 6.810   -5.355 3.326  1.00 54.41 ? 8  TRP A CE2  9  
ATOM 1478 C CE3  . TRP A 1 8  ? 5.839   -4.042 5.105  1.00 23.25 ? 8  TRP A CE3  9  
ATOM 1479 C CZ2  . TRP A 1 8  ? 6.714   -6.524 4.074  1.00 22.33 ? 8  TRP A CZ2  9  
ATOM 1480 C CZ3  . TRP A 1 8  ? 5.744   -5.205 5.847  1.00 73.41 ? 8  TRP A CZ3  9  
ATOM 1481 C CH2  . TRP A 1 8  ? 6.181   -6.432 5.331  1.00 22.32 ? 8  TRP A CH2  9  
ATOM 1482 H H    . TRP A 1 8  ? 4.182   -2.861 3.575  1.00 64.25 ? 8  TRP A H    9  
ATOM 1483 H HA   . TRP A 1 8  ? 4.654   -0.347 2.749  1.00 31.44 ? 8  TRP A HA   9  
ATOM 1484 H HB2  . TRP A 1 8  ? 7.072   -1.157 2.260  1.00 64.43 ? 8  TRP A HB2  9  
ATOM 1485 H HB3  . TRP A 1 8  ? 6.425   -1.356 3.887  1.00 40.43 ? 8  TRP A HB3  9  
ATOM 1486 H HD1  . TRP A 1 8  ? 7.481   -3.363 0.816  1.00 12.01 ? 8  TRP A HD1  9  
ATOM 1487 H HE1  . TRP A 1 8  ? 7.663   -5.845 1.472  1.00 33.34 ? 8  TRP A HE1  9  
ATOM 1488 H HE3  . TRP A 1 8  ? 5.497   -3.106 5.521  1.00 64.42 ? 8  TRP A HE3  9  
ATOM 1489 H HZ2  . TRP A 1 8  ? 7.047   -7.478 3.691  1.00 71.33 ? 8  TRP A HZ2  9  
ATOM 1490 H HZ3  . TRP A 1 8  ? 5.328   -5.174 6.845  1.00 54.54 ? 8  TRP A HZ3  9  
ATOM 1491 H HH2  . TRP A 1 8  ? 6.088   -7.314 5.946  1.00 44.31 ? 8  TRP A HH2  9  
ATOM 1492 N N    . CYS A 1 9  ? 4.135   -0.319 0.284  1.00 33.24 ? 9  CYS A N    9  
ATOM 1493 C CA   . CYS A 1 9  ? 4.048   -0.137 -1.159 1.00 41.34 ? 9  CYS A CA   9  
ATOM 1494 C C    . CYS A 1 9  ? 3.319   1.160  -1.501 1.00 72.30 ? 9  CYS A C    9  
ATOM 1495 O O    . CYS A 1 9  ? 3.044   1.980  -0.625 1.00 41.31 ? 9  CYS A O    9  
ATOM 1496 C CB   . CYS A 1 9  ? 3.329   -1.324 -1.803 1.00 23.44 ? 9  CYS A CB   9  
ATOM 1497 S SG   . CYS A 1 9  ? 1.512   -1.197 -1.773 1.00 62.22 ? 9  CYS A SG   9  
ATOM 1498 H H    . CYS A 1 9  ? 3.582   0.240  0.870  1.00 64.13 ? 9  CYS A H    9  
ATOM 1499 H HA   . CYS A 1 9  ? 5.054   -0.083 -1.548 1.00 44.40 ? 9  CYS A HA   9  
ATOM 1500 H HB2  . CYS A 1 9  ? 3.635   -1.404 -2.835 1.00 3.33  ? 9  CYS A HB2  9  
ATOM 1501 H HB3  . CYS A 1 9  ? 3.604   -2.229 -1.280 1.00 60.55 ? 9  CYS A HB3  9  
ATOM 1502 N N    . CYS A 1 10 ? 3.009   1.338  -2.781 1.00 51.00 ? 10 CYS A N    9  
ATOM 1503 C CA   . CYS A 1 10 ? 2.312   2.534  -3.240 1.00 4.45  ? 10 CYS A CA   9  
ATOM 1504 C C    . CYS A 1 10 ? 1.785   2.343  -4.660 1.00 61.55 ? 10 CYS A C    9  
ATOM 1505 O O    . CYS A 1 10 ? 2.080   3.136  -5.555 1.00 53.00 ? 10 CYS A O    9  
ATOM 1506 C CB   . CYS A 1 10 ? 3.245   3.744  -3.188 1.00 34.12 ? 10 CYS A CB   9  
ATOM 1507 S SG   . CYS A 1 10 ? 2.436   5.285  -2.649 1.00 4.41  ? 10 CYS A SG   9  
ATOM 1508 H H    . CYS A 1 10 ? 3.255   0.647  -3.433 1.00 70.34 ? 10 CYS A H    9  
ATOM 1509 H HA   . CYS A 1 10 ? 1.476   2.705  -2.579 1.00 71.50 ? 10 CYS A HA   9  
ATOM 1510 H HB2  . CYS A 1 10 ? 4.051   3.538  -2.499 1.00 71.14 ? 10 CYS A HB2  9  
ATOM 1511 H HB3  . CYS A 1 10 ? 3.656   3.915  -4.172 1.00 13.12 ? 10 CYS A HB3  9  
ATOM 1512 N N    . LEU A 1 11 ? 1.001   1.290  -4.858 1.00 12.25 ? 11 LEU A N    9  
ATOM 1513 C CA   . LEU A 1 11 ? 0.432   0.995  -6.168 1.00 31.21 ? 11 LEU A CA   9  
ATOM 1514 C C    . LEU A 1 11 ? -0.809  1.845  -6.425 1.00 13.24 ? 11 LEU A C    9  
ATOM 1515 O O    . LEU A 1 11 ? -1.125  2.168  -7.570 1.00 20.15 ? 11 LEU A O    9  
ATOM 1516 C CB   . LEU A 1 11 ? 0.077   -0.490 -6.270 1.00 62.33 ? 11 LEU A CB   9  
ATOM 1517 C CG   . LEU A 1 11 ? -0.685  -0.913 -7.526 1.00 40.01 ? 11 LEU A CG   9  
ATOM 1518 C CD1  . LEU A 1 11 ? 0.220   -0.847 -8.747 1.00 11.11 ? 11 LEU A CD1  9  
ATOM 1519 C CD2  . LEU A 1 11 ? -1.254  -2.314 -7.358 1.00 1.00  ? 11 LEU A CD2  9  
ATOM 1520 H H    . LEU A 1 11 ? 0.802   0.693  -4.106 1.00 41.04 ? 11 LEU A H    9  
ATOM 1521 H HA   . LEU A 1 11 ? 1.176   1.231  -6.914 1.00 35.23 ? 11 LEU A HA   9  
ATOM 1522 H HB2  . LEU A 1 11 ? 0.998   -1.052 -6.236 1.00 42.20 ? 11 LEU A HB2  9  
ATOM 1523 H HB3  . LEU A 1 11 ? -0.530  -0.744 -5.412 1.00 52.11 ? 11 LEU A HB3  9  
ATOM 1524 H HG   . LEU A 1 11 ? -1.510  -0.233 -7.686 1.00 71.12 ? 11 LEU A HG   9  
ATOM 1525 H HD11 . LEU A 1 11 ? 0.601   0.157  -8.858 1.00 41.44 ? 11 LEU A HD11 9  
ATOM 1526 H HD12 . LEU A 1 11 ? -0.344  -1.118 -9.627 1.00 50.54 ? 11 LEU A HD12 9  
ATOM 1527 H HD13 . LEU A 1 11 ? 1.044   -1.533 -8.622 1.00 1.43  ? 11 LEU A HD13 9  
ATOM 1528 H HD21 . LEU A 1 11 ? -1.565  -2.455 -6.333 1.00 11.23 ? 11 LEU A HD21 9  
ATOM 1529 H HD22 . LEU A 1 11 ? -0.497  -3.043 -7.608 1.00 30.33 ? 11 LEU A HD22 9  
ATOM 1530 H HD23 . LEU A 1 11 ? -2.105  -2.438 -8.012 1.00 52.01 ? 11 LEU A HD23 9  
ATOM 1531 N N    . SER A 1 1  ? -1.391  -1.338 4.694  1.00 33.23 ? 1  SER A N    10 
ATOM 1532 C CA   . SER A 1 1  ? -2.340  -0.284 4.359  1.00 61.41 ? 1  SER A CA   10 
ATOM 1533 C C    . SER A 1 1  ? -1.666  0.817  3.546  1.00 33.21 ? 1  SER A C    10 
ATOM 1534 O O    . SER A 1 1  ? -1.969  1.999  3.708  1.00 62.31 ? 1  SER A O    10 
ATOM 1535 C CB   . SER A 1 1  ? -2.948  0.307  5.633  1.00 35.32 ? 1  SER A CB   10 
ATOM 1536 O OG   . SER A 1 1  ? -1.960  0.490  6.632  1.00 73.22 ? 1  SER A OG   10 
ATOM 1537 H H1   . SER A 1 1  ? -1.068  -1.418 5.616  1.00 51.12 ? 1  SER A H1   10 
ATOM 1538 H HA   . SER A 1 1  ? -3.128  -0.722 3.766  1.00 1.44  ? 1  SER A HA   10 
ATOM 1539 H HB2  . SER A 1 1  ? -3.394  1.263  5.406  1.00 22.30 ? 1  SER A HB2  10 
ATOM 1540 H HB3  . SER A 1 1  ? -3.706  -0.364 6.012  1.00 72.44 ? 1  SER A HB3  10 
ATOM 1541 H HG   . SER A 1 1  ? -2.339  0.313  7.496  1.00 45.52 ? 1  SER A HG   10 
ATOM 1542 N N    . CYS A 1 2  ? -0.749  0.420  2.670  1.00 24.44 ? 2  CYS A N    10 
ATOM 1543 C CA   . CYS A 1 2  ? -0.030  1.370  1.831  1.00 60.11 ? 2  CYS A CA   10 
ATOM 1544 C C    . CYS A 1 2  ? -0.974  2.042  0.838  1.00 21.04 ? 2  CYS A C    10 
ATOM 1545 O O    . CYS A 1 2  ? -2.167  2.192  1.102  1.00 71.22 ? 2  CYS A O    10 
ATOM 1546 C CB   . CYS A 1 2  ? 1.101   0.665  1.080  1.00 12.13 ? 2  CYS A CB   10 
ATOM 1547 S SG   . CYS A 1 2  ? 0.542   -0.345 -0.328 1.00 2.31  ? 2  CYS A SG   10 
ATOM 1548 H H    . CYS A 1 2  ? -0.551  -0.538 2.586  1.00 71.54 ? 2  CYS A H    10 
ATOM 1549 H HA   . CYS A 1 2  ? 0.393   2.127  2.474  1.00 13.23 ? 2  CYS A HA   10 
ATOM 1550 H HB2  . CYS A 1 2  ? 1.788   1.407  0.699  1.00 50.13 ? 2  CYS A HB2  10 
ATOM 1551 H HB3  . CYS A 1 2  ? 1.627   0.015  1.764  1.00 41.10 ? 2  CYS A HB3  10 
ATOM 1552 N N    . CYS A 1 3  ? -0.431  2.443  -0.308 1.00 31.44 ? 3  CYS A N    10 
ATOM 1553 C CA   . CYS A 1 3  ? -1.223  3.097  -1.341 1.00 61.22 ? 3  CYS A CA   10 
ATOM 1554 C C    . CYS A 1 3  ? -1.150  2.324  -2.654 1.00 13.42 ? 3  CYS A C    10 
ATOM 1555 O O    . CYS A 1 3  ? -0.139  2.343  -3.359 1.00 43.30 ? 3  CYS A O    10 
ATOM 1556 C CB   . CYS A 1 3  ? -0.736  4.532  -1.554 1.00 22.52 ? 3  CYS A CB   10 
ATOM 1557 S SG   . CYS A 1 3  ? 1.055   4.673  -1.851 1.00 35.10 ? 3  CYS A SG   10 
ATOM 1558 H H    . CYS A 1 3  ? 0.526   2.295  -0.460 1.00 10.24 ? 3  CYS A H    10 
ATOM 1559 H HA   . CYS A 1 3  ? -2.249  3.120  -1.008 1.00 44.02 ? 3  CYS A HA   10 
ATOM 1560 H HB2  . CYS A 1 3  ? -1.244  4.954  -2.408 1.00 44.22 ? 3  CYS A HB2  10 
ATOM 1561 H HB3  . CYS A 1 3  ? -0.971  5.117  -0.677 1.00 53.02 ? 3  CYS A HB3  10 
ATOM 1562 N N    . PRO A 1 4  ? -2.244  1.627  -2.993 1.00 72.25 ? 4  PRO A N    10 
ATOM 1563 C CA   . PRO A 1 4  ? -3.451  1.597  -2.161 1.00 43.52 ? 4  PRO A CA   10 
ATOM 1564 C C    . PRO A 1 4  ? -3.243  0.826  -0.863 1.00 13.34 ? 4  PRO A C    10 
ATOM 1565 O O    . PRO A 1 4  ? -2.180  0.244  -0.640 1.00 5.03  ? 4  PRO A O    10 
ATOM 1566 C CB   . PRO A 1 4  ? -4.475  0.883  -3.049 1.00 21.01 ? 4  PRO A CB   10 
ATOM 1567 C CG   . PRO A 1 4  ? -3.658  0.046  -3.972 1.00 13.01 ? 4  PRO A CG   10 
ATOM 1568 C CD   . PRO A 1 4  ? -2.388  0.814  -4.212 1.00 53.51 ? 4  PRO A CD   10 
ATOM 1569 H HA   . PRO A 1 4  ? -3.802  2.593  -1.935 1.00 43.11 ? 4  PRO A HA   10 
ATOM 1570 H HB2  . PRO A 1 4  ? -5.126  0.276  -2.435 1.00 72.43 ? 4  PRO A HB2  10 
ATOM 1571 H HB3  . PRO A 1 4  ? -5.058  1.613  -3.590 1.00 62.50 ? 4  PRO A HB3  10 
ATOM 1572 H HG2  . PRO A 1 4  ? -3.440  -0.905 -3.510 1.00 75.54 ? 4  PRO A HG2  10 
ATOM 1573 H HG3  . PRO A 1 4  ? -4.189  -0.099 -4.901 1.00 3.24  ? 4  PRO A HG3  10 
ATOM 1574 H HD2  . PRO A 1 4  ? -1.554  0.138  -4.326 1.00 74.21 ? 4  PRO A HD2  10 
ATOM 1575 H HD3  . PRO A 1 4  ? -2.487  1.444  -5.085 1.00 72.50 ? 4  PRO A HD3  10 
ATOM 1576 N N    . TRP A 1 5  ? -4.260  0.824  -0.011 1.00 44.13 ? 5  TRP A N    10 
ATOM 1577 C CA   . TRP A 1 5  ? -4.187  0.124  1.266  1.00 2.33  ? 5  TRP A CA   10 
ATOM 1578 C C    . TRP A 1 5  ? -3.690  -1.305 1.075  1.00 14.03 ? 5  TRP A C    10 
ATOM 1579 O O    . TRP A 1 5  ? -4.484  -2.233 0.922  1.00 2.33  ? 5  TRP A O    10 
ATOM 1580 C CB   . TRP A 1 5  ? -5.558  0.112  1.944  1.00 60.44 ? 5  TRP A CB   10 
ATOM 1581 C CG   . TRP A 1 5  ? -6.678  -0.254 1.017  1.00 74.33 ? 5  TRP A CG   10 
ATOM 1582 C CD1  . TRP A 1 5  ? -7.102  -1.513 0.703  1.00 11.14 ? 5  TRP A CD1  10 
ATOM 1583 C CD2  . TRP A 1 5  ? -7.511  0.648  0.283  1.00 42.44 ? 5  TRP A CD2  10 
ATOM 1584 N NE1  . TRP A 1 5  ? -8.151  -1.448 -0.183 1.00 61.53 ? 5  TRP A NE1  10 
ATOM 1585 C CE2  . TRP A 1 5  ? -8.422  -0.133 -0.456 1.00 22.31 ? 5  TRP A CE2  10 
ATOM 1586 C CE3  . TRP A 1 5  ? -7.580  2.040  0.179  1.00 13.42 ? 5  TRP A CE3  10 
ATOM 1587 C CZ2  . TRP A 1 5  ? -9.386  0.432  -1.286 1.00 71.23 ? 5  TRP A CZ2  10 
ATOM 1588 C CZ3  . TRP A 1 5  ? -8.537  2.600  -0.646 1.00 43.45 ? 5  TRP A CZ3  10 
ATOM 1589 C CH2  . TRP A 1 5  ? -9.430  1.797  -1.369 1.00 61.12 ? 5  TRP A CH2  10 
ATOM 1590 H H    . TRP A 1 5  ? -5.081  1.306  -0.245 1.00 50.25 ? 5  TRP A H    10 
ATOM 1591 H HA   . TRP A 1 5  ? -3.489  0.654  1.895  1.00 73.55 ? 5  TRP A HA   10 
ATOM 1592 H HB2  . TRP A 1 5  ? -5.548  -0.603 2.753  1.00 54.51 ? 5  TRP A HB2  10 
ATOM 1593 H HB3  . TRP A 1 5  ? -5.763  1.096  2.342  1.00 31.24 ? 5  TRP A HB3  10 
ATOM 1594 H HD1  . TRP A 1 5  ? -6.667  -2.418 1.098  1.00 43.31 ? 5  TRP A HD1  10 
ATOM 1595 H HE1  . TRP A 1 5  ? -8.628  -2.218 -0.557 1.00 3.25  ? 5  TRP A HE1  10 
ATOM 1596 H HE3  . TRP A 1 5  ? -6.901  2.676  0.728  1.00 4.42  ? 5  TRP A HE3  10 
ATOM 1597 H HZ2  . TRP A 1 5  ? -10.081 -0.172 -1.849 1.00 2.52  ? 5  TRP A HZ2  10 
ATOM 1598 H HZ3  . TRP A 1 5  ? -8.605  3.674  -0.741 1.00 61.54 ? 5  TRP A HZ3  10 
ATOM 1599 H HH2  . TRP A 1 5  ? -10.161 2.278  -2.002 1.00 31.51 ? 5  TRP A HH2  10 
ATOM 1600 N N    . ILE A 1 6  ? -2.372  -1.474 1.086  1.00 52.23 ? 6  ILE A N    10 
ATOM 1601 C CA   . ILE A 1 6  ? -1.770  -2.790 0.915  1.00 10.44 ? 6  ILE A CA   10 
ATOM 1602 C C    . ILE A 1 6  ? -0.425  -2.877 1.629  1.00 70.22 ? 6  ILE A C    10 
ATOM 1603 O O    . ILE A 1 6  ? 0.212   -1.858 1.899  1.00 12.14 ? 6  ILE A O    10 
ATOM 1604 C CB   . ILE A 1 6  ? -1.570  -3.129 -0.575 1.00 73.30 ? 6  ILE A CB   10 
ATOM 1605 C CG1  . ILE A 1 6  ? -2.884  -3.609 -1.192 1.00 44.12 ? 6  ILE A CG1  10 
ATOM 1606 C CG2  . ILE A 1 6  ? -0.486  -4.184 -0.737 1.00 24.15 ? 6  ILE A CG2  10 
ATOM 1607 C CD1  . ILE A 1 6  ? -3.382  -2.725 -2.316 1.00 32.54 ? 6  ILE A CD1  10 
ATOM 1608 H H    . ILE A 1 6  ? -1.791  -0.696 1.211  1.00 61.40 ? 6  ILE A H    10 
ATOM 1609 H HA   . ILE A 1 6  ? -2.440  -3.522 1.343  1.00 50.34 ? 6  ILE A HA   10 
ATOM 1610 H HB   . ILE A 1 6  ? -1.246  -2.234 -1.084 1.00 31.23 ? 6  ILE A HB   10 
ATOM 1611 H HG12 . ILE A 1 6  ? -2.749  -4.602 -1.588 1.00 12.14 ? 6  ILE A HG12 10 
ATOM 1612 H HG13 . ILE A 1 6  ? -3.646  -3.632 -0.425 1.00 51.40 ? 6  ILE A HG13 10 
ATOM 1613 H HG21 . ILE A 1 6  ? -0.758  -5.069 -0.179 1.00 43.11 ? 6  ILE A HG21 10 
ATOM 1614 H HG22 . ILE A 1 6  ? -0.383  -4.437 -1.782 1.00 24.41 ? 6  ILE A HG22 10 
ATOM 1615 H HG23 . ILE A 1 6  ? 0.452   -3.799 -0.365 1.00 41.32 ? 6  ILE A HG23 10 
ATOM 1616 H HD11 . ILE A 1 6  ? -2.555  -2.462 -2.959 1.00 41.32 ? 6  ILE A HD11 10 
ATOM 1617 H HD12 . ILE A 1 6  ? -4.129  -3.255 -2.886 1.00 11.52 ? 6  ILE A HD12 10 
ATOM 1618 H HD13 . ILE A 1 6  ? -3.816  -1.827 -1.901 1.00 52.24 ? 6  ILE A HD13 10 
ATOM 1619 N N    . ILE A 1 7  ? 0.000   -4.099 1.931  1.00 74.03 ? 7  ILE A N    10 
ATOM 1620 C CA   . ILE A 1 7  ? 1.271   -4.318 2.611  1.00 72.10 ? 7  ILE A CA   10 
ATOM 1621 C C    . ILE A 1 7  ? 2.346   -3.373 2.087  1.00 43.30 ? 7  ILE A C    10 
ATOM 1622 O O    . ILE A 1 7  ? 2.120   -2.626 1.135  1.00 4.30  ? 7  ILE A O    10 
ATOM 1623 C CB   . ILE A 1 7  ? 1.754   -5.770 2.446  1.00 13.45 ? 7  ILE A CB   10 
ATOM 1624 C CG1  . ILE A 1 7  ? 1.520   -6.250 1.011  1.00 62.54 ? 7  ILE A CG1  10 
ATOM 1625 C CG2  . ILE A 1 7  ? 1.046   -6.682 3.437  1.00 51.20 ? 7  ILE A CG2  10 
ATOM 1626 C CD1  . ILE A 1 7  ? 0.332   -7.175 0.870  1.00 31.32 ? 7  ILE A CD1  10 
ATOM 1627 H H    . ILE A 1 7  ? -0.552  -4.871 1.690  1.00 62.02 ? 7  ILE A H    10 
ATOM 1628 H HA   . ILE A 1 7  ? 1.122   -4.128 3.665  1.00 44.35 ? 7  ILE A HA   10 
ATOM 1629 H HB   . ILE A 1 7  ? 2.812   -5.801 2.658  1.00 74.30 ? 7  ILE A HB   10 
ATOM 1630 H HG12 . ILE A 1 7  ? 1.349   -5.394 0.376  1.00 33.31 ? 7  ILE A HG12 10 
ATOM 1631 H HG13 . ILE A 1 7  ? 2.397   -6.779 0.668  1.00 61.25 ? 7  ILE A HG13 10 
ATOM 1632 H HG21 . ILE A 1 7  ? 1.367   -6.441 4.440  1.00 43.41 ? 7  ILE A HG21 10 
ATOM 1633 H HG22 . ILE A 1 7  ? -0.021  -6.539 3.357  1.00 64.32 ? 7  ILE A HG22 10 
ATOM 1634 H HG23 . ILE A 1 7  ? 1.289   -7.711 3.218  1.00 72.23 ? 7  ILE A HG23 10 
ATOM 1635 H HD11 . ILE A 1 7  ? 0.092   -7.298 -0.176 1.00 64.22 ? 7  ILE A HD11 10 
ATOM 1636 H HD12 . ILE A 1 7  ? 0.571   -8.136 1.301  1.00 52.25 ? 7  ILE A HD12 10 
ATOM 1637 H HD13 . ILE A 1 7  ? -0.518  -6.751 1.386  1.00 13.01 ? 7  ILE A HD13 10 
ATOM 1638 N N    . TRP A 1 8  ? 3.517   -3.412 2.712  1.00 33.10 ? 8  TRP A N    10 
ATOM 1639 C CA   . TRP A 1 8  ? 4.629   -2.560 2.307  1.00 53.22 ? 8  TRP A CA   10 
ATOM 1640 C C    . TRP A 1 8  ? 4.680   -2.416 0.790  1.00 3.33  ? 8  TRP A C    10 
ATOM 1641 O O    . TRP A 1 8  ? 5.306   -3.221 0.100  1.00 4.15  ? 8  TRP A O    10 
ATOM 1642 C CB   . TRP A 1 8  ? 5.951   -3.132 2.821  1.00 21.04 ? 8  TRP A CB   10 
ATOM 1643 C CG   . TRP A 1 8  ? 6.975   -2.080 3.124  1.00 21.22 ? 8  TRP A CG   10 
ATOM 1644 C CD1  . TRP A 1 8  ? 7.262   -0.975 2.375  1.00 5.21  ? 8  TRP A CD1  10 
ATOM 1645 C CD2  . TRP A 1 8  ? 7.849   -2.038 4.257  1.00 73.00 ? 8  TRP A CD2  10 
ATOM 1646 N NE1  . TRP A 1 8  ? 8.262   -0.247 2.974  1.00 42.30 ? 8  TRP A NE1  10 
ATOM 1647 C CE2  . TRP A 1 8  ? 8.639   -0.878 4.130  1.00 71.21 ? 8  TRP A CE2  10 
ATOM 1648 C CE3  . TRP A 1 8  ? 8.042   -2.865 5.367  1.00 41.24 ? 8  TRP A CE3  10 
ATOM 1649 C CZ2  . TRP A 1 8  ? 9.604   -0.527 5.070  1.00 24.13 ? 8  TRP A CZ2  10 
ATOM 1650 C CZ3  . TRP A 1 8  ? 9.001   -2.516 6.299  1.00 65.53 ? 8  TRP A CZ3  10 
ATOM 1651 C CH2  . TRP A 1 8  ? 9.771   -1.355 6.147  1.00 25.43 ? 8  TRP A CH2  10 
ATOM 1652 H H    . TRP A 1 8  ? 3.637   -4.029 3.464  1.00 63.43 ? 8  TRP A H    10 
ATOM 1653 H HA   . TRP A 1 8  ? 4.474   -1.585 2.745  1.00 51.43 ? 8  TRP A HA   10 
ATOM 1654 H HB2  . TRP A 1 8  ? 5.766   -3.689 3.728  1.00 73.13 ? 8  TRP A HB2  10 
ATOM 1655 H HB3  . TRP A 1 8  ? 6.363   -3.794 2.074  1.00 3.01  ? 8  TRP A HB3  10 
ATOM 1656 H HD1  . TRP A 1 8  ? 6.768   -0.723 1.449  1.00 5.35  ? 8  TRP A HD1  10 
ATOM 1657 H HE1  . TRP A 1 8  ? 8.640   0.588  2.630  1.00 55.42 ? 8  TRP A HE1  10 
ATOM 1658 H HE3  . TRP A 1 8  ? 7.458   -3.763 5.502  1.00 53.30 ? 8  TRP A HE3  10 
ATOM 1659 H HZ2  . TRP A 1 8  ? 10.205  0.364  4.968  1.00 21.32 ? 8  TRP A HZ2  10 
ATOM 1660 H HZ3  . TRP A 1 8  ? 9.163   -3.143 7.163  1.00 22.23 ? 8  TRP A HZ3  10 
ATOM 1661 H HH2  . TRP A 1 8  ? 10.508  -1.123 6.900  1.00 70.25 ? 8  TRP A HH2  10 
ATOM 1662 N N    . CYS A 1 9  ? 4.017   -1.385 0.275  1.00 4.24  ? 9  CYS A N    10 
ATOM 1663 C CA   . CYS A 1 9  ? 3.986   -1.136 -1.161 1.00 41.11 ? 9  CYS A CA   10 
ATOM 1664 C C    . CYS A 1 9  ? 3.448   0.261  -1.459 1.00 13.30 ? 9  CYS A C    10 
ATOM 1665 O O    . CYS A 1 9  ? 3.262   1.073  -0.552 1.00 12.41 ? 9  CYS A O    10 
ATOM 1666 C CB   . CYS A 1 9  ? 3.125   -2.186 -1.864 1.00 5.14  ? 9  CYS A CB   10 
ATOM 1667 S SG   . CYS A 1 9  ? 1.343   -1.804 -1.873 1.00 32.35 ? 9  CYS A SG   10 
ATOM 1668 H H    . CYS A 1 9  ? 3.536   -0.777 0.875  1.00 24.44 ? 9  CYS A H    10 
ATOM 1669 H HA   . CYS A 1 9  ? 4.997   -1.205 -1.532 1.00 31.41 ? 9  CYS A HA   10 
ATOM 1670 H HB2  . CYS A 1 9  ? 3.445   -2.275 -2.892 1.00 54.11 ? 9  CYS A HB2  10 
ATOM 1671 H HB3  . CYS A 1 9  ? 3.255   -3.137 -1.369 1.00 3.14  ? 9  CYS A HB3  10 
ATOM 1672 N N    . CYS A 1 10 ? 3.199   0.533  -2.736 1.00 75.51 ? 10 CYS A N    10 
ATOM 1673 C CA   . CYS A 1 10 ? 2.684   1.831  -3.155 1.00 25.24 ? 10 CYS A CA   10 
ATOM 1674 C C    . CYS A 1 10 ? 2.161   1.772  -4.587 1.00 13.25 ? 10 CYS A C    10 
ATOM 1675 O O    . CYS A 1 10 ? 2.579   2.551  -5.445 1.00 43.11 ? 10 CYS A O    10 
ATOM 1676 C CB   . CYS A 1 10 ? 3.774   2.898  -3.041 1.00 4.20  ? 10 CYS A CB   10 
ATOM 1677 S SG   . CYS A 1 10 ? 3.175   4.512  -2.446 1.00 41.23 ? 10 CYS A SG   10 
ATOM 1678 H H    . CYS A 1 10 ? 3.368   -0.155 -3.413 1.00 11.45 ? 10 CYS A H    10 
ATOM 1679 H HA   . CYS A 1 10 ? 1.867   2.090  -2.498 1.00 60.23 ? 10 CYS A HA   10 
ATOM 1680 H HB2  . CYS A 1 10 ? 4.531   2.555  -2.351 1.00 10.43 ? 10 CYS A HB2  10 
ATOM 1681 H HB3  . CYS A 1 10 ? 4.220   3.050  -4.012 1.00 32.14 ? 10 CYS A HB3  10 
ATOM 1682 N N    . LEU A 1 11 ? 1.248   0.841  -4.841 1.00 24.11 ? 11 LEU A N    10 
ATOM 1683 C CA   . LEU A 1 11 ? 0.668   0.680  -6.169 1.00 23.14 ? 11 LEU A CA   10 
ATOM 1684 C C    . LEU A 1 11 ? -0.413  1.726  -6.423 1.00 21.31 ? 11 LEU A C    10 
ATOM 1685 O O    . LEU A 1 11 ? -0.128  2.921  -6.496 1.00 4.42  ? 11 LEU A O    10 
ATOM 1686 C CB   . LEU A 1 11 ? 0.080   -0.725 -6.323 1.00 52.43 ? 11 LEU A CB   10 
ATOM 1687 C CG   . LEU A 1 11 ? -0.779  -0.960 -7.566 1.00 14.32 ? 11 LEU A CG   10 
ATOM 1688 C CD1  . LEU A 1 11 ? -2.209  -0.506 -7.321 1.00 70.23 ? 11 LEU A CD1  10 
ATOM 1689 C CD2  . LEU A 1 11 ? -0.187  -0.238 -8.768 1.00 21.23 ? 11 LEU A CD2  10 
ATOM 1690 H H    . LEU A 1 11 ? 0.955   0.249  -4.117 1.00 51.11 ? 11 LEU A H    10 
ATOM 1691 H HA   . LEU A 1 11 ? 1.458   0.812  -6.893 1.00 3.21  ? 11 LEU A HA   10 
ATOM 1692 H HB2  . LEU A 1 11 ? 0.900   -1.425 -6.351 1.00 31.04 ? 11 LEU A HB2  10 
ATOM 1693 H HB3  . LEU A 1 11 ? -0.532  -0.923 -5.455 1.00 32.52 ? 11 LEU A HB3  10 
ATOM 1694 H HG   . LEU A 1 11 ? -0.799  -2.018 -7.787 1.00 13.21 ? 11 LEU A HG   10 
ATOM 1695 H HD11 . LEU A 1 11 ? -2.477  -0.698 -6.293 1.00 42.22 ? 11 LEU A HD11 10 
ATOM 1696 H HD12 . LEU A 1 11 ? -2.876  -1.048 -7.975 1.00 23.41 ? 11 LEU A HD12 10 
ATOM 1697 H HD13 . LEU A 1 11 ? -2.290  0.552  -7.522 1.00 60.24 ? 11 LEU A HD13 10 
ATOM 1698 H HD21 . LEU A 1 11 ? 0.883   -0.151 -8.643 1.00 41.52 ? 11 LEU A HD21 10 
ATOM 1699 H HD22 . LEU A 1 11 ? -0.622  0.747  -8.846 1.00 73.11 ? 11 LEU A HD22 10 
ATOM 1700 H HD23 . LEU A 1 11 ? -0.400  -0.800 -9.666 1.00 60.44 ? 11 LEU A HD23 10 
# 
